data_7JPB
# 
_entry.id   7JPB 
# 
_audit_conform.dict_name       mmcif_pdbx.dic 
_audit_conform.dict_version    5.380 
_audit_conform.dict_location   http://mmcif.pdb.org/dictionaries/ascii/mmcif_pdbx.dic 
# 
loop_
_database_2.database_id 
_database_2.database_code 
_database_2.pdbx_database_accession 
_database_2.pdbx_DOI 
PDB   7JPB         pdb_00007jpb 10.2210/pdb7jpb/pdb 
WWPDB D_1000250922 ?            ?                   
# 
_pdbx_database_status.status_code                     REL 
_pdbx_database_status.status_code_sf                  REL 
_pdbx_database_status.status_code_mr                  ? 
_pdbx_database_status.entry_id                        7JPB 
_pdbx_database_status.recvd_initial_deposition_date   2020-08-07 
_pdbx_database_status.SG_entry                        N 
_pdbx_database_status.deposit_site                    RCSB 
_pdbx_database_status.process_site                    RCSB 
_pdbx_database_status.status_code_cs                  ? 
_pdbx_database_status.status_code_nmr_data            ? 
_pdbx_database_status.methods_development_category    ? 
_pdbx_database_status.pdb_format_compatible           Y 
# 
loop_
_audit_author.name 
_audit_author.pdbx_ordinal 
_audit_author.identifier_ORCID 
'Simmons, C.R.'      1 0000-0002-2290-6132 
'MacCulloch, T.'     2 0000-0001-5875-3361 
'Stephanopoulos, N.' 3 0000-0001-7859-410X 
'Yan, H.'            4 0000-0001-7397-9852 
# 
_citation.abstract                  ? 
_citation.abstract_id_CAS           ? 
_citation.book_id_ISBN              ? 
_citation.book_publisher            ? 
_citation.book_publisher_city       ? 
_citation.book_title                ? 
_citation.coordinate_linkage        ? 
_citation.country                   UK 
_citation.database_id_Medline       ? 
_citation.details                   ? 
_citation.id                        primary 
_citation.journal_abbrev            'Nat Commun' 
_citation.journal_id_ASTM           ? 
_citation.journal_id_CSD            ? 
_citation.journal_id_ISSN           2041-1723 
_citation.journal_full              ? 
_citation.journal_issue             ? 
_citation.journal_volume            13 
_citation.language                  ? 
_citation.page_first                3112 
_citation.page_last                 3112 
_citation.title                     'The influence of Holliday junction sequence and dynamics on DNA crystal self-assembly.' 
_citation.year                      2022 
_citation.database_id_CSD           ? 
_citation.pdbx_database_id_DOI      10.1038/s41467-022-30779-6 
_citation.pdbx_database_id_PubMed   35662248 
_citation.unpublished_flag          ? 
# 
loop_
_citation_author.citation_id 
_citation_author.name 
_citation_author.ordinal 
_citation_author.identifier_ORCID 
primary 'Simmons, C.R.'      1  ?                   
primary 'MacCulloch, T.'     2  ?                   
primary 'Krepl, M.'          3  0000-0002-9833-4281 
primary 'Matthies, M.'       4  ?                   
primary 'Buchberger, A.'     5  ?                   
primary 'Crawford, I.'       6  ?                   
primary 'Sponer, J.'         7  0000-0001-6558-6186 
primary 'Sulc, P.'           8  0000-0003-1565-6769 
primary 'Stephanopoulos, N.' 9  0000-0001-7859-410X 
primary 'Yan, H.'            10 0000-0001-7397-9852 
# 
_cell.angle_alpha                  90.000 
_cell.angle_alpha_esd              ? 
_cell.angle_beta                   90.000 
_cell.angle_beta_esd               ? 
_cell.angle_gamma                  120.000 
_cell.angle_gamma_esd              ? 
_cell.entry_id                     7JPB 
_cell.details                      ? 
_cell.formula_units_Z              ? 
_cell.length_a                     69.111 
_cell.length_a_esd                 ? 
_cell.length_b                     69.111 
_cell.length_b_esd                 ? 
_cell.length_c                     56.404 
_cell.length_c_esd                 ? 
_cell.volume                       ? 
_cell.volume_esd                   ? 
_cell.Z_PDB                        3 
_cell.reciprocal_angle_alpha       ? 
_cell.reciprocal_angle_beta        ? 
_cell.reciprocal_angle_gamma       ? 
_cell.reciprocal_angle_alpha_esd   ? 
_cell.reciprocal_angle_beta_esd    ? 
_cell.reciprocal_angle_gamma_esd   ? 
_cell.reciprocal_length_a          ? 
_cell.reciprocal_length_b          ? 
_cell.reciprocal_length_c          ? 
_cell.reciprocal_length_a_esd      ? 
_cell.reciprocal_length_b_esd      ? 
_cell.reciprocal_length_c_esd      ? 
_cell.pdbx_unique_axis             ? 
# 
_symmetry.entry_id                         7JPB 
_symmetry.cell_setting                     ? 
_symmetry.Int_Tables_number                145 
_symmetry.space_group_name_Hall            ? 
_symmetry.space_group_name_H-M             'P 32' 
_symmetry.pdbx_full_space_group_name_H-M   ? 
# 
loop_
_entity.id 
_entity.type 
_entity.src_method 
_entity.pdbx_description 
_entity.formula_weight 
_entity.pdbx_number_of_molecules 
_entity.pdbx_ec 
_entity.pdbx_mutation 
_entity.pdbx_fragment 
_entity.details 
1 polymer     syn 
;DNA (5'-D(*GP*AP*GP*CP*AP*GP*AP*CP*CP*TP*GP*AP*CP*GP*AP*GP*AP*CP*TP*CP*A)-3')
;
6466.201 1 ? ? ? ? 
2 polymer     syn 
;DNA (5'-D(P*TP*CP*GP*TP*CP*A)-3')
;
1784.204 1 ? ? ? ? 
3 polymer     syn 
;DNA (5'-D(*TP*CP*TP*GP*AP*GP*TP*C)-3')
;
2417.603 1 ? ? ? ? 
4 polymer     syn 
;DNA (5'-D(P*GP*GP*TP*CP*TP*GP*C)-3')
;
2129.409 1 ? ? ? ? 
5 non-polymer syn 'CACODYLATE ION'                                                                136.989  2 ? ? ? ? 
# 
loop_
_entity_poly.entity_id 
_entity_poly.type 
_entity_poly.nstd_linkage 
_entity_poly.nstd_monomer 
_entity_poly.pdbx_seq_one_letter_code 
_entity_poly.pdbx_seq_one_letter_code_can 
_entity_poly.pdbx_strand_id 
_entity_poly.pdbx_target_identifier 
1 polydeoxyribonucleotide no no 
;(DG)(DA)(DG)(DC)(DA)(DG)(DA)(DC)(DC)(DT)(DG)(DA)(DC)(DG)(DA)(DG)(DA)(DC)(DT)(DC)
(DA)
;
GAGCAGACCTGACGAGACTCA A ? 
2 polydeoxyribonucleotide no no '(DT)(DC)(DG)(DT)(DC)(DA)'                                                              TCGTCA B ? 
3 polydeoxyribonucleotide no no '(DT)(DC)(DT)(DG)(DA)(DG)(DT)(DC)'                                                      TCTGAGTC C 
? 
4 polydeoxyribonucleotide no no '(DG)(DG)(DT)(DC)(DT)(DG)(DC)'                                                          GGTCTGC D 
? 
# 
loop_
_entity_poly_seq.entity_id 
_entity_poly_seq.num 
_entity_poly_seq.mon_id 
_entity_poly_seq.hetero 
1 1  DG n 
1 2  DA n 
1 3  DG n 
1 4  DC n 
1 5  DA n 
1 6  DG n 
1 7  DA n 
1 8  DC n 
1 9  DC n 
1 10 DT n 
1 11 DG n 
1 12 DA n 
1 13 DC n 
1 14 DG n 
1 15 DA n 
1 16 DG n 
1 17 DA n 
1 18 DC n 
1 19 DT n 
1 20 DC n 
1 21 DA n 
2 1  DT n 
2 2  DC n 
2 3  DG n 
2 4  DT n 
2 5  DC n 
2 6  DA n 
3 1  DT n 
3 2  DC n 
3 3  DT n 
3 4  DG n 
3 5  DA n 
3 6  DG n 
3 7  DT n 
3 8  DC n 
4 1  DG n 
4 2  DG n 
4 3  DT n 
4 4  DC n 
4 5  DT n 
4 6  DG n 
4 7  DC n 
# 
loop_
_pdbx_entity_src_syn.entity_id 
_pdbx_entity_src_syn.pdbx_src_id 
_pdbx_entity_src_syn.pdbx_alt_source_flag 
_pdbx_entity_src_syn.pdbx_beg_seq_num 
_pdbx_entity_src_syn.pdbx_end_seq_num 
_pdbx_entity_src_syn.organism_scientific 
_pdbx_entity_src_syn.organism_common_name 
_pdbx_entity_src_syn.ncbi_taxonomy_id 
_pdbx_entity_src_syn.details 
1 1 sample 1 21 'synthetic construct' ? 32630 ? 
2 1 sample 1 6  'synthetic construct' ? 32630 ? 
3 1 sample 1 8  'synthetic construct' ? 32630 ? 
4 1 sample 1 7  'synthetic construct' ? 32630 ? 
# 
loop_
_struct_ref.id 
_struct_ref.db_name 
_struct_ref.db_code 
_struct_ref.pdbx_db_accession 
_struct_ref.pdbx_db_isoform 
_struct_ref.entity_id 
_struct_ref.pdbx_seq_one_letter_code 
_struct_ref.pdbx_align_begin 
1 PDB 7JPB 7JPB ? 1 ? 1 
2 PDB 7JPB 7JPB ? 2 ? 1 
3 PDB 7JPB 7JPB ? 3 ? 1 
4 PDB 7JPB 7JPB ? 4 ? 1 
# 
loop_
_struct_ref_seq.align_id 
_struct_ref_seq.ref_id 
_struct_ref_seq.pdbx_PDB_id_code 
_struct_ref_seq.pdbx_strand_id 
_struct_ref_seq.seq_align_beg 
_struct_ref_seq.pdbx_seq_align_beg_ins_code 
_struct_ref_seq.seq_align_end 
_struct_ref_seq.pdbx_seq_align_end_ins_code 
_struct_ref_seq.pdbx_db_accession 
_struct_ref_seq.db_align_beg 
_struct_ref_seq.pdbx_db_align_beg_ins_code 
_struct_ref_seq.db_align_end 
_struct_ref_seq.pdbx_db_align_end_ins_code 
_struct_ref_seq.pdbx_auth_seq_align_beg 
_struct_ref_seq.pdbx_auth_seq_align_end 
1 1 7JPB A 1 ? 21 ? 7JPB 1  ? 21 ? 1  21 
2 2 7JPB B 1 ? 6  ? 7JPB 0  ? 5  ? 0  5  
3 3 7JPB C 1 ? 8  ? 7JPB 1  ? 8  ? 1  8  
4 4 7JPB D 1 ? 7  ? 7JPB 10 ? 16 ? 10 16 
# 
loop_
_chem_comp.id 
_chem_comp.type 
_chem_comp.mon_nstd_flag 
_chem_comp.name 
_chem_comp.pdbx_synonyms 
_chem_comp.formula 
_chem_comp.formula_weight 
CAC non-polymer   . 'CACODYLATE ION'                     dimethylarsinate 'C2 H6 As O2 -1'  136.989 
DA  'DNA linking' y "2'-DEOXYADENOSINE-5'-MONOPHOSPHATE" ?                'C10 H14 N5 O6 P' 331.222 
DC  'DNA linking' y "2'-DEOXYCYTIDINE-5'-MONOPHOSPHATE"  ?                'C9 H14 N3 O7 P'  307.197 
DG  'DNA linking' y "2'-DEOXYGUANOSINE-5'-MONOPHOSPHATE" ?                'C10 H14 N5 O7 P' 347.221 
DT  'DNA linking' y "THYMIDINE-5'-MONOPHOSPHATE"         ?                'C10 H15 N2 O8 P' 322.208 
# 
_exptl.absorpt_coefficient_mu     ? 
_exptl.absorpt_correction_T_max   ? 
_exptl.absorpt_correction_T_min   ? 
_exptl.absorpt_correction_type    ? 
_exptl.absorpt_process_details    ? 
_exptl.entry_id                   7JPB 
_exptl.crystals_number            1 
_exptl.details                    ? 
_exptl.method                     'X-RAY DIFFRACTION' 
_exptl.method_details             ? 
# 
_exptl_crystal.colour                      ? 
_exptl_crystal.density_diffrn              ? 
_exptl_crystal.density_Matthews            6.08 
_exptl_crystal.density_method              ? 
_exptl_crystal.density_percent_sol         79.76 
_exptl_crystal.description                 ? 
_exptl_crystal.F_000                       ? 
_exptl_crystal.id                          1 
_exptl_crystal.preparation                 ? 
_exptl_crystal.size_max                    ? 
_exptl_crystal.size_mid                    ? 
_exptl_crystal.size_min                    ? 
_exptl_crystal.size_rad                    ? 
_exptl_crystal.colour_lustre               ? 
_exptl_crystal.colour_modifier             ? 
_exptl_crystal.colour_primary              ? 
_exptl_crystal.density_meas                ? 
_exptl_crystal.density_meas_esd            ? 
_exptl_crystal.density_meas_gt             ? 
_exptl_crystal.density_meas_lt             ? 
_exptl_crystal.density_meas_temp           ? 
_exptl_crystal.density_meas_temp_esd       ? 
_exptl_crystal.density_meas_temp_gt        ? 
_exptl_crystal.density_meas_temp_lt        ? 
_exptl_crystal.pdbx_crystal_image_url      ? 
_exptl_crystal.pdbx_crystal_image_format   ? 
_exptl_crystal.pdbx_mosaicity              ? 
_exptl_crystal.pdbx_mosaicity_esd          ? 
# 
_exptl_crystal_grow.apparatus       ? 
_exptl_crystal_grow.atmosphere      ? 
_exptl_crystal_grow.crystal_id      1 
_exptl_crystal_grow.details         ? 
_exptl_crystal_grow.method          'VAPOR DIFFUSION, SITTING DROP' 
_exptl_crystal_grow.method_ref      ? 
_exptl_crystal_grow.pH              ? 
_exptl_crystal_grow.pressure        ? 
_exptl_crystal_grow.pressure_esd    ? 
_exptl_crystal_grow.seeding         ? 
_exptl_crystal_grow.seeding_ref     ? 
_exptl_crystal_grow.temp            298 
_exptl_crystal_grow.temp_details    'temperature gradient generated from 60 to 25 C at 0.3 degrees per hour' 
_exptl_crystal_grow.temp_esd        ? 
_exptl_crystal_grow.time            ? 
_exptl_crystal_grow.pdbx_details    
;0.5 mL of 0.05 M Cacodylate pH 6.5 with 2.0 mM spermine, 1.0 mM CoH18N6, and 80 mM CaCl2 was added to the reservoir with 2 uL added to the drop containing 4 uL of DNA stock
;
_exptl_crystal_grow.pdbx_pH_range   ? 
# 
_diffrn.ambient_environment              ? 
_diffrn.ambient_temp                     100 
_diffrn.ambient_temp_details             ? 
_diffrn.ambient_temp_esd                 ? 
_diffrn.crystal_id                       1 
_diffrn.crystal_support                  ? 
_diffrn.crystal_treatment                ? 
_diffrn.details                          ? 
_diffrn.id                               1 
_diffrn.ambient_pressure                 ? 
_diffrn.ambient_pressure_esd             ? 
_diffrn.ambient_pressure_gt              ? 
_diffrn.ambient_pressure_lt              ? 
_diffrn.ambient_temp_gt                  ? 
_diffrn.ambient_temp_lt                  ? 
_diffrn.pdbx_serial_crystal_experiment   N 
# 
_diffrn_detector.details                      ? 
_diffrn_detector.detector                     PIXEL 
_diffrn_detector.diffrn_id                    1 
_diffrn_detector.type                         'DECTRIS EIGER X 16M' 
_diffrn_detector.area_resol_mean              ? 
_diffrn_detector.dtime                        ? 
_diffrn_detector.pdbx_frames_total            ? 
_diffrn_detector.pdbx_collection_time_total   ? 
_diffrn_detector.pdbx_collection_date         2017-10-15 
_diffrn_detector.pdbx_frequency               ? 
# 
_diffrn_radiation.collimation                      ? 
_diffrn_radiation.diffrn_id                        1 
_diffrn_radiation.filter_edge                      ? 
_diffrn_radiation.inhomogeneity                    ? 
_diffrn_radiation.monochromator                    ? 
_diffrn_radiation.polarisn_norm                    ? 
_diffrn_radiation.polarisn_ratio                   ? 
_diffrn_radiation.probe                            ? 
_diffrn_radiation.type                             ? 
_diffrn_radiation.xray_symbol                      ? 
_diffrn_radiation.wavelength_id                    1 
_diffrn_radiation.pdbx_monochromatic_or_laue_m_l   M 
_diffrn_radiation.pdbx_wavelength_list             ? 
_diffrn_radiation.pdbx_wavelength                  ? 
_diffrn_radiation.pdbx_diffrn_protocol             'SINGLE WAVELENGTH' 
_diffrn_radiation.pdbx_analyzer                    ? 
_diffrn_radiation.pdbx_scattering_type             x-ray 
# 
_diffrn_radiation_wavelength.id           1 
_diffrn_radiation_wavelength.wavelength   0.98 
_diffrn_radiation_wavelength.wt           1.0 
# 
_diffrn_source.current                     ? 
_diffrn_source.details                     ? 
_diffrn_source.diffrn_id                   1 
_diffrn_source.power                       ? 
_diffrn_source.size                        ? 
_diffrn_source.source                      SYNCHROTRON 
_diffrn_source.target                      ? 
_diffrn_source.type                        'NSLS-II BEAMLINE 17-ID-2' 
_diffrn_source.voltage                     ? 
_diffrn_source.take-off_angle              ? 
_diffrn_source.pdbx_wavelength_list        0.98 
_diffrn_source.pdbx_wavelength             ? 
_diffrn_source.pdbx_synchrotron_beamline   17-ID-2 
_diffrn_source.pdbx_synchrotron_site       NSLS-II 
# 
_reflns.B_iso_Wilson_estimate            84.710 
_reflns.entry_id                         7JPB 
_reflns.data_reduction_details           ? 
_reflns.data_reduction_method            ? 
_reflns.d_resolution_high                3.150 
_reflns.d_resolution_low                 50.000 
_reflns.details                          ? 
_reflns.limit_h_max                      ? 
_reflns.limit_h_min                      ? 
_reflns.limit_k_max                      ? 
_reflns.limit_k_min                      ? 
_reflns.limit_l_max                      ? 
_reflns.limit_l_min                      ? 
_reflns.number_all                       ? 
_reflns.number_obs                       4138 
_reflns.observed_criterion               ? 
_reflns.observed_criterion_F_max         ? 
_reflns.observed_criterion_F_min         ? 
_reflns.observed_criterion_I_max         ? 
_reflns.observed_criterion_I_min         ? 
_reflns.observed_criterion_sigma_F       ? 
_reflns.observed_criterion_sigma_I       ? 
_reflns.percent_possible_obs             80.100 
_reflns.R_free_details                   ? 
_reflns.Rmerge_F_all                     ? 
_reflns.Rmerge_F_obs                     ? 
_reflns.Friedel_coverage                 ? 
_reflns.number_gt                        ? 
_reflns.threshold_expression             ? 
_reflns.pdbx_redundancy                  6.600 
_reflns.pdbx_Rmerge_I_obs                0.117 
_reflns.pdbx_Rmerge_I_all                ? 
_reflns.pdbx_Rsym_value                  ? 
_reflns.pdbx_netI_over_av_sigmaI         ? 
_reflns.pdbx_netI_over_sigmaI            6.000 
_reflns.pdbx_res_netI_over_av_sigmaI_2   ? 
_reflns.pdbx_res_netI_over_sigmaI_2      ? 
_reflns.pdbx_chi_squared                 1.197 
_reflns.pdbx_scaling_rejects             ? 
_reflns.pdbx_d_res_high_opt              ? 
_reflns.pdbx_d_res_low_opt               ? 
_reflns.pdbx_d_res_opt_method            ? 
_reflns.phase_calculation_details        ? 
_reflns.pdbx_Rrim_I_all                  0.127 
_reflns.pdbx_Rpim_I_all                  0.048 
_reflns.pdbx_d_opt                       ? 
_reflns.pdbx_number_measured_all         ? 
_reflns.pdbx_diffrn_id                   1 
_reflns.pdbx_ordinal                     1 
_reflns.pdbx_CC_half                     0.991 
_reflns.pdbx_CC_star                     ? 
_reflns.pdbx_R_split                     ? 
# 
loop_
_reflns_shell.d_res_high 
_reflns_shell.d_res_low 
_reflns_shell.meanI_over_sigI_all 
_reflns_shell.meanI_over_sigI_obs 
_reflns_shell.number_measured_all 
_reflns_shell.number_measured_obs 
_reflns_shell.number_possible 
_reflns_shell.number_unique_all 
_reflns_shell.number_unique_obs 
_reflns_shell.percent_possible_all 
_reflns_shell.percent_possible_obs 
_reflns_shell.Rmerge_F_all 
_reflns_shell.Rmerge_F_obs 
_reflns_shell.Rmerge_I_all 
_reflns_shell.Rmerge_I_obs 
_reflns_shell.meanI_over_sigI_gt 
_reflns_shell.meanI_over_uI_all 
_reflns_shell.meanI_over_uI_gt 
_reflns_shell.number_measured_gt 
_reflns_shell.number_unique_gt 
_reflns_shell.percent_possible_gt 
_reflns_shell.Rmerge_F_gt 
_reflns_shell.Rmerge_I_gt 
_reflns_shell.pdbx_redundancy 
_reflns_shell.pdbx_Rsym_value 
_reflns_shell.pdbx_chi_squared 
_reflns_shell.pdbx_netI_over_sigmaI_all 
_reflns_shell.pdbx_netI_over_sigmaI_obs 
_reflns_shell.pdbx_Rrim_I_all 
_reflns_shell.pdbx_Rpim_I_all 
_reflns_shell.pdbx_rejects 
_reflns_shell.pdbx_ordinal 
_reflns_shell.pdbx_diffrn_id 
_reflns_shell.pdbx_CC_half 
_reflns_shell.pdbx_CC_star 
_reflns_shell.pdbx_R_split 
3.150 3.200  ? ? ? ? ? ? 98  41.500  ? ? ? ? 0.321 ? ? ? ? ? ? ? ? 3.200 ? 0.618 ? ? 0.361 0.162 ? 1  1 0.960 ? ? 
3.200 3.260  ? ? ? ? ? ? 124 47.700  ? ? ? ? 0.186 ? ? ? ? ? ? ? ? 3.800 ? 1.053 ? ? 0.208 0.092 ? 2  1 0.984 ? ? 
3.260 3.330  ? ? ? ? ? ? 132 50.000  ? ? ? ? 0.204 ? ? ? ? ? ? ? ? 3.400 ? 1.218 ? ? 0.231 0.107 ? 3  1 0.992 ? ? 
3.330 3.390  ? ? ? ? ? ? 142 55.000  ? ? ? ? 0.232 ? ? ? ? ? ? ? ? 4.000 ? 1.081 ? ? 0.256 0.106 ? 4  1 0.960 ? ? 
3.390 3.470  ? ? ? ? ? ? 150 58.800  ? ? ? ? 0.217 ? ? ? ? ? ? ? ? 4.600 ? 0.915 ? ? 0.238 0.096 ? 5  1 0.979 ? ? 
3.470 3.550  ? ? ? ? ? ? 166 61.500  ? ? ? ? 0.297 ? ? ? ? ? ? ? ? 4.500 ? 0.793 ? ? 0.327 0.133 ? 6  1 0.966 ? ? 
3.550 3.640  ? ? ? ? ? ? 165 66.000  ? ? ? ? 0.271 ? ? ? ? ? ? ? ? 5.600 ? 0.827 ? ? 0.294 0.113 ? 7  1 0.962 ? ? 
3.640 3.730  ? ? ? ? ? ? 189 72.400  ? ? ? ? 0.369 ? ? ? ? ? ? ? ? 5.300 ? 0.685 ? ? 0.402 0.156 ? 8  1 0.958 ? ? 
3.730 3.840  ? ? ? ? ? ? 206 79.200  ? ? ? ? 0.382 ? ? ? ? ? ? ? ? 5.900 ? 0.577 ? ? 0.413 0.153 ? 9  1 0.953 ? ? 
3.840 3.970  ? ? ? ? ? ? 210 81.400  ? ? ? ? 0.349 ? ? ? ? ? ? ? ? 6.000 ? 0.754 ? ? 0.376 0.137 ? 10 1 0.953 ? ? 
3.970 4.110  ? ? ? ? ? ? 240 91.600  ? ? ? ? 0.337 ? ? ? ? ? ? ? ? 6.400 ? 0.863 ? ? 0.362 0.132 ? 11 1 0.959 ? ? 
4.110 4.270  ? ? ? ? ? ? 247 96.100  ? ? ? ? 0.295 ? ? ? ? ? ? ? ? 6.800 ? 0.933 ? ? 0.316 0.113 ? 12 1 0.972 ? ? 
4.270 4.470  ? ? ? ? ? ? 259 98.900  ? ? ? ? 0.283 ? ? ? ? ? ? ? ? 6.600 ? 0.963 ? ? 0.304 0.110 ? 13 1 0.956 ? ? 
4.470 4.700  ? ? ? ? ? ? 264 100.000 ? ? ? ? 0.298 ? ? ? ? ? ? ? ? 6.900 ? 0.973 ? ? 0.322 0.119 ? 14 1 0.955 ? ? 
4.700 5.000  ? ? ? ? ? ? 254 100.000 ? ? ? ? 0.231 ? ? ? ? ? ? ? ? 7.800 ? 1.472 ? ? 0.247 0.087 ? 15 1 0.982 ? ? 
5.000 5.380  ? ? ? ? ? ? 241 100.000 ? ? ? ? 0.173 ? ? ? ? ? ? ? ? 8.600 ? 1.549 ? ? 0.184 0.062 ? 16 1 0.985 ? ? 
5.380 5.930  ? ? ? ? ? ? 269 100.000 ? ? ? ? 0.141 ? ? ? ? ? ? ? ? 9.100 ? 1.676 ? ? 0.150 0.051 ? 17 1 0.988 ? ? 
5.930 6.780  ? ? ? ? ? ? 255 100.000 ? ? ? ? 0.122 ? ? ? ? ? ? ? ? 9.000 ? 1.700 ? ? 0.130 0.044 ? 18 1 0.995 ? ? 
6.780 8.540  ? ? ? ? ? ? 271 100.000 ? ? ? ? 0.104 ? ? ? ? ? ? ? ? 8.000 ? 1.441 ? ? 0.112 0.042 ? 19 1 0.989 ? ? 
8.540 50.000 ? ? ? ? ? ? 256 100.000 ? ? ? ? 0.097 ? ? ? ? ? ? ? ? 8.100 ? 1.320 ? ? 0.106 0.041 ? 20 1 0.965 ? ? 
# 
_refine.aniso_B[1][1]                            ? 
_refine.aniso_B[1][2]                            ? 
_refine.aniso_B[1][3]                            ? 
_refine.aniso_B[2][2]                            ? 
_refine.aniso_B[2][3]                            ? 
_refine.aniso_B[3][3]                            ? 
_refine.B_iso_max                                202.260 
_refine.B_iso_mean                               129.3898 
_refine.B_iso_min                                74.700 
_refine.correlation_coeff_Fo_to_Fc               ? 
_refine.correlation_coeff_Fo_to_Fc_free          ? 
_refine.details                                  ? 
_refine.diff_density_max                         ? 
_refine.diff_density_max_esd                     ? 
_refine.diff_density_min                         ? 
_refine.diff_density_min_esd                     ? 
_refine.diff_density_rms                         ? 
_refine.diff_density_rms_esd                     ? 
_refine.entry_id                                 7JPB 
_refine.pdbx_refine_id                           'X-RAY DIFFRACTION' 
_refine.ls_abs_structure_details                 ? 
_refine.ls_abs_structure_Flack                   ? 
_refine.ls_abs_structure_Flack_esd               ? 
_refine.ls_abs_structure_Rogers                  ? 
_refine.ls_abs_structure_Rogers_esd              ? 
_refine.ls_d_res_high                            3.1580 
_refine.ls_d_res_low                             34.5560 
_refine.ls_extinction_coef                       ? 
_refine.ls_extinction_coef_esd                   ? 
_refine.ls_extinction_expression                 ? 
_refine.ls_extinction_method                     ? 
_refine.ls_goodness_of_fit_all                   ? 
_refine.ls_goodness_of_fit_all_esd               ? 
_refine.ls_goodness_of_fit_obs                   ? 
_refine.ls_goodness_of_fit_obs_esd               ? 
_refine.ls_hydrogen_treatment                    ? 
_refine.ls_matrix_type                           ? 
_refine.ls_number_constraints                    ? 
_refine.ls_number_parameters                     ? 
_refine.ls_number_reflns_all                     ? 
_refine.ls_number_reflns_obs                     4097 
_refine.ls_number_reflns_R_free                  203 
_refine.ls_number_reflns_R_work                  3894 
_refine.ls_number_restraints                     ? 
_refine.ls_percent_reflns_obs                    79.5500 
_refine.ls_percent_reflns_R_free                 4.9500 
_refine.ls_R_factor_all                          ? 
_refine.ls_R_factor_obs                          0.2248 
_refine.ls_R_factor_R_free                       0.2439 
_refine.ls_R_factor_R_free_error                 ? 
_refine.ls_R_factor_R_free_error_details         ? 
_refine.ls_R_factor_R_work                       0.2236 
_refine.ls_R_Fsqd_factor_obs                     ? 
_refine.ls_R_I_factor_obs                        ? 
_refine.ls_redundancy_reflns_all                 ? 
_refine.ls_redundancy_reflns_obs                 ? 
_refine.ls_restrained_S_all                      ? 
_refine.ls_restrained_S_obs                      ? 
_refine.ls_shift_over_esd_max                    ? 
_refine.ls_shift_over_esd_mean                   ? 
_refine.ls_structure_factor_coef                 ? 
_refine.ls_weighting_details                     ? 
_refine.ls_weighting_scheme                      ? 
_refine.ls_wR_factor_all                         ? 
_refine.ls_wR_factor_obs                         ? 
_refine.ls_wR_factor_R_free                      ? 
_refine.ls_wR_factor_R_work                      ? 
_refine.occupancy_max                            ? 
_refine.occupancy_min                            ? 
_refine.solvent_model_details                    'FLAT BULK SOLVENT MODEL' 
_refine.solvent_model_param_bsol                 ? 
_refine.solvent_model_param_ksol                 ? 
_refine.pdbx_R_complete                          ? 
_refine.ls_R_factor_gt                           ? 
_refine.ls_goodness_of_fit_gt                    ? 
_refine.ls_goodness_of_fit_ref                   ? 
_refine.ls_shift_over_su_max                     ? 
_refine.ls_shift_over_su_max_lt                  ? 
_refine.ls_shift_over_su_mean                    ? 
_refine.ls_shift_over_su_mean_lt                 ? 
_refine.pdbx_ls_sigma_I                          ? 
_refine.pdbx_ls_sigma_F                          2.010 
_refine.pdbx_ls_sigma_Fsqd                       ? 
_refine.pdbx_data_cutoff_high_absF               ? 
_refine.pdbx_data_cutoff_high_rms_absF           ? 
_refine.pdbx_data_cutoff_low_absF                ? 
_refine.pdbx_isotropic_thermal_model             ? 
_refine.pdbx_ls_cross_valid_method               THROUGHOUT 
_refine.pdbx_method_to_determine_struct          'MOLECULAR REPLACEMENT' 
_refine.pdbx_starting_model                      5VY6 
_refine.pdbx_stereochemistry_target_values       ML 
_refine.pdbx_R_Free_selection_details            ? 
_refine.pdbx_stereochem_target_val_spec_case     ? 
_refine.pdbx_overall_ESU_R                       ? 
_refine.pdbx_overall_ESU_R_Free                  ? 
_refine.pdbx_solvent_vdw_probe_radii             1.1100 
_refine.pdbx_solvent_ion_probe_radii             ? 
_refine.pdbx_solvent_shrinkage_radii             0.9000 
_refine.pdbx_real_space_R                        ? 
_refine.pdbx_density_correlation                 ? 
_refine.pdbx_pd_number_of_powder_patterns        ? 
_refine.pdbx_pd_number_of_points                 ? 
_refine.pdbx_pd_meas_number_of_points            ? 
_refine.pdbx_pd_proc_ls_prof_R_factor            ? 
_refine.pdbx_pd_proc_ls_prof_wR_factor           ? 
_refine.pdbx_pd_Marquardt_correlation_coeff      ? 
_refine.pdbx_pd_Fsqrd_R_factor                   ? 
_refine.pdbx_pd_ls_matrix_band_width             ? 
_refine.pdbx_overall_phase_error                 33.3500 
_refine.pdbx_overall_SU_R_free_Cruickshank_DPI   ? 
_refine.pdbx_overall_SU_R_free_Blow_DPI          ? 
_refine.pdbx_overall_SU_R_Blow_DPI               ? 
_refine.pdbx_TLS_residual_ADP_flag               ? 
_refine.pdbx_diffrn_id                           1 
_refine.overall_SU_B                             ? 
_refine.overall_SU_ML                            0.2400 
_refine.overall_SU_R_Cruickshank_DPI             ? 
_refine.overall_SU_R_free                        ? 
_refine.overall_FOM_free_R_set                   ? 
_refine.overall_FOM_work_R_set                   ? 
_refine.pdbx_average_fsc_overall                 ? 
_refine.pdbx_average_fsc_work                    ? 
_refine.pdbx_average_fsc_free                    ? 
# 
_refine_hist.pdbx_refine_id                   'X-RAY DIFFRACTION' 
_refine_hist.cycle_id                         final 
_refine_hist.details                          ? 
_refine_hist.d_res_high                       3.1580 
_refine_hist.d_res_low                        34.5560 
_refine_hist.number_atoms_solvent             0 
_refine_hist.number_atoms_total               857 
_refine_hist.number_reflns_all                ? 
_refine_hist.number_reflns_obs                ? 
_refine_hist.number_reflns_R_free             ? 
_refine_hist.number_reflns_R_work             ? 
_refine_hist.R_factor_all                     ? 
_refine_hist.R_factor_obs                     ? 
_refine_hist.R_factor_R_free                  ? 
_refine_hist.R_factor_R_work                  ? 
_refine_hist.pdbx_number_residues_total       42 
_refine_hist.pdbx_B_iso_mean_ligand           189.79 
_refine_hist.pdbx_B_iso_mean_solvent          ? 
_refine_hist.pdbx_number_atoms_protein        0 
_refine_hist.pdbx_number_atoms_nucleic_acid   855 
_refine_hist.pdbx_number_atoms_ligand         2 
_refine_hist.pdbx_number_atoms_lipid          ? 
_refine_hist.pdbx_number_atoms_carb           ? 
_refine_hist.pdbx_pseudo_atom_details         ? 
# 
loop_
_refine_ls_restr.pdbx_refine_id 
_refine_ls_restr.criterion 
_refine_ls_restr.dev_ideal 
_refine_ls_restr.dev_ideal_target 
_refine_ls_restr.number 
_refine_ls_restr.rejects 
_refine_ls_restr.type 
_refine_ls_restr.weight 
_refine_ls_restr.pdbx_restraint_function 
'X-RAY DIFFRACTION' ? 0.005  ? 956  ? f_bond_d           ? ? 
'X-RAY DIFFRACTION' ? 0.755  ? 1467 ? f_angle_d          ? ? 
'X-RAY DIFFRACTION' ? 0.044  ? 166  ? f_chiral_restr     ? ? 
'X-RAY DIFFRACTION' ? 0.004  ? 42   ? f_plane_restr      ? ? 
'X-RAY DIFFRACTION' ? 34.157 ? 406  ? f_dihedral_angle_d ? ? 
# 
_refine_ls_shell.pdbx_refine_id                   'X-RAY DIFFRACTION' 
_refine_ls_shell.d_res_high                       3.1580 
_refine_ls_shell.d_res_low                        ? 
_refine_ls_shell.number_reflns_all                ? 
_refine_ls_shell.number_reflns_obs                ? 
_refine_ls_shell.number_reflns_R_free             203 
_refine_ls_shell.number_reflns_R_work             3894 
_refine_ls_shell.percent_reflns_obs               80.0000 
_refine_ls_shell.percent_reflns_R_free            ? 
_refine_ls_shell.R_factor_all                     ? 
_refine_ls_shell.R_factor_obs                     ? 
_refine_ls_shell.R_factor_R_free                  0.2439 
_refine_ls_shell.R_factor_R_free_error            0.0000 
_refine_ls_shell.R_factor_R_work                  0.2236 
_refine_ls_shell.redundancy_reflns_all            ? 
_refine_ls_shell.redundancy_reflns_obs            ? 
_refine_ls_shell.wR_factor_all                    ? 
_refine_ls_shell.wR_factor_obs                    ? 
_refine_ls_shell.wR_factor_R_free                 ? 
_refine_ls_shell.wR_factor_R_work                 ? 
_refine_ls_shell.pdbx_R_complete                  ? 
_refine_ls_shell.pdbx_total_number_of_bins_used   ? 
_refine_ls_shell.pdbx_phase_error                 ? 
_refine_ls_shell.pdbx_fsc_work                    ? 
_refine_ls_shell.pdbx_fsc_free                    ? 
# 
_struct.entry_id                     7JPB 
_struct.title                        
'Self-assembly of a 3D DNA crystal lattice (4x6 duplex version) containing the J2 immobile Holliday junction' 
_struct.pdbx_model_details           ? 
_struct.pdbx_formula_weight          ? 
_struct.pdbx_formula_weight_method   ? 
_struct.pdbx_model_type_details      ? 
_struct.pdbx_CASP_flag               N 
# 
_struct_keywords.entry_id        7JPB 
_struct_keywords.text            
'Structural DNA nanotechnology, immobile Holliday junctions, 3D DNA self-assembly, designer DNA crystals, DNA' 
_struct_keywords.pdbx_keywords   DNA 
# 
loop_
_struct_asym.id 
_struct_asym.pdbx_blank_PDB_chainid_flag 
_struct_asym.pdbx_modified 
_struct_asym.entity_id 
_struct_asym.details 
A N N 1 ? 
B N N 2 ? 
C N N 3 ? 
D N N 4 ? 
E N N 5 ? 
F N N 5 ? 
# 
loop_
_struct_conn.id 
_struct_conn.conn_type_id 
_struct_conn.pdbx_leaving_atom_flag 
_struct_conn.pdbx_PDB_id 
_struct_conn.ptnr1_label_asym_id 
_struct_conn.ptnr1_label_comp_id 
_struct_conn.ptnr1_label_seq_id 
_struct_conn.ptnr1_label_atom_id 
_struct_conn.pdbx_ptnr1_label_alt_id 
_struct_conn.pdbx_ptnr1_PDB_ins_code 
_struct_conn.pdbx_ptnr1_standard_comp_id 
_struct_conn.ptnr1_symmetry 
_struct_conn.ptnr2_label_asym_id 
_struct_conn.ptnr2_label_comp_id 
_struct_conn.ptnr2_label_seq_id 
_struct_conn.ptnr2_label_atom_id 
_struct_conn.pdbx_ptnr2_label_alt_id 
_struct_conn.pdbx_ptnr2_PDB_ins_code 
_struct_conn.ptnr1_auth_asym_id 
_struct_conn.ptnr1_auth_comp_id 
_struct_conn.ptnr1_auth_seq_id 
_struct_conn.ptnr2_auth_asym_id 
_struct_conn.ptnr2_auth_comp_id 
_struct_conn.ptnr2_auth_seq_id 
_struct_conn.ptnr2_symmetry 
_struct_conn.pdbx_ptnr3_label_atom_id 
_struct_conn.pdbx_ptnr3_label_seq_id 
_struct_conn.pdbx_ptnr3_label_comp_id 
_struct_conn.pdbx_ptnr3_label_asym_id 
_struct_conn.pdbx_ptnr3_label_alt_id 
_struct_conn.pdbx_ptnr3_PDB_ins_code 
_struct_conn.details 
_struct_conn.pdbx_dist_value 
_struct_conn.pdbx_value_order 
_struct_conn.pdbx_role 
hydrog1  hydrog ? ? A DG 3  O6 ? ? ? 1_555 D DC 7 N4 ? ? A DG 3  D DC 16 1_555 ? ? ? ? ? ? 'DG-DC PAIR' ? ? ? 
hydrog2  hydrog ? ? A DC 4  N3 ? ? ? 1_555 D DG 6 N1 ? ? A DC 4  D DG 15 1_555 ? ? ? ? ? ? WATSON-CRICK ? ? ? 
hydrog3  hydrog ? ? A DC 4  N4 ? ? ? 1_555 D DG 6 O6 ? ? A DC 4  D DG 15 1_555 ? ? ? ? ? ? WATSON-CRICK ? ? ? 
hydrog4  hydrog ? ? A DC 4  O2 ? ? ? 1_555 D DG 6 N2 ? ? A DC 4  D DG 15 1_555 ? ? ? ? ? ? WATSON-CRICK ? ? ? 
hydrog5  hydrog ? ? A DA 5  N1 ? ? ? 1_555 D DT 5 N3 ? ? A DA 5  D DT 14 1_555 ? ? ? ? ? ? WATSON-CRICK ? ? ? 
hydrog6  hydrog ? ? A DA 5  N6 ? ? ? 1_555 D DT 5 O4 ? ? A DA 5  D DT 14 1_555 ? ? ? ? ? ? WATSON-CRICK ? ? ? 
hydrog7  hydrog ? ? A DG 6  N1 ? ? ? 1_555 D DC 4 N3 ? ? A DG 6  D DC 13 1_555 ? ? ? ? ? ? WATSON-CRICK ? ? ? 
hydrog8  hydrog ? ? A DG 6  N2 ? ? ? 1_555 D DC 4 O2 ? ? A DG 6  D DC 13 1_555 ? ? ? ? ? ? WATSON-CRICK ? ? ? 
hydrog9  hydrog ? ? A DG 6  O6 ? ? ? 1_555 D DC 4 N4 ? ? A DG 6  D DC 13 1_555 ? ? ? ? ? ? WATSON-CRICK ? ? ? 
hydrog10 hydrog ? ? A DA 7  N1 ? ? ? 1_555 D DT 3 N3 ? ? A DA 7  D DT 12 1_555 ? ? ? ? ? ? WATSON-CRICK ? ? ? 
hydrog11 hydrog ? ? A DA 7  N6 ? ? ? 1_555 D DT 3 O4 ? ? A DA 7  D DT 12 1_555 ? ? ? ? ? ? WATSON-CRICK ? ? ? 
hydrog12 hydrog ? ? A DC 8  N3 ? ? ? 1_555 D DG 2 N1 ? ? A DC 8  D DG 11 1_555 ? ? ? ? ? ? WATSON-CRICK ? ? ? 
hydrog13 hydrog ? ? A DC 8  N4 ? ? ? 1_555 D DG 2 O6 ? ? A DC 8  D DG 11 1_555 ? ? ? ? ? ? WATSON-CRICK ? ? ? 
hydrog14 hydrog ? ? A DC 8  O2 ? ? ? 1_555 D DG 2 N2 ? ? A DC 8  D DG 11 1_555 ? ? ? ? ? ? WATSON-CRICK ? ? ? 
hydrog15 hydrog ? ? A DC 9  N3 ? ? ? 1_555 D DG 1 N1 ? ? A DC 9  D DG 10 1_555 ? ? ? ? ? ? WATSON-CRICK ? ? ? 
hydrog16 hydrog ? ? A DC 9  N4 ? ? ? 1_555 D DG 1 O6 ? ? A DC 9  D DG 10 1_555 ? ? ? ? ? ? WATSON-CRICK ? ? ? 
hydrog17 hydrog ? ? A DC 9  O2 ? ? ? 1_555 D DG 1 N2 ? ? A DC 9  D DG 10 1_555 ? ? ? ? ? ? WATSON-CRICK ? ? ? 
hydrog18 hydrog ? ? A DT 10 N3 ? ? ? 1_555 B DA 6 N1 ? ? A DT 10 B DA 5  1_555 ? ? ? ? ? ? WATSON-CRICK ? ? ? 
hydrog19 hydrog ? ? A DT 10 O4 ? ? ? 1_555 B DA 6 N6 ? ? A DT 10 B DA 5  1_555 ? ? ? ? ? ? WATSON-CRICK ? ? ? 
hydrog20 hydrog ? ? A DG 11 N1 ? ? ? 1_555 B DC 5 N3 ? ? A DG 11 B DC 4  1_555 ? ? ? ? ? ? WATSON-CRICK ? ? ? 
hydrog21 hydrog ? ? A DG 11 N2 ? ? ? 1_555 B DC 5 O2 ? ? A DG 11 B DC 4  1_555 ? ? ? ? ? ? WATSON-CRICK ? ? ? 
hydrog22 hydrog ? ? A DG 11 O6 ? ? ? 1_555 B DC 5 N4 ? ? A DG 11 B DC 4  1_555 ? ? ? ? ? ? WATSON-CRICK ? ? ? 
hydrog23 hydrog ? ? A DA 12 N1 ? ? ? 1_555 B DT 4 N3 ? ? A DA 12 B DT 3  1_555 ? ? ? ? ? ? WATSON-CRICK ? ? ? 
hydrog24 hydrog ? ? A DA 12 N6 ? ? ? 1_555 B DT 4 O4 ? ? A DA 12 B DT 3  1_555 ? ? ? ? ? ? WATSON-CRICK ? ? ? 
hydrog25 hydrog ? ? A DC 13 N3 ? ? ? 1_555 B DG 3 N1 ? ? A DC 13 B DG 2  1_555 ? ? ? ? ? ? WATSON-CRICK ? ? ? 
hydrog26 hydrog ? ? A DC 13 N4 ? ? ? 1_555 B DG 3 O6 ? ? A DC 13 B DG 2  1_555 ? ? ? ? ? ? WATSON-CRICK ? ? ? 
hydrog27 hydrog ? ? A DC 13 O2 ? ? ? 1_555 B DG 3 N2 ? ? A DC 13 B DG 2  1_555 ? ? ? ? ? ? WATSON-CRICK ? ? ? 
hydrog28 hydrog ? ? A DG 14 N1 ? ? ? 1_555 B DC 2 N3 ? ? A DG 14 B DC 1  1_555 ? ? ? ? ? ? WATSON-CRICK ? ? ? 
hydrog29 hydrog ? ? A DG 14 N2 ? ? ? 1_555 B DC 2 O2 ? ? A DG 14 B DC 1  1_555 ? ? ? ? ? ? WATSON-CRICK ? ? ? 
hydrog30 hydrog ? ? A DG 14 O6 ? ? ? 1_555 B DC 2 N4 ? ? A DG 14 B DC 1  1_555 ? ? ? ? ? ? WATSON-CRICK ? ? ? 
hydrog31 hydrog ? ? A DA 15 N1 ? ? ? 1_555 B DT 1 N3 ? ? A DA 15 B DT 0  1_555 ? ? ? ? ? ? WATSON-CRICK ? ? ? 
hydrog32 hydrog ? ? A DA 15 N6 ? ? ? 1_555 B DT 1 O4 ? ? A DA 15 B DT 0  1_555 ? ? ? ? ? ? WATSON-CRICK ? ? ? 
hydrog33 hydrog ? ? A DG 16 N1 ? ? ? 1_555 C DC 8 N3 ? ? A DG 16 C DC 8  1_555 ? ? ? ? ? ? WATSON-CRICK ? ? ? 
hydrog34 hydrog ? ? A DG 16 N2 ? ? ? 1_555 C DC 8 O2 ? ? A DG 16 C DC 8  1_555 ? ? ? ? ? ? WATSON-CRICK ? ? ? 
hydrog35 hydrog ? ? A DG 16 O6 ? ? ? 1_555 C DC 8 N4 ? ? A DG 16 C DC 8  1_555 ? ? ? ? ? ? WATSON-CRICK ? ? ? 
hydrog36 hydrog ? ? A DA 17 N1 ? ? ? 1_555 C DT 7 N3 ? ? A DA 17 C DT 7  1_555 ? ? ? ? ? ? WATSON-CRICK ? ? ? 
hydrog37 hydrog ? ? A DA 17 N6 ? ? ? 1_555 C DT 7 O4 ? ? A DA 17 C DT 7  1_555 ? ? ? ? ? ? WATSON-CRICK ? ? ? 
hydrog38 hydrog ? ? A DC 18 N3 ? ? ? 1_555 C DG 6 N1 ? ? A DC 18 C DG 6  1_555 ? ? ? ? ? ? WATSON-CRICK ? ? ? 
hydrog39 hydrog ? ? A DC 18 N4 ? ? ? 1_555 C DG 6 O6 ? ? A DC 18 C DG 6  1_555 ? ? ? ? ? ? WATSON-CRICK ? ? ? 
hydrog40 hydrog ? ? A DC 18 O2 ? ? ? 1_555 C DG 6 N2 ? ? A DC 18 C DG 6  1_555 ? ? ? ? ? ? WATSON-CRICK ? ? ? 
hydrog41 hydrog ? ? A DT 19 N3 ? ? ? 1_555 C DA 5 N1 ? ? A DT 19 C DA 5  1_555 ? ? ? ? ? ? WATSON-CRICK ? ? ? 
hydrog42 hydrog ? ? A DT 19 O4 ? ? ? 1_555 C DA 5 N6 ? ? A DT 19 C DA 5  1_555 ? ? ? ? ? ? WATSON-CRICK ? ? ? 
hydrog43 hydrog ? ? A DC 20 N3 ? ? ? 1_555 C DG 4 N1 ? ? A DC 20 C DG 4  1_555 ? ? ? ? ? ? WATSON-CRICK ? ? ? 
hydrog44 hydrog ? ? A DC 20 N4 ? ? ? 1_555 C DG 4 O6 ? ? A DC 20 C DG 4  1_555 ? ? ? ? ? ? WATSON-CRICK ? ? ? 
hydrog45 hydrog ? ? A DC 20 O2 ? ? ? 1_555 C DG 4 N2 ? ? A DC 20 C DG 4  1_555 ? ? ? ? ? ? WATSON-CRICK ? ? ? 
hydrog46 hydrog ? ? A DA 21 N1 ? ? ? 1_555 C DT 3 N3 ? ? A DA 21 C DT 3  1_555 ? ? ? ? ? ? WATSON-CRICK ? ? ? 
hydrog47 hydrog ? ? A DA 21 N6 ? ? ? 1_555 C DT 3 O4 ? ? A DA 21 C DT 3  1_555 ? ? ? ? ? ? WATSON-CRICK ? ? ? 
# 
_struct_conn_type.id          hydrog 
_struct_conn_type.criteria    ? 
_struct_conn_type.reference   ? 
# 
_atom_sites.entry_id                    7JPB 
_atom_sites.Cartn_transf_matrix[1][1]   ? 
_atom_sites.Cartn_transf_matrix[1][2]   ? 
_atom_sites.Cartn_transf_matrix[1][3]   ? 
_atom_sites.Cartn_transf_matrix[2][1]   ? 
_atom_sites.Cartn_transf_matrix[2][2]   ? 
_atom_sites.Cartn_transf_matrix[2][3]   ? 
_atom_sites.Cartn_transf_matrix[3][1]   ? 
_atom_sites.Cartn_transf_matrix[3][2]   ? 
_atom_sites.Cartn_transf_matrix[3][3]   ? 
_atom_sites.Cartn_transf_vector[1]      ? 
_atom_sites.Cartn_transf_vector[2]      ? 
_atom_sites.Cartn_transf_vector[3]      ? 
_atom_sites.fract_transf_matrix[1][1]   0.00345039 
_atom_sites.fract_transf_matrix[1][2]   -0.00650258 
_atom_sites.fract_transf_matrix[1][3]   -0.01499842 
_atom_sites.fract_transf_matrix[2][1]   0.00879752 
_atom_sites.fract_transf_matrix[2][2]   0.00884268 
_atom_sites.fract_transf_matrix[2][3]   -0.01111611 
_atom_sites.fract_transf_matrix[3][1]   0.01502740 
_atom_sites.fract_transf_matrix[3][2]   -0.00686386 
_atom_sites.fract_transf_matrix[3][3]   0.00643290 
_atom_sites.fract_transf_vector[1]      1.092622 
_atom_sites.fract_transf_vector[2]      1.140927 
_atom_sites.fract_transf_vector[3]      0.051616 
_atom_sites.solution_primary            ? 
_atom_sites.solution_secondary          ? 
_atom_sites.solution_hydrogens          ? 
_atom_sites.special_details             ? 
# 
loop_
_atom_type.symbol 
AS 
C  
H  
N  
O  
P  
# 
loop_
_atom_site.group_PDB 
_atom_site.id 
_atom_site.type_symbol 
_atom_site.label_atom_id 
_atom_site.label_alt_id 
_atom_site.label_comp_id 
_atom_site.label_asym_id 
_atom_site.label_entity_id 
_atom_site.label_seq_id 
_atom_site.pdbx_PDB_ins_code 
_atom_site.Cartn_x 
_atom_site.Cartn_y 
_atom_site.Cartn_z 
_atom_site.occupancy 
_atom_site.B_iso_or_equiv 
_atom_site.pdbx_formal_charge 
_atom_site.auth_seq_id 
_atom_site.auth_comp_id 
_atom_site.auth_asym_id 
_atom_site.auth_atom_id 
_atom_site.pdbx_PDB_model_num 
ATOM   1    O  "O5'"  . DG  A 1 1  ? -10.777 -28.594 -17.559 1.00 157.42 ? 1   DG  A "O5'"  1 
ATOM   2    C  "C5'"  . DG  A 1 1  ? -10.456 -28.190 -18.887 1.00 156.97 ? 1   DG  A "C5'"  1 
ATOM   3    C  "C4'"  . DG  A 1 1  ? -9.362  -29.067 -19.470 1.00 150.30 ? 1   DG  A "C4'"  1 
ATOM   4    O  "O4'"  . DG  A 1 1  ? -9.175  -28.742 -20.860 1.00 130.88 ? 1   DG  A "O4'"  1 
ATOM   5    C  "C3'"  . DG  A 1 1  ? -7.989  -28.885 -18.842 1.00 154.81 ? 1   DG  A "C3'"  1 
ATOM   6    O  "O3'"  . DG  A 1 1  ? -7.825  -29.759 -17.730 1.00 163.08 ? 1   DG  A "O3'"  1 
ATOM   7    C  "C2'"  . DG  A 1 1  ? -7.019  -29.209 -19.983 1.00 135.38 ? 1   DG  A "C2'"  1 
ATOM   8    C  "C1'"  . DG  A 1 1  ? -7.874  -29.119 -21.251 1.00 118.37 ? 1   DG  A "C1'"  1 
ATOM   9    N  N9     . DG  A 1 1  ? -7.389  -28.153 -22.237 1.00 114.97 ? 1   DG  A N9     1 
ATOM   10   C  C8     . DG  A 1 1  ? -8.141  -27.233 -22.929 1.00 119.81 ? 1   DG  A C8     1 
ATOM   11   N  N7     . DG  A 1 1  ? -7.443  -26.511 -23.761 1.00 114.26 ? 1   DG  A N7     1 
ATOM   12   C  C5     . DG  A 1 1  ? -6.145  -26.982 -23.614 1.00 118.81 ? 1   DG  A C5     1 
ATOM   13   C  C6     . DG  A 1 1  ? -4.952  -26.576 -24.257 1.00 114.14 ? 1   DG  A C6     1 
ATOM   14   O  O6     . DG  A 1 1  ? -4.804  -25.695 -25.114 1.00 117.08 ? 1   DG  A O6     1 
ATOM   15   N  N1     . DG  A 1 1  ? -3.854  -27.313 -23.820 1.00 119.66 ? 1   DG  A N1     1 
ATOM   16   C  C2     . DG  A 1 1  ? -3.904  -28.314 -22.877 1.00 125.66 ? 1   DG  A C2     1 
ATOM   17   N  N2     . DG  A 1 1  ? -2.741  -28.910 -22.582 1.00 134.55 ? 1   DG  A N2     1 
ATOM   18   N  N3     . DG  A 1 1  ? -5.016  -28.704 -22.265 1.00 116.97 ? 1   DG  A N3     1 
ATOM   19   C  C4     . DG  A 1 1  ? -6.095  -27.996 -22.682 1.00 119.91 ? 1   DG  A C4     1 
ATOM   20   H  "H5'"  . DG  A 1 1  ? -10.153 -27.269 -18.875 1.00 188.36 ? 1   DG  A "H5'"  1 
ATOM   21   H  "H5''" . DG  A 1 1  ? -11.248 -28.259 -19.441 1.00 188.36 ? 1   DG  A "H5''" 1 
ATOM   22   H  "H4'"  . DG  A 1 1  ? -9.625  -29.997 -19.394 1.00 180.36 ? 1   DG  A "H4'"  1 
ATOM   23   H  "H3'"  . DG  A 1 1  ? -7.873  -27.965 -18.560 1.00 185.77 ? 1   DG  A "H3'"  1 
ATOM   24   H  "H2'"  . DG  A 1 1  ? -6.300  -28.558 -20.012 1.00 162.46 ? 1   DG  A "H2'"  1 
ATOM   25   H  "H2''" . DG  A 1 1  ? -6.661  -30.105 -19.880 1.00 162.46 ? 1   DG  A "H2''" 1 
ATOM   26   H  "H1'"  . DG  A 1 1  ? -7.913  -29.995 -21.667 1.00 142.04 ? 1   DG  A "H1'"  1 
ATOM   27   H  H8     . DG  A 1 1  ? -9.059  -27.135 -22.816 1.00 143.78 ? 1   DG  A H8     1 
ATOM   28   H  H1     . DG  A 1 1  ? -3.088  -27.130 -24.165 1.00 143.59 ? 1   DG  A H1     1 
ATOM   29   H  H21    . DG  A 1 1  ? -2.716  -29.541 -21.999 1.00 161.45 ? 1   DG  A H21    1 
ATOM   30   H  H22    . DG  A 1 1  ? -2.017  -28.661 -22.976 1.00 161.45 ? 1   DG  A H22    1 
ATOM   31   H  "HO5'" . DG  A 1 1  ? -10.192 -28.566 -16.959 1.00 188.91 ? 1   DG  A "HO5'" 1 
ATOM   32   P  P      . DA  A 1 2  ? -7.484  -29.164 -16.277 1.00 155.65 ? 2   DA  A P      1 
ATOM   33   O  OP1    . DA  A 1 2  ? -7.726  -30.238 -15.288 1.00 146.80 ? 2   DA  A OP1    1 
ATOM   34   O  OP2    . DA  A 1 2  ? -8.188  -27.869 -16.145 1.00 158.10 ? 2   DA  A OP2    1 
ATOM   35   O  "O5'"  . DA  A 1 2  ? -5.914  -28.867 -16.342 1.00 142.90 ? 2   DA  A "O5'"  1 
ATOM   36   C  "C5'"  . DA  A 1 2  ? -4.989  -29.946 -16.409 1.00 135.89 ? 2   DA  A "C5'"  1 
ATOM   37   C  "C4'"  . DA  A 1 2  ? -3.653  -29.483 -16.961 1.00 136.38 ? 2   DA  A "C4'"  1 
ATOM   38   O  "O4'"  . DA  A 1 2  ? -3.869  -28.822 -18.239 1.00 123.30 ? 2   DA  A "O4'"  1 
ATOM   39   C  "C3'"  . DA  A 1 2  ? -2.905  -28.479 -16.076 1.00 154.11 ? 2   DA  A "C3'"  1 
ATOM   40   O  "O3'"  . DA  A 1 2  ? -1.534  -28.845 -15.940 1.00 165.38 ? 2   DA  A "O3'"  1 
ATOM   41   C  "C2'"  . DA  A 1 2  ? -3.079  -27.152 -16.804 1.00 145.32 ? 2   DA  A "C2'"  1 
ATOM   42   C  "C1'"  . DA  A 1 2  ? -3.204  -27.579 -18.254 1.00 128.99 ? 2   DA  A "C1'"  1 
ATOM   43   N  N9     . DA  A 1 2  ? -3.965  -26.642 -19.073 1.00 129.94 ? 2   DA  A N9     1 
ATOM   44   C  C8     . DA  A 1 2  ? -5.280  -26.300 -18.928 1.00 126.03 ? 2   DA  A C8     1 
ATOM   45   N  N7     . DA  A 1 2  ? -5.699  -25.424 -19.810 1.00 125.38 ? 2   DA  A N7     1 
ATOM   46   C  C5     . DA  A 1 2  ? -4.578  -25.171 -20.584 1.00 125.24 ? 2   DA  A C5     1 
ATOM   47   C  C6     . DA  A 1 2  ? -4.360  -24.327 -21.691 1.00 123.63 ? 2   DA  A C6     1 
ATOM   48   N  N6     . DA  A 1 2  ? -5.309  -23.554 -22.225 1.00 128.15 ? 2   DA  A N6     1 
ATOM   49   N  N1     . DA  A 1 2  ? -3.123  -24.311 -22.229 1.00 124.10 ? 2   DA  A N1     1 
ATOM   50   C  C2     . DA  A 1 2  ? -2.174  -25.087 -21.691 1.00 124.36 ? 2   DA  A C2     1 
ATOM   51   N  N3     . DA  A 1 2  ? -2.261  -25.918 -20.655 1.00 123.21 ? 2   DA  A N3     1 
ATOM   52   C  C4     . DA  A 1 2  ? -3.500  -25.912 -20.142 1.00 124.62 ? 2   DA  A C4     1 
ATOM   53   H  "H5'"  . DA  A 1 2  ? -5.349  -30.638 -16.985 1.00 163.07 ? 2   DA  A "H5'"  1 
ATOM   54   H  "H5''" . DA  A 1 2  ? -4.858  -30.309 -15.518 1.00 163.07 ? 2   DA  A "H5''" 1 
ATOM   55   H  "H4'"  . DA  A 1 2  ? -3.088  -30.258 -17.100 1.00 163.66 ? 2   DA  A "H4'"  1 
ATOM   56   H  "H3'"  . DA  A 1 2  ? -3.324  -28.434 -15.202 1.00 184.94 ? 2   DA  A "H3'"  1 
ATOM   57   H  "H2'"  . DA  A 1 2  ? -3.886  -26.701 -16.509 1.00 174.39 ? 2   DA  A "H2'"  1 
ATOM   58   H  "H2''" . DA  A 1 2  ? -2.301  -26.586 -16.678 1.00 174.39 ? 2   DA  A "H2''" 1 
ATOM   59   H  "H1'"  . DA  A 1 2  ? -2.318  -27.693 -18.633 1.00 154.79 ? 2   DA  A "H1'"  1 
ATOM   60   H  H8     . DA  A 1 2  ? -5.829  -26.658 -18.268 1.00 151.23 ? 2   DA  A H8     1 
ATOM   61   H  H61    . DA  A 1 2  ? -5.128  -23.055 -22.902 1.00 153.78 ? 2   DA  A H61    1 
ATOM   62   H  H62    . DA  A 1 2  ? -6.102  -23.555 -21.893 1.00 153.78 ? 2   DA  A H62    1 
ATOM   63   H  H2     . DA  A 1 2  ? -1.339  -25.039 -22.098 1.00 149.23 ? 2   DA  A H2     1 
ATOM   64   P  P      . DG  A 1 3  ? -0.585  -28.068 -14.900 1.00 155.15 ? 3   DG  A P      1 
ATOM   65   O  OP1    . DG  A 1 3  ? -0.321  -28.986 -13.770 1.00 157.90 ? 3   DG  A OP1    1 
ATOM   66   O  OP2    . DG  A 1 3  ? -1.174  -26.737 -14.640 1.00 143.82 ? 3   DG  A OP2    1 
ATOM   67   O  "O5'"  . DG  A 1 3  ? 0.773   -27.851 -15.714 1.00 146.59 ? 3   DG  A "O5'"  1 
ATOM   68   C  "C5'"  . DG  A 1 3  ? 1.659   -26.803 -15.349 1.00 140.55 ? 3   DG  A "C5'"  1 
ATOM   69   C  "C4'"  . DG  A 1 3  ? 1.956   -25.910 -16.538 1.00 142.56 ? 3   DG  A "C4'"  1 
ATOM   70   O  "O4'"  . DG  A 1 3  ? 0.726   -25.565 -17.202 1.00 129.93 ? 3   DG  A "O4'"  1 
ATOM   71   C  "C3'"  . DG  A 1 3  ? 2.615   -24.576 -16.193 1.00 154.22 ? 3   DG  A "C3'"  1 
ATOM   72   O  "O3'"  . DG  A 1 3  ? 4.023   -24.647 -16.400 1.00 153.18 ? 3   DG  A "O3'"  1 
ATOM   73   C  "C2'"  . DG  A 1 3  ? 1.936   -23.553 -17.122 1.00 151.67 ? 3   DG  A "C2'"  1 
ATOM   74   C  "C1'"  . DG  A 1 3  ? 0.935   -24.380 -17.926 1.00 139.96 ? 3   DG  A "C1'"  1 
ATOM   75   N  N9     . DG  A 1 3  ? -0.356  -23.726 -18.134 1.00 142.50 ? 3   DG  A N9     1 
ATOM   76   C  C8     . DG  A 1 3  ? -1.513  -23.923 -17.417 1.00 138.56 ? 3   DG  A C8     1 
ATOM   77   N  N7     . DG  A 1 3  ? -2.517  -23.204 -17.842 1.00 136.04 ? 3   DG  A N7     1 
ATOM   78   C  C5     . DG  A 1 3  ? -1.992  -22.486 -18.911 1.00 142.23 ? 3   DG  A C5     1 
ATOM   79   C  C6     . DG  A 1 3  ? -2.608  -21.540 -19.766 1.00 136.11 ? 3   DG  A C6     1 
ATOM   80   O  O6     . DG  A 1 3  ? -3.779  -21.135 -19.749 1.00 131.68 ? 3   DG  A O6     1 
ATOM   81   N  N1     . DG  A 1 3  ? -1.716  -21.052 -20.720 1.00 134.41 ? 3   DG  A N1     1 
ATOM   82   C  C2     . DG  A 1 3  ? -0.399  -21.431 -20.830 1.00 138.67 ? 3   DG  A C2     1 
ATOM   83   N  N2     . DG  A 1 3  ? 0.306   -20.848 -21.807 1.00 138.53 ? 3   DG  A N2     1 
ATOM   84   N  N3     . DG  A 1 3  ? 0.188   -22.315 -20.037 1.00 142.58 ? 3   DG  A N3     1 
ATOM   85   C  C4     . DG  A 1 3  ? -0.664  -22.799 -19.103 1.00 139.31 ? 3   DG  A C4     1 
ATOM   86   H  "H5'"  . DG  A 1 3  ? 2.487   -27.185 -15.021 1.00 168.65 ? 3   DG  A "H5'"  1 
ATOM   87   H  "H5''" . DG  A 1 3  ? 1.252   -26.273 -14.645 1.00 168.65 ? 3   DG  A "H5''" 1 
ATOM   88   H  "H4'"  . DG  A 1 3  ? 2.525   -26.391 -17.159 1.00 171.08 ? 3   DG  A "H4'"  1 
ATOM   89   H  "H3'"  . DG  A 1 3  ? 2.432   -24.349 -15.267 1.00 185.06 ? 3   DG  A "H3'"  1 
ATOM   90   H  "H2'"  . DG  A 1 3  ? 1.476   -22.876 -16.602 1.00 182.00 ? 3   DG  A "H2'"  1 
ATOM   91   H  "H2''" . DG  A 1 3  ? 2.589   -23.145 -17.712 1.00 182.00 ? 3   DG  A "H2''" 1 
ATOM   92   H  "H1'"  . DG  A 1 3  ? 1.321   -24.599 -18.788 1.00 167.95 ? 3   DG  A "H1'"  1 
ATOM   93   H  H8     . DG  A 1 3  ? -1.573  -24.510 -16.699 1.00 166.28 ? 3   DG  A H8     1 
ATOM   94   H  H1     . DG  A 1 3  ? -2.012  -20.471 -21.281 1.00 161.30 ? 3   DG  A H1     1 
ATOM   95   H  H21    . DG  A 1 3  ? 1.135   -21.047 -21.916 1.00 166.24 ? 3   DG  A H21    1 
ATOM   96   H  H22    . DG  A 1 3  ? -0.070  -20.274 -22.325 1.00 166.24 ? 3   DG  A H22    1 
ATOM   97   P  P      . DC  A 1 4  ? 4.972   -23.429 -15.955 1.00 159.40 ? 4   DC  A P      1 
ATOM   98   O  OP1    . DC  A 1 4  ? 6.312   -23.988 -15.673 1.00 150.74 ? 4   DC  A OP1    1 
ATOM   99   O  OP2    . DC  A 1 4  ? 4.256   -22.664 -14.910 1.00 155.56 ? 4   DC  A OP2    1 
ATOM   100  O  "O5'"  . DC  A 1 4  ? 5.055   -22.516 -17.264 1.00 150.60 ? 4   DC  A "O5'"  1 
ATOM   101  C  "C5'"  . DC  A 1 4  ? 5.424   -21.147 -17.161 1.00 146.16 ? 4   DC  A "C5'"  1 
ATOM   102  C  "C4'"  . DC  A 1 4  ? 4.873   -20.358 -18.334 1.00 150.38 ? 4   DC  A "C4'"  1 
ATOM   103  O  "O4'"  . DC  A 1 4  ? 3.452   -20.559 -18.413 1.00 156.33 ? 4   DC  A "O4'"  1 
ATOM   104  C  "C3'"  . DC  A 1 4  ? 5.053   -18.850 -18.246 1.00 148.52 ? 4   DC  A "C3'"  1 
ATOM   105  O  "O3'"  . DC  A 1 4  ? 6.233   -18.450 -18.933 1.00 154.58 ? 4   DC  A "O3'"  1 
ATOM   106  C  "C2'"  . DC  A 1 4  ? 3.780   -18.275 -18.891 1.00 141.80 ? 4   DC  A "C2'"  1 
ATOM   107  C  "C1'"  . DC  A 1 4  ? 2.883   -19.488 -19.120 1.00 152.05 ? 4   DC  A "C1'"  1 
ATOM   108  N  N1     . DC  A 1 4  ? 1.468   -19.320 -18.656 1.00 146.80 ? 4   DC  A N1     1 
ATOM   109  C  C2     . DC  A 1 4  ? 0.567   -18.577 -19.427 1.00 143.65 ? 4   DC  A C2     1 
ATOM   110  O  O2     . DC  A 1 4  ? 0.964   -18.041 -20.469 1.00 146.14 ? 4   DC  A O2     1 
ATOM   111  N  N3     . DC  A 1 4  ? -0.717  -18.458 -19.003 1.00 135.71 ? 4   DC  A N3     1 
ATOM   112  C  C4     . DC  A 1 4  ? -1.107  -19.052 -17.873 1.00 133.98 ? 4   DC  A C4     1 
ATOM   113  N  N4     . DC  A 1 4  ? -2.381  -18.905 -17.498 1.00 125.59 ? 4   DC  A N4     1 
ATOM   114  C  C5     . DC  A 1 4  ? -0.206  -19.822 -17.081 1.00 138.88 ? 4   DC  A C5     1 
ATOM   115  C  C6     . DC  A 1 4  ? 1.057   -19.932 -17.506 1.00 138.66 ? 4   DC  A C6     1 
ATOM   116  H  "H5'"  . DC  A 1 4  ? 6.391   -21.076 -17.154 1.00 175.40 ? 4   DC  A "H5'"  1 
ATOM   117  H  "H5''" . DC  A 1 4  ? 5.071   -20.781 -16.335 1.00 175.40 ? 4   DC  A "H5''" 1 
ATOM   118  H  "H4'"  . DC  A 1 4  ? 5.284   -20.679 -19.152 1.00 180.46 ? 4   DC  A "H4'"  1 
ATOM   119  H  "H3'"  . DC  A 1 4  ? 5.104   -18.577 -17.316 1.00 178.23 ? 4   DC  A "H3'"  1 
ATOM   120  H  "H2'"  . DC  A 1 4  ? 3.351   -17.646 -18.290 1.00 170.16 ? 4   DC  A "H2'"  1 
ATOM   121  H  "H2''" . DC  A 1 4  ? 3.992   -17.847 -19.735 1.00 170.16 ? 4   DC  A "H2''" 1 
ATOM   122  H  "H1'"  . DC  A 1 4  ? 2.879   -19.701 -20.067 1.00 182.46 ? 4   DC  A "H1'"  1 
ATOM   123  H  H41    . DC  A 1 4  ? -2.662  -19.275 -16.775 1.00 150.70 ? 4   DC  A H41    1 
ATOM   124  H  H42    . DC  A 1 4  ? -2.920  -18.439 -17.980 1.00 150.70 ? 4   DC  A H42    1 
ATOM   125  H  H5     . DC  A 1 4  ? -0.487  -20.232 -16.294 1.00 166.65 ? 4   DC  A H5     1 
ATOM   126  H  H6     . DC  A 1 4  ? 1.666   -20.428 -17.008 1.00 166.39 ? 4   DC  A H6     1 
ATOM   127  P  P      . DA  A 1 5  ? 7.421   -17.715 -18.140 1.00 164.92 ? 5   DA  A P      1 
ATOM   128  O  OP1    . DA  A 1 5  ? 8.622   -17.747 -19.005 1.00 144.90 ? 5   DA  A OP1    1 
ATOM   129  O  OP2    . DA  A 1 5  ? 7.480   -18.287 -16.776 1.00 150.55 ? 5   DA  A OP2    1 
ATOM   130  O  "O5'"  . DA  A 1 5  ? 6.921   -16.201 -18.023 1.00 155.45 ? 5   DA  A "O5'"  1 
ATOM   131  C  "C5'"  . DA  A 1 5  ? 7.027   -15.337 -19.145 1.00 143.39 ? 5   DA  A "C5'"  1 
ATOM   132  C  "C4'"  . DA  A 1 5  ? 5.701   -14.663 -19.447 1.00 141.65 ? 5   DA  A "C4'"  1 
ATOM   133  O  "O4'"  . DA  A 1 5  ? 4.618   -15.442 -18.895 1.00 134.34 ? 5   DA  A "O4'"  1 
ATOM   134  C  "C3'"  . DA  A 1 5  ? 5.541   -13.272 -18.843 1.00 138.39 ? 5   DA  A "C3'"  1 
ATOM   135  O  "O3'"  . DA  A 1 5  ? 5.789   -12.262 -19.814 1.00 139.34 ? 5   DA  A "O3'"  1 
ATOM   136  C  "C2'"  . DA  A 1 5  ? 4.097   -13.237 -18.329 1.00 129.01 ? 5   DA  A "C2'"  1 
ATOM   137  C  "C1'"  . DA  A 1 5  ? 3.517   -14.591 -18.704 1.00 127.85 ? 5   DA  A "C1'"  1 
ATOM   138  N  N9     . DA  A 1 5  ? 2.636   -15.162 -17.681 1.00 120.58 ? 5   DA  A N9     1 
ATOM   139  C  C8     . DA  A 1 5  ? 3.002   -15.907 -16.592 1.00 125.19 ? 5   DA  A C8     1 
ATOM   140  N  N7     . DA  A 1 5  ? 1.991   -16.294 -15.850 1.00 133.36 ? 5   DA  A N7     1 
ATOM   141  C  C5     . DA  A 1 5  ? 0.885   -15.754 -16.485 1.00 135.24 ? 5   DA  A C5     1 
ATOM   142  C  C6     . DA  A 1 5  ? -0.494  -15.796 -16.191 1.00 132.01 ? 5   DA  A C6     1 
ATOM   143  N  N6     . DA  A 1 5  ? -1.003  -16.437 -15.134 1.00 131.99 ? 5   DA  A N6     1 
ATOM   144  N  N1     . DA  A 1 5  ? -1.332  -15.152 -17.030 1.00 130.14 ? 5   DA  A N1     1 
ATOM   145  C  C2     . DA  A 1 5  ? -0.819  -14.512 -18.088 1.00 133.78 ? 5   DA  A C2     1 
ATOM   146  N  N3     . DA  A 1 5  ? 0.454   -14.403 -18.467 1.00 135.00 ? 5   DA  A N3     1 
ATOM   147  C  C4     . DA  A 1 5  ? 1.263   -15.052 -17.614 1.00 133.00 ? 5   DA  A C4     1 
ATOM   148  H  "H5'"  . DA  A 1 5  ? 7.304   -15.853 -19.918 1.00 172.07 ? 5   DA  A "H5'"  1 
ATOM   149  H  "H5''" . DA  A 1 5  ? 7.694   -14.657 -18.961 1.00 172.07 ? 5   DA  A "H5''" 1 
ATOM   150  H  "H4'"  . DA  A 1 5  ? 5.588   -14.604 -20.409 1.00 169.98 ? 5   DA  A "H4'"  1 
ATOM   151  H  "H3'"  . DA  A 1 5  ? 6.155   -13.167 -18.099 1.00 166.07 ? 5   DA  A "H3'"  1 
ATOM   152  H  "H2'"  . DA  A 1 5  ? 4.083   -13.120 -17.365 1.00 154.81 ? 5   DA  A "H2'"  1 
ATOM   153  H  "H2''" . DA  A 1 5  ? 3.600   -12.526 -18.763 1.00 154.81 ? 5   DA  A "H2''" 1 
ATOM   154  H  "H1'"  . DA  A 1 5  ? 3.029   -14.509 -19.538 1.00 153.42 ? 5   DA  A "H1'"  1 
ATOM   155  H  H8     . DA  A 1 5  ? 3.884   -16.135 -16.406 1.00 150.23 ? 5   DA  A H8     1 
ATOM   156  H  H61    . DA  A 1 5  ? -1.851  -16.436 -14.997 1.00 158.39 ? 5   DA  A H61    1 
ATOM   157  H  H62    . DA  A 1 5  ? -0.480  -16.853 -14.591 1.00 158.39 ? 5   DA  A H62    1 
ATOM   158  H  H2     . DA  A 1 5  ? -1.437  -14.084 -18.635 1.00 160.54 ? 5   DA  A H2     1 
ATOM   159  P  P      . DG  A 1 6  ? 6.945   -11.173 -19.567 1.00 156.64 ? 6   DG  A P      1 
ATOM   160  O  OP1    . DG  A 1 6  ? 6.911   -10.213 -20.693 1.00 152.62 ? 6   DG  A OP1    1 
ATOM   161  O  OP2    . DG  A 1 6  ? 8.190   -11.917 -19.268 1.00 142.62 ? 6   DG  A OP2    1 
ATOM   162  O  "O5'"  . DG  A 1 6  ? 6.496   -10.427 -18.223 1.00 153.54 ? 6   DG  A "O5'"  1 
ATOM   163  C  "C5'"  . DG  A 1 6  ? 6.059   -9.066  -18.264 1.00 145.37 ? 6   DG  A "C5'"  1 
ATOM   164  C  "C4'"  . DG  A 1 6  ? 4.585   -8.975  -18.618 1.00 139.82 ? 6   DG  A "C4'"  1 
ATOM   165  O  "O4'"  . DG  A 1 6  ? 3.921   -10.186 -18.209 1.00 133.23 ? 6   DG  A "O4'"  1 
ATOM   166  C  "C3'"  . DG  A 1 6  ? 3.820   -7.860  -17.920 1.00 143.97 ? 6   DG  A "C3'"  1 
ATOM   167  O  "O3'"  . DG  A 1 6  ? 3.831   -6.664  -18.694 1.00 150.75 ? 6   DG  A "O3'"  1 
ATOM   168  C  "C2'"  . DG  A 1 6  ? 2.404   -8.426  -17.759 1.00 135.59 ? 6   DG  A "C2'"  1 
ATOM   169  C  "C1'"  . DG  A 1 6  ? 2.549   -9.923  -18.010 1.00 128.30 ? 6   DG  A "C1'"  1 
ATOM   170  N  N9     . DG  A 1 6  ? 2.069   -10.765 -16.915 1.00 125.06 ? 6   DG  A N9     1 
ATOM   171  C  C8     . DG  A 1 6  ? 2.834   -11.508 -16.053 1.00 126.09 ? 6   DG  A C8     1 
ATOM   172  N  N7     . DG  A 1 6  ? 2.138   -12.193 -15.193 1.00 123.02 ? 6   DG  A N7     1 
ATOM   173  C  C5     . DG  A 1 6  ? 0.823   -11.872 -15.488 1.00 129.67 ? 6   DG  A C5     1 
ATOM   174  C  C6     . DG  A 1 6  ? -0.375  -12.306 -14.877 1.00 127.32 ? 6   DG  A C6     1 
ATOM   175  O  O6     . DG  A 1 6  ? -0.511  -13.084 -13.922 1.00 115.49 ? 6   DG  A O6     1 
ATOM   176  N  N1     . DG  A 1 6  ? -1.495  -11.743 -15.481 1.00 128.98 ? 6   DG  A N1     1 
ATOM   177  C  C2     . DG  A 1 6  ? -1.460  -10.870 -16.543 1.00 133.89 ? 6   DG  A C2     1 
ATOM   178  N  N2     . DG  A 1 6  ? -2.646  -10.436 -16.992 1.00 127.69 ? 6   DG  A N2     1 
ATOM   179  N  N3     . DG  A 1 6  ? -0.341  -10.454 -17.129 1.00 127.21 ? 6   DG  A N3     1 
ATOM   180  C  C4     . DG  A 1 6  ? 0.759   -10.996 -16.550 1.00 129.86 ? 6   DG  A C4     1 
ATOM   181  H  "H5'"  . DG  A 1 6  ? 6.577   -8.587  -18.930 1.00 174.45 ? 6   DG  A "H5'"  1 
ATOM   182  H  "H5''" . DG  A 1 6  ? 6.203   -8.659  -17.395 1.00 174.45 ? 6   DG  A "H5''" 1 
ATOM   183  H  "H4'"  . DG  A 1 6  ? 4.494   -8.871  -19.578 1.00 167.79 ? 6   DG  A "H4'"  1 
ATOM   184  H  "H3'"  . DG  A 1 6  ? 4.208   -7.692  -17.047 1.00 172.77 ? 6   DG  A "H3'"  1 
ATOM   185  H  "H2'"  . DG  A 1 6  ? 2.078   -8.265  -16.860 1.00 162.70 ? 6   DG  A "H2'"  1 
ATOM   186  H  "H2''" . DG  A 1 6  ? 1.807   -8.030  -18.412 1.00 162.70 ? 6   DG  A "H2''" 1 
ATOM   187  H  "H1'"  . DG  A 1 6  ? 2.065   -10.153 -18.818 1.00 153.96 ? 6   DG  A "H1'"  1 
ATOM   188  H  H8     . DG  A 1 6  ? 3.762   -11.543 -16.099 1.00 151.31 ? 6   DG  A H8     1 
ATOM   189  H  H1     . DG  A 1 6  ? -2.266  -11.956 -15.167 1.00 154.77 ? 6   DG  A H1     1 
ATOM   190  H  H21    . DG  A 1 6  ? -2.682  -9.890  -17.655 1.00 153.23 ? 6   DG  A H21    1 
ATOM   191  H  H22    . DG  A 1 6  ? -3.372  -10.702 -16.615 1.00 153.23 ? 6   DG  A H22    1 
ATOM   192  P  P      . DA  A 1 7  ? 2.915   -5.413  -18.265 1.00 156.66 ? 7   DA  A P      1 
ATOM   193  O  OP1    . DA  A 1 7  ? 3.344   -4.240  -19.060 1.00 130.55 ? 7   DA  A OP1    1 
ATOM   194  O  OP2    . DA  A 1 7  ? 2.926   -5.346  -16.787 1.00 132.84 ? 7   DA  A OP2    1 
ATOM   195  O  "O5'"  . DA  A 1 7  ? 1.441   -5.844  -18.716 1.00 149.74 ? 7   DA  A "O5'"  1 
ATOM   196  C  "C5'"  . DA  A 1 7  ? 0.406   -4.876  -18.800 1.00 145.47 ? 7   DA  A "C5'"  1 
ATOM   197  C  "C4'"  . DA  A 1 7  ? -0.647  -5.092  -17.722 1.00 141.82 ? 7   DA  A "C4'"  1 
ATOM   198  O  "O4'"  . DA  A 1 7  ? -0.446  -6.379  -17.074 1.00 135.35 ? 7   DA  A "O4'"  1 
ATOM   199  C  "C3'"  . DA  A 1 7  ? -0.637  -4.053  -16.588 1.00 142.32 ? 7   DA  A "C3'"  1 
ATOM   200  O  "O3'"  . DA  A 1 7  ? -1.817  -3.254  -16.616 1.00 152.28 ? 7   DA  A "O3'"  1 
ATOM   201  C  "C2'"  . DA  A 1 7  ? -0.541  -4.888  -15.307 1.00 137.40 ? 7   DA  A "C2'"  1 
ATOM   202  C  "C1'"  . DA  A 1 7  ? -0.952  -6.273  -15.767 1.00 128.58 ? 7   DA  A "C1'"  1 
ATOM   203  N  N9     . DA  A 1 7  ? -0.424  -7.346  -14.927 1.00 122.83 ? 7   DA  A N9     1 
ATOM   204  C  C8     . DA  A 1 7  ? 0.886   -7.694  -14.756 1.00 116.59 ? 7   DA  A C8     1 
ATOM   205  N  N7     . DA  A 1 7  ? 1.067   -8.689  -13.920 1.00 113.78 ? 7   DA  A N7     1 
ATOM   206  C  C5     . DA  A 1 7  ? -0.213  -9.006  -13.499 1.00 125.27 ? 7   DA  A C5     1 
ATOM   207  C  C6     . DA  A 1 7  ? -0.705  -9.972  -12.600 1.00 127.28 ? 7   DA  A C6     1 
ATOM   208  N  N6     . DA  A 1 7  ? 0.080   -10.835 -11.944 1.00 122.90 ? 7   DA  A N6     1 
ATOM   209  N  N1     . DA  A 1 7  ? -2.039  -10.023 -12.404 1.00 122.49 ? 7   DA  A N1     1 
ATOM   210  C  C2     . DA  A 1 7  ? -2.820  -9.159  -13.063 1.00 124.18 ? 7   DA  A C2     1 
ATOM   211  N  N3     . DA  A 1 7  ? -2.475  -8.207  -13.929 1.00 123.69 ? 7   DA  A N3     1 
ATOM   212  C  C4     . DA  A 1 7  ? -1.144  -8.185  -14.106 1.00 125.26 ? 7   DA  A C4     1 
ATOM   213  H  "H5'"  . DA  A 1 7  ? -0.015  -4.938  -19.672 1.00 174.56 ? 7   DA  A "H5'"  1 
ATOM   214  H  "H5''" . DA  A 1 7  ? 0.790   -3.992  -18.695 1.00 174.56 ? 7   DA  A "H5''" 1 
ATOM   215  H  "H4'"  . DA  A 1 7  ? -1.523  -5.088  -18.138 1.00 170.19 ? 7   DA  A "H4'"  1 
ATOM   216  H  "H3'"  . DA  A 1 7  ? 0.147   -3.487  -16.669 1.00 170.79 ? 7   DA  A "H3'"  1 
ATOM   217  H  "H2'"  . DA  A 1 7  ? 0.368   -4.895  -14.969 1.00 164.88 ? 7   DA  A "H2'"  1 
ATOM   218  H  "H2''" . DA  A 1 7  ? -1.157  -4.555  -14.634 1.00 164.88 ? 7   DA  A "H2''" 1 
ATOM   219  H  "H1'"  . DA  A 1 7  ? -1.920  -6.330  -15.792 1.00 154.30 ? 7   DA  A "H1'"  1 
ATOM   220  H  H8     . DA  A 1 7  ? 1.583   -7.275  -15.205 1.00 139.91 ? 7   DA  A H8     1 
ATOM   221  H  H61    . DA  A 1 7  ? -0.267  -11.410 -11.408 1.00 147.49 ? 7   DA  A H61    1 
ATOM   222  H  H62    . DA  A 1 7  ? 0.932   -10.814 -12.060 1.00 147.49 ? 7   DA  A H62    1 
ATOM   223  H  H2     . DA  A 1 7  ? -3.732  -9.234  -12.893 1.00 149.01 ? 7   DA  A H2     1 
ATOM   224  P  P      . DC  A 1 8  ? -2.027  -2.092  -15.524 1.00 157.55 ? 8   DC  A P      1 
ATOM   225  O  OP1    . DC  A 1 8  ? -2.970  -1.104  -16.094 1.00 152.50 ? 8   DC  A OP1    1 
ATOM   226  O  OP2    . DC  A 1 8  ? -0.686  -1.659  -15.076 1.00 149.93 ? 8   DC  A OP2    1 
ATOM   227  O  "O5'"  . DC  A 1 8  ? -2.734  -2.836  -14.292 1.00 124.95 ? 8   DC  A "O5'"  1 
ATOM   228  C  "C5'"  . DC  A 1 8  ? -4.057  -3.349  -14.431 1.00 129.27 ? 8   DC  A "C5'"  1 
ATOM   229  C  "C4'"  . DC  A 1 8  ? -4.442  -4.215  -13.240 1.00 133.44 ? 8   DC  A "C4'"  1 
ATOM   230  O  "O4'"  . DC  A 1 8  ? -3.478  -5.272  -13.080 1.00 135.89 ? 8   DC  A "O4'"  1 
ATOM   231  C  "C3'"  . DC  A 1 8  ? -4.461  -3.499  -11.893 1.00 131.72 ? 8   DC  A "C3'"  1 
ATOM   232  O  "O3'"  . DC  A 1 8  ? -5.767  -3.017  -11.593 1.00 139.13 ? 8   DC  A "O3'"  1 
ATOM   233  C  "C2'"  . DC  A 1 8  ? -3.996  -4.566  -10.889 1.00 127.91 ? 8   DC  A "C2'"  1 
ATOM   234  C  "C1'"  . DC  A 1 8  ? -3.553  -5.746  -11.755 1.00 129.22 ? 8   DC  A "C1'"  1 
ATOM   235  N  N1     . DC  A 1 8  ? -2.227  -6.309  -11.370 1.00 127.98 ? 8   DC  A N1     1 
ATOM   236  C  C2     . DC  A 1 8  ? -2.156  -7.306  -10.388 1.00 123.49 ? 8   DC  A C2     1 
ATOM   237  O  O2     . DC  A 1 8  ? -3.198  -7.699  -9.850  1.00 122.28 ? 8   DC  A O2     1 
ATOM   238  N  N3     . DC  A 1 8  ? -0.943  -7.809  -10.052 1.00 121.14 ? 8   DC  A N3     1 
ATOM   239  C  C4     . DC  A 1 8  ? 0.159   -7.357  -10.652 1.00 125.88 ? 8   DC  A C4     1 
ATOM   240  N  N4     . DC  A 1 8  ? 1.331   -7.885  -10.287 1.00 126.27 ? 8   DC  A N4     1 
ATOM   241  C  C5     . DC  A 1 8  ? 0.106   -6.342  -11.655 1.00 125.78 ? 8   DC  A C5     1 
ATOM   242  C  C6     . DC  A 1 8  ? -1.095  -5.851  -11.977 1.00 125.40 ? 8   DC  A C6     1 
ATOM   243  H  "H5'"  . DC  A 1 8  ? -4.107  -3.881  -15.240 1.00 155.12 ? 8   DC  A "H5'"  1 
ATOM   244  H  "H5''" . DC  A 1 8  ? -4.679  -2.607  -14.499 1.00 155.12 ? 8   DC  A "H5''" 1 
ATOM   245  H  "H4'"  . DC  A 1 8  ? -5.315  -4.604  -13.402 1.00 160.13 ? 8   DC  A "H4'"  1 
ATOM   246  H  "H3'"  . DC  A 1 8  ? -3.831  -2.761  -11.903 1.00 158.06 ? 8   DC  A "H3'"  1 
ATOM   247  H  "H2'"  . DC  A 1 8  ? -3.252  -4.234  -10.364 1.00 153.49 ? 8   DC  A "H2'"  1 
ATOM   248  H  "H2''" . DC  A 1 8  ? -4.730  -4.828  -10.312 1.00 153.49 ? 8   DC  A "H2''" 1 
ATOM   249  H  "H1'"  . DC  A 1 8  ? -4.223  -6.446  -11.706 1.00 155.06 ? 8   DC  A "H1'"  1 
ATOM   250  H  H41    . DC  A 1 8  ? 2.059   -7.614  -10.657 1.00 151.52 ? 8   DC  A H41    1 
ATOM   251  H  H42    . DC  A 1 8  ? 1.359   -8.497  -9.683  1.00 151.52 ? 8   DC  A H42    1 
ATOM   252  H  H5     . DC  A 1 8  ? 0.880   -6.036  -12.071 1.00 150.93 ? 8   DC  A H5     1 
ATOM   253  H  H6     . DC  A 1 8  ? -1.160  -5.194  -12.632 1.00 150.47 ? 8   DC  A H6     1 
ATOM   254  P  P      . DC  A 1 9  ? -6.030  -2.193  -10.238 1.00 152.49 ? 9   DC  A P      1 
ATOM   255  O  OP1    . DC  A 1 9  ? -7.237  -1.364  -10.448 1.00 153.74 ? 9   DC  A OP1    1 
ATOM   256  O  OP2    . DC  A 1 9  ? -4.755  -1.555  -9.845  1.00 136.73 ? 9   DC  A OP2    1 
ATOM   257  O  "O5'"  . DC  A 1 9  ? -6.363  -3.322  -9.154  1.00 132.68 ? 9   DC  A "O5'"  1 
ATOM   258  C  "C5'"  . DC  A 1 9  ? -7.578  -4.053  -9.241  1.00 137.21 ? 9   DC  A "C5'"  1 
ATOM   259  C  "C4'"  . DC  A 1 9  ? -7.736  -4.996  -8.061  1.00 142.85 ? 9   DC  A "C4'"  1 
ATOM   260  O  "O4'"  . DC  A 1 9  ? -6.564  -5.869  -7.974  1.00 143.83 ? 9   DC  A "O4'"  1 
ATOM   261  C  "C3'"  . DC  A 1 9  ? -7.838  -4.313  -6.696  1.00 138.10 ? 9   DC  A "C3'"  1 
ATOM   262  O  "O3'"  . DC  A 1 9  ? -8.764  -5.020  -5.849  1.00 146.07 ? 9   DC  A "O3'"  1 
ATOM   263  C  "C2'"  . DC  A 1 9  ? -6.398  -4.376  -6.204  1.00 136.80 ? 9   DC  A "C2'"  1 
ATOM   264  C  "C1'"  . DC  A 1 9  ? -5.992  -5.753  -6.686  1.00 132.98 ? 9   DC  A "C1'"  1 
ATOM   265  N  N1     . DC  A 1 9  ? -4.514  -5.967  -6.775  1.00 130.97 ? 9   DC  A N1     1 
ATOM   266  C  C2     . DC  A 1 9  ? -3.891  -6.871  -5.906  1.00 118.89 ? 9   DC  A C2     1 
ATOM   267  O  O2     . DC  A 1 9  ? -4.577  -7.487  -5.079  1.00 117.05 ? 9   DC  A O2     1 
ATOM   268  N  N3     . DC  A 1 9  ? -2.550  -7.054  -5.999  1.00 110.63 ? 9   DC  A N3     1 
ATOM   269  C  C4     . DC  A 1 9  ? -1.846  -6.374  -6.904  1.00 117.82 ? 9   DC  A C4     1 
ATOM   270  N  N4     . DC  A 1 9  ? -0.527  -6.588  -6.956  1.00 109.66 ? 9   DC  A N4     1 
ATOM   271  C  C5     . DC  A 1 9  ? -2.461  -5.445  -7.793  1.00 129.62 ? 9   DC  A C5     1 
ATOM   272  C  C6     . DC  A 1 9  ? -3.784  -5.275  -7.695  1.00 133.77 ? 9   DC  A C6     1 
ATOM   273  H  "H5'"  . DC  A 1 9  ? -7.582  -4.569  -10.063 1.00 164.65 ? 9   DC  A "H5'"  1 
ATOM   274  H  "H5''" . DC  A 1 9  ? -8.323  -3.432  -9.252  1.00 164.65 ? 9   DC  A "H5''" 1 
ATOM   275  H  "H4'"  . DC  A 1 9  ? -8.525  -5.543  -8.199  1.00 171.42 ? 9   DC  A "H4'"  1 
ATOM   276  H  "H3'"  . DC  A 1 9  ? -8.116  -3.390  -6.804  1.00 165.72 ? 9   DC  A "H3'"  1 
ATOM   277  H  "H2'"  . DC  A 1 9  ? -5.857  -3.688  -6.620  1.00 164.16 ? 9   DC  A "H2'"  1 
ATOM   278  H  "H2''" . DC  A 1 9  ? -6.359  -4.320  -5.237  1.00 164.16 ? 9   DC  A "H2''" 1 
ATOM   279  H  "H1'"  . DC  A 1 9  ? -6.378  -6.423  -6.102  1.00 159.57 ? 9   DC  A "H1'"  1 
ATOM   280  H  H41    . DC  A 1 9  ? -0.045  -6.164  -7.529  1.00 131.59 ? 9   DC  A H41    1 
ATOM   281  H  H42    . DC  A 1 9  ? -0.161  -7.148  -6.416  1.00 131.59 ? 9   DC  A H42    1 
ATOM   282  H  H5     . DC  A 1 9  ? -1.960  -4.977  -8.422  1.00 155.54 ? 9   DC  A H5     1 
ATOM   283  H  H6     . DC  A 1 9  ? -4.212  -4.676  -8.264  1.00 160.53 ? 9   DC  A H6     1 
ATOM   284  P  P      . DT  A 1 10 ? -8.623  -4.990  -4.248  1.00 153.82 ? 10  DT  A P      1 
ATOM   285  O  OP1    . DT  A 1 10 ? -9.817  -5.653  -3.677  1.00 142.25 ? 10  DT  A OP1    1 
ATOM   286  O  OP2    . DT  A 1 10 ? -8.297  -3.601  -3.855  1.00 148.76 ? 10  DT  A OP2    1 
ATOM   287  O  "O5'"  . DT  A 1 10 ? -7.329  -5.892  -3.968  1.00 136.47 ? 10  DT  A "O5'"  1 
ATOM   288  C  "C5'"  . DT  A 1 10 ? -7.462  -7.264  -3.610  1.00 129.06 ? 10  DT  A "C5'"  1 
ATOM   289  C  "C4'"  . DT  A 1 10 ? -6.964  -7.491  -2.198  1.00 130.21 ? 10  DT  A "C4'"  1 
ATOM   290  O  "O4'"  . DT  A 1 10 ? -5.512  -7.643  -2.209  1.00 123.48 ? 10  DT  A "O4'"  1 
ATOM   291  C  "C3'"  . DT  A 1 10 ? -7.253  -6.339  -1.241  1.00 137.89 ? 10  DT  A "C3'"  1 
ATOM   292  O  "O3'"  . DT  A 1 10 ? -7.577  -6.822  0.054   1.00 142.53 ? 10  DT  A "O3'"  1 
ATOM   293  C  "C2'"  . DT  A 1 10 ? -5.950  -5.559  -1.260  1.00 128.82 ? 10  DT  A "C2'"  1 
ATOM   294  C  "C1'"  . DT  A 1 10 ? -4.930  -6.683  -1.348  1.00 125.47 ? 10  DT  A "C1'"  1 
ATOM   295  N  N1     . DT  A 1 10 ? -3.578  -6.286  -1.888  1.00 117.18 ? 10  DT  A N1     1 
ATOM   296  C  C2     . DT  A 1 10 ? -2.452  -6.872  -1.357  1.00 111.13 ? 10  DT  A C2     1 
ATOM   297  O  O2     . DT  A 1 10 ? -2.489  -7.698  -0.462  1.00 108.24 ? 10  DT  A O2     1 
ATOM   298  N  N3     . DT  A 1 10 ? -1.272  -6.455  -1.910  1.00 103.73 ? 10  DT  A N3     1 
ATOM   299  C  C4     . DT  A 1 10 ? -1.105  -5.530  -2.922  1.00 105.09 ? 10  DT  A C4     1 
ATOM   300  O  O4     . DT  A 1 10 ? 0.003   -5.220  -3.352  1.00 100.54 ? 10  DT  A O4     1 
ATOM   301  C  C5     . DT  A 1 10 ? -2.323  -4.952  -3.438  1.00 114.07 ? 10  DT  A C5     1 
ATOM   302  C  C7     . DT  A 1 10 ? -2.268  -3.934  -4.539  1.00 115.75 ? 10  DT  A C7     1 
ATOM   303  C  C6     . DT  A 1 10 ? -3.490  -5.353  -2.904  1.00 118.05 ? 10  DT  A C6     1 
ATOM   304  H  "H5'"  . DT  A 1 10 ? -6.944  -7.808  -4.224  1.00 154.87 ? 10  DT  A "H5'"  1 
ATOM   305  H  "H5''" . DT  A 1 10 ? -8.396  -7.520  -3.665  1.00 154.87 ? 10  DT  A "H5''" 1 
ATOM   306  H  "H4'"  . DT  A 1 10 ? -7.365  -8.302  -1.847  1.00 156.25 ? 10  DT  A "H4'"  1 
ATOM   307  H  "H3'"  . DT  A 1 10 ? -7.976  -5.792  -1.585  1.00 165.46 ? 10  DT  A "H3'"  1 
ATOM   308  H  "H2'"  . DT  A 1 10 ? -5.901  -4.984  -2.040  1.00 154.58 ? 10  DT  A "H2'"  1 
ATOM   309  H  "H2''" . DT  A 1 10 ? -5.838  -5.050  -0.442  1.00 154.58 ? 10  DT  A "H2''" 1 
ATOM   310  H  "H1'"  . DT  A 1 10 ? -4.816  -7.075  -0.467  1.00 150.56 ? 10  DT  A "H1'"  1 
ATOM   311  H  H3     . DT  A 1 10 ? -0.555  -6.808  -1.593  1.00 124.48 ? 10  DT  A H3     1 
ATOM   312  H  H71    . DT  A 1 10 ? -2.754  -4.264  -5.310  1.00 138.90 ? 10  DT  A H71    1 
ATOM   313  H  H72    . DT  A 1 10 ? -2.669  -3.105  -4.233  1.00 138.90 ? 10  DT  A H72    1 
ATOM   314  H  H73    . DT  A 1 10 ? -1.343  -3.774  -4.785  1.00 138.90 ? 10  DT  A H73    1 
ATOM   315  H  H6     . DT  A 1 10 ? -4.277  -4.982  -3.233  1.00 141.66 ? 10  DT  A H6     1 
ATOM   316  P  P      . DG  A 1 11 ? -8.469  -5.929  1.047   1.00 152.73 ? 11  DG  A P      1 
ATOM   317  O  OP1    . DG  A 1 11 ? -9.721  -5.595  0.330   1.00 149.53 ? 11  DG  A OP1    1 
ATOM   318  O  OP2    . DG  A 1 11 ? -7.613  -4.841  1.571   1.00 135.84 ? 11  DG  A OP2    1 
ATOM   319  O  "O5'"  . DG  A 1 11 ? -8.824  -6.923  2.253   1.00 144.66 ? 11  DG  A "O5'"  1 
ATOM   320  C  "C5'"  . DG  A 1 11 ? -7.918  -7.964  2.628   1.00 131.61 ? 11  DG  A "C5'"  1 
ATOM   321  C  "C4'"  . DG  A 1 11 ? -6.793  -7.442  3.514   1.00 137.37 ? 11  DG  A "C4'"  1 
ATOM   322  O  "O4'"  . DG  A 1 11 ? -5.652  -7.098  2.705   1.00 134.80 ? 11  DG  A "O4'"  1 
ATOM   323  C  "C3'"  . DG  A 1 11 ? -7.105  -6.173  4.311   1.00 133.84 ? 11  DG  A "C3'"  1 
ATOM   324  O  "O3'"  . DG  A 1 11 ? -7.581  -6.526  5.635   1.00 124.14 ? 11  DG  A "O3'"  1 
ATOM   325  C  "C2'"  . DG  A 1 11 ? -5.768  -5.386  4.301   1.00 120.00 ? 11  DG  A "C2'"  1 
ATOM   326  C  "C1'"  . DG  A 1 11 ? -4.829  -6.246  3.457   1.00 113.57 ? 11  DG  A "C1'"  1 
ATOM   327  N  N9     . DG  A 1 11 ? -3.977  -5.493  2.539   1.00 106.88 ? 11  DG  A N9     1 
ATOM   328  C  C8     . DG  A 1 11 ? -4.381  -4.584  1.592   1.00 111.20 ? 11  DG  A C8     1 
ATOM   329  N  N7     . DG  A 1 11 ? -3.398  -4.079  0.902   1.00 105.91 ? 11  DG  A N7     1 
ATOM   330  C  C5     . DG  A 1 11 ? -2.267  -4.690  1.425   1.00 103.96 ? 11  DG  A C5     1 
ATOM   331  C  C6     . DG  A 1 11 ? -0.905  -4.537  1.077   1.00 105.26 ? 11  DG  A C6     1 
ATOM   332  O  O6     . DG  A 1 11 ? -0.413  -3.805  0.208   1.00 107.60 ? 11  DG  A O6     1 
ATOM   333  N  N1     . DG  A 1 11 ? -0.080  -5.344  1.856   1.00 101.75 ? 11  DG  A N1     1 
ATOM   334  C  C2     . DG  A 1 11 ? -0.517  -6.192  2.846   1.00 95.33  ? 11  DG  A C2     1 
ATOM   335  N  N2     . DG  A 1 11 ? 0.429   -6.891  3.489   1.00 98.34  ? 11  DG  A N2     1 
ATOM   336  N  N3     . DG  A 1 11 ? -1.790  -6.345  3.183   1.00 101.90 ? 11  DG  A N3     1 
ATOM   337  C  C4     . DG  A 1 11 ? -2.607  -5.566  2.432   1.00 105.84 ? 11  DG  A C4     1 
ATOM   338  H  "H5'"  . DG  A 1 11 ? -7.534  -8.352  1.826   1.00 157.93 ? 11  DG  A "H5'"  1 
ATOM   339  H  "H5''" . DG  A 1 11 ? -8.405  -8.650  3.109   1.00 157.93 ? 11  DG  A "H5''" 1 
ATOM   340  H  "H4'"  . DG  A 1 11 ? -6.534  -8.142  4.134   1.00 164.85 ? 11  DG  A "H4'"  1 
ATOM   341  H  "H3'"  . DG  A 1 11 ? -7.786  -5.661  3.847   1.00 160.61 ? 11  DG  A "H3'"  1 
ATOM   342  H  "H2'"  . DG  A 1 11 ? -5.890  -4.515  3.892   1.00 144.00 ? 11  DG  A "H2'"  1 
ATOM   343  H  "H2''" . DG  A 1 11 ? -5.424  -5.292  5.203   1.00 144.00 ? 11  DG  A "H2''" 1 
ATOM   344  H  "H1'"  . DG  A 1 11 ? -4.270  -6.780  4.044   1.00 136.28 ? 11  DG  A "H1'"  1 
ATOM   345  H  H8     . DG  A 1 11 ? -5.272  -4.357  1.451   1.00 133.44 ? 11  DG  A H8     1 
ATOM   346  H  H1     . DG  A 1 11 ? 0.766   -5.308  1.708   1.00 122.09 ? 11  DG  A H1     1 
ATOM   347  H  H21    . DG  A 1 11 ? 0.209   -7.436  4.116   1.00 118.00 ? 11  DG  A H21    1 
ATOM   348  H  H22    . DG  A 1 11 ? 1.256   -6.795  3.274   1.00 118.00 ? 11  DG  A H22    1 
ATOM   349  P  P      . DA  A 1 12 ? -7.143  -5.716  6.953   1.00 138.49 ? 12  DA  A P      1 
ATOM   350  O  OP1    . DA  A 1 12 ? -8.053  -6.131  8.043   1.00 148.79 ? 12  DA  A OP1    1 
ATOM   351  O  OP2    . DA  A 1 12 ? -7.019  -4.282  6.606   1.00 119.10 ? 12  DA  A OP2    1 
ATOM   352  O  "O5'"  . DA  A 1 12 ? -5.687  -6.291  7.266   1.00 120.60 ? 12  DA  A "O5'"  1 
ATOM   353  C  "C5'"  . DA  A 1 12 ? -5.103  -6.115  8.548   1.00 115.09 ? 12  DA  A "C5'"  1 
ATOM   354  C  "C4'"  . DA  A 1 12 ? -3.617  -6.416  8.499   1.00 112.86 ? 12  DA  A "C4'"  1 
ATOM   355  O  "O4'"  . DA  A 1 12 ? -3.117  -6.084  7.182   1.00 108.44 ? 12  DA  A "O4'"  1 
ATOM   356  C  "C3'"  . DA  A 1 12 ? -2.768  -5.632  9.502   1.00 117.76 ? 12  DA  A "C3'"  1 
ATOM   357  O  "O3'"  . DA  A 1 12 ? -2.071  -6.527  10.368  1.00 131.68 ? 12  DA  A "O3'"  1 
ATOM   358  C  "C2'"  . DA  A 1 12 ? -1.816  -4.793  8.643   1.00 104.35 ? 12  DA  A "C2'"  1 
ATOM   359  C  "C1'"  . DA  A 1 12 ? -1.858  -5.469  7.283   1.00 94.59  ? 12  DA  A "C1'"  1 
ATOM   360  N  N9     . DA  A 1 12 ? -1.711  -4.548  6.159   1.00 105.15 ? 12  DA  A N9     1 
ATOM   361  C  C8     . DA  A 1 12 ? -2.716  -3.925  5.471   1.00 106.85 ? 12  DA  A C8     1 
ATOM   362  N  N7     . DA  A 1 12 ? -2.293  -3.156  4.497   1.00 106.96 ? 12  DA  A N7     1 
ATOM   363  C  C5     . DA  A 1 12 ? -0.916  -3.286  4.544   1.00 109.18 ? 12  DA  A C5     1 
ATOM   364  C  C6     . DA  A 1 12 ? 0.116   -2.720  3.769   1.00 112.40 ? 12  DA  A C6     1 
ATOM   365  N  N6     . DA  A 1 12 ? -0.104  -1.874  2.757   1.00 111.86 ? 12  DA  A N6     1 
ATOM   366  N  N1     . DA  A 1 12 ? 1.387   -3.055  4.080   1.00 115.35 ? 12  DA  A N1     1 
ATOM   367  C  C2     . DA  A 1 12 ? 1.601   -3.901  5.097   1.00 115.24 ? 12  DA  A C2     1 
ATOM   368  N  N3     . DA  A 1 12 ? 0.713   -4.495  5.895   1.00 99.74  ? 12  DA  A N3     1 
ATOM   369  C  C4     . DA  A 1 12 ? -0.538  -4.142  5.562   1.00 104.62 ? 12  DA  A C4     1 
ATOM   370  H  "H5'"  . DA  A 1 12 ? -5.531  -6.714  9.180   1.00 138.11 ? 12  DA  A "H5'"  1 
ATOM   371  H  "H5''" . DA  A 1 12 ? -5.235  -5.198  8.837   1.00 138.11 ? 12  DA  A "H5''" 1 
ATOM   372  H  "H4'"  . DA  A 1 12 ? -3.486  -7.364  8.653   1.00 135.43 ? 12  DA  A "H4'"  1 
ATOM   373  H  "H3'"  . DA  A 1 12 ? -3.337  -5.048  10.026  1.00 141.31 ? 12  DA  A "H3'"  1 
ATOM   374  H  "H2'"  . DA  A 1 12 ? -2.133  -3.879  8.579   1.00 125.22 ? 12  DA  A "H2'"  1 
ATOM   375  H  "H2''" . DA  A 1 12 ? -0.917  -4.819  9.008   1.00 125.22 ? 12  DA  A "H2''" 1 
ATOM   376  H  "H1'"  . DA  A 1 12 ? -1.164  -6.146  7.238   1.00 113.51 ? 12  DA  A "H1'"  1 
ATOM   377  H  H8     . DA  A 1 12 ? -3.616  -4.036  5.677   1.00 128.22 ? 12  DA  A H8     1 
ATOM   378  H  H61    . DA  A 1 12 ? 0.559   -1.552  2.314   1.00 134.23 ? 12  DA  A H61    1 
ATOM   379  H  H62    . DA  A 1 12 ? -0.908  -1.653  2.548   1.00 134.23 ? 12  DA  A H62    1 
ATOM   380  H  H2     . DA  A 1 12 ? 2.493   -4.101  5.270   1.00 138.29 ? 12  DA  A H2     1 
ATOM   381  P  P      . DC  A 1 13 ? -1.572  -6.039  11.815  1.00 133.97 ? 13  DC  A P      1 
ATOM   382  O  OP1    . DC  A 1 13 ? -1.573  -7.215  12.713  1.00 131.16 ? 13  DC  A OP1    1 
ATOM   383  O  OP2    . DC  A 1 13 ? -2.338  -4.829  12.185  1.00 120.59 ? 13  DC  A OP2    1 
ATOM   384  O  "O5'"  . DC  A 1 13 ? -0.061  -5.590  11.561  1.00 111.80 ? 13  DC  A "O5'"  1 
ATOM   385  C  "C5'"  . DC  A 1 13 ? 0.253   -4.216  11.424  1.00 112.86 ? 13  DC  A "C5'"  1 
ATOM   386  C  "C4'"  . DC  A 1 13 ? 1.598   -4.032  10.746  1.00 116.79 ? 13  DC  A "C4'"  1 
ATOM   387  O  "O4'"  . DC  A 1 13 ? 1.384   -3.812  9.330   1.00 113.79 ? 13  DC  A "O4'"  1 
ATOM   388  C  "C3'"  . DC  A 1 13 ? 2.408   -2.848  11.269  1.00 126.72 ? 13  DC  A "C3'"  1 
ATOM   389  O  "O3'"  . DC  A 1 13 ? 3.653   -3.284  11.806  1.00 133.66 ? 13  DC  A "O3'"  1 
ATOM   390  C  "C2'"  . DC  A 1 13 ? 2.591   -1.921  10.070  1.00 124.36 ? 13  DC  A "C2'"  1 
ATOM   391  C  "C1'"  . DC  A 1 13 ? 2.162   -2.736  8.863   1.00 112.72 ? 13  DC  A "C1'"  1 
ATOM   392  N  N1     . DC  A 1 13 ? 1.339   -1.952  7.896   1.00 106.90 ? 13  DC  A N1     1 
ATOM   393  C  C2     . DC  A 1 13 ? 1.965   -1.199  6.896   1.00 118.27 ? 13  DC  A C2     1 
ATOM   394  O  O2     . DC  A 1 13 ? 3.200   -1.203  6.820   1.00 125.31 ? 13  DC  A O2     1 
ATOM   395  N  N3     . DC  A 1 13 ? 1.196   -0.489  6.031   1.00 120.38 ? 13  DC  A N3     1 
ATOM   396  C  C4     . DC  A 1 13 ? -0.133  -0.511  6.147   1.00 116.66 ? 13  DC  A C4     1 
ATOM   397  N  N4     . DC  A 1 13 ? -0.851  0.202   5.273   1.00 117.27 ? 13  DC  A N4     1 
ATOM   398  C  C5     . DC  A 1 13 ? -0.786  -1.268  7.162   1.00 105.31 ? 13  DC  A C5     1 
ATOM   399  C  C6     . DC  A 1 13 ? -0.019  -1.964  8.007   1.00 105.80 ? 13  DC  A C6     1 
ATOM   400  H  "H5'"  . DC  A 1 13 ? 0.280   -3.805  12.302  1.00 135.44 ? 13  DC  A "H5'"  1 
ATOM   401  H  "H5''" . DC  A 1 13 ? -0.433  -3.783  10.892  1.00 135.44 ? 13  DC  A "H5''" 1 
ATOM   402  H  "H4'"  . DC  A 1 13 ? 2.119   -4.842  10.862  1.00 140.14 ? 13  DC  A "H4'"  1 
ATOM   403  H  "H3'"  . DC  A 1 13 ? 1.901   -2.390  11.958  1.00 152.06 ? 13  DC  A "H3'"  1 
ATOM   404  H  "H2'"  . DC  A 1 13 ? 2.028   -1.137  10.164  1.00 149.24 ? 13  DC  A "H2'"  1 
ATOM   405  H  "H2''" . DC  A 1 13 ? 3.521   -1.660  9.987   1.00 149.24 ? 13  DC  A "H2''" 1 
ATOM   406  H  "H1'"  . DC  A 1 13 ? 2.948   -3.079  8.411   1.00 135.26 ? 13  DC  A "H1'"  1 
ATOM   407  H  H41    . DC  A 1 13 ? -1.709  0.207   5.323   1.00 140.72 ? 13  DC  A H41    1 
ATOM   408  H  H42    . DC  A 1 13 ? -0.454  0.656   4.659   1.00 140.72 ? 13  DC  A H42    1 
ATOM   409  H  H5     . DC  A 1 13 ? -1.714  -1.279  7.234   1.00 126.38 ? 13  DC  A H5     1 
ATOM   410  H  H6     . DC  A 1 13 ? -0.418  -2.467  8.679   1.00 126.96 ? 13  DC  A H6     1 
ATOM   411  P  P      . DG  A 1 14 ? 4.405   -2.396  12.916  1.00 141.98 ? 14  DG  A P      1 
ATOM   412  O  OP1    . DG  A 1 14 ? 5.307   -3.290  13.676  1.00 135.12 ? 14  DG  A OP1    1 
ATOM   413  O  OP2    . DG  A 1 14 ? 3.382   -1.603  13.634  1.00 125.62 ? 14  DG  A OP2    1 
ATOM   414  O  "O5'"  . DG  A 1 14 ? 5.291   -1.382  12.055  1.00 127.60 ? 14  DG  A "O5'"  1 
ATOM   415  C  "C5'"  . DG  A 1 14 ? 6.243   -1.887  11.131  1.00 135.10 ? 14  DG  A "C5'"  1 
ATOM   416  C  "C4'"  . DG  A 1 14 ? 7.046   -0.760  10.511  1.00 128.69 ? 14  DG  A "C4'"  1 
ATOM   417  O  "O4'"  . DG  A 1 14 ? 6.298   -0.185  9.404   1.00 117.16 ? 14  DG  A "O4'"  1 
ATOM   418  C  "C3'"  . DG  A 1 14 ? 7.361   0.393   11.457  1.00 133.10 ? 14  DG  A "C3'"  1 
ATOM   419  O  "O3'"  . DG  A 1 14 ? 8.683   0.874   11.235  1.00 133.82 ? 14  DG  A "O3'"  1 
ATOM   420  C  "C2'"  . DG  A 1 14 ? 6.290   1.429   11.130  1.00 128.83 ? 14  DG  A "C2'"  1 
ATOM   421  C  "C1'"  . DG  A 1 14 ? 5.993   1.174   9.656   1.00 127.57 ? 14  DG  A "C1'"  1 
ATOM   422  N  N9     . DG  A 1 14 ? 4.598   1.405   9.281   1.00 116.92 ? 14  DG  A N9     1 
ATOM   423  C  C8     . DG  A 1 14 ? 3.483   1.008   9.974   1.00 108.04 ? 14  DG  A C8     1 
ATOM   424  N  N7     . DG  A 1 14 ? 2.363   1.338   9.394   1.00 104.55 ? 14  DG  A N7     1 
ATOM   425  C  C5     . DG  A 1 14 ? 2.758   2.002   8.244   1.00 113.13 ? 14  DG  A C5     1 
ATOM   426  C  C6     . DG  A 1 14 ? 1.980   2.593   7.222   1.00 117.21 ? 14  DG  A C6     1 
ATOM   427  O  O6     . DG  A 1 14 ? 0.745   2.649   7.132   1.00 110.78 ? 14  DG  A O6     1 
ATOM   428  N  N1     . DG  A 1 14 ? 2.776   3.165   6.234   1.00 108.42 ? 14  DG  A N1     1 
ATOM   429  C  C2     . DG  A 1 14 ? 4.151   3.162   6.233   1.00 109.01 ? 14  DG  A C2     1 
ATOM   430  N  N2     . DG  A 1 14 ? 4.745   3.762   5.193   1.00 118.27 ? 14  DG  A N2     1 
ATOM   431  N  N3     . DG  A 1 14 ? 4.894   2.610   7.184   1.00 120.88 ? 14  DG  A N3     1 
ATOM   432  C  C4     . DG  A 1 14 ? 4.132   2.050   8.156   1.00 123.14 ? 14  DG  A C4     1 
ATOM   433  H  "H5'"  . DG  A 1 14 ? 5.781   -2.372  10.430  1.00 162.12 ? 14  DG  A "H5'"  1 
ATOM   434  H  "H5''" . DG  A 1 14 ? 6.846   -2.491  11.593  1.00 162.12 ? 14  DG  A "H5''" 1 
ATOM   435  H  "H4'"  . DG  A 1 14 ? 7.880   -1.121  10.171  1.00 154.42 ? 14  DG  A "H4'"  1 
ATOM   436  H  "H3'"  . DG  A 1 14 ? 7.267   0.100   12.377  1.00 159.72 ? 14  DG  A "H3'"  1 
ATOM   437  H  "H2'"  . DG  A 1 14 ? 5.497   1.282   11.668  1.00 154.59 ? 14  DG  A "H2'"  1 
ATOM   438  H  "H2''" . DG  A 1 14 ? 6.632   2.327   11.259  1.00 154.59 ? 14  DG  A "H2''" 1 
ATOM   439  H  "H1'"  . DG  A 1 14 ? 6.567   1.736   9.113   1.00 153.09 ? 14  DG  A "H1'"  1 
ATOM   440  H  H8     . DG  A 1 14 ? 3.522   0.538   10.775  1.00 129.64 ? 14  DG  A H8     1 
ATOM   441  H  H1     . DG  A 1 14 ? 2.379   3.548   5.574   1.00 130.10 ? 14  DG  A H1     1 
ATOM   442  H  H21    . DG  A 1 14 ? 5.603   3.788   5.144   1.00 141.92 ? 14  DG  A H21    1 
ATOM   443  H  H22    . DG  A 1 14 ? 4.268   4.121   4.573   1.00 141.92 ? 14  DG  A H22    1 
ATOM   444  P  P      . DA  A 1 15 ? 9.219   2.175   12.009  1.00 131.50 ? 15  DA  A P      1 
ATOM   445  O  OP1    . DA  A 1 15 ? 10.652  1.962   12.313  1.00 140.69 ? 15  DA  A OP1    1 
ATOM   446  O  OP2    . DA  A 1 15 ? 8.269   2.473   13.104  1.00 125.17 ? 15  DA  A OP2    1 
ATOM   447  O  "O5'"  . DA  A 1 15 ? 9.090   3.332   10.915  1.00 122.40 ? 15  DA  A "O5'"  1 
ATOM   448  C  "C5'"  . DA  A 1 15 ? 9.494   3.081   9.576   1.00 120.72 ? 15  DA  A "C5'"  1 
ATOM   449  C  "C4'"  . DA  A 1 15 ? 9.313   4.317   8.717   1.00 126.24 ? 15  DA  A "C4'"  1 
ATOM   450  O  "O4'"  . DA  A 1 15 ? 7.938   4.381   8.244   1.00 121.94 ? 15  DA  A "O4'"  1 
ATOM   451  C  "C3'"  . DA  A 1 15 ? 9.574   5.634   9.442   1.00 122.34 ? 15  DA  A "C3'"  1 
ATOM   452  O  "O3'"  . DA  A 1 15 ? 10.243  6.551   8.593   1.00 120.49 ? 15  DA  A "O3'"  1 
ATOM   453  C  "C2'"  . DA  A 1 15 ? 8.177   6.106   9.820   1.00 122.23 ? 15  DA  A "C2'"  1 
ATOM   454  C  "C1'"  . DA  A 1 15 ? 7.333   5.586   8.667   1.00 121.11 ? 15  DA  A "C1'"  1 
ATOM   455  N  N9     . DA  A 1 15 ? 5.944   5.310   9.025   1.00 118.10 ? 15  DA  A N9     1 
ATOM   456  C  C8     . DA  A 1 15 ? 5.494   4.571   10.083  1.00 116.80 ? 15  DA  A C8     1 
ATOM   457  N  N7     . DA  A 1 15 ? 4.186   4.491   10.155  1.00 115.15 ? 15  DA  A N7     1 
ATOM   458  C  C5     . DA  A 1 15 ? 3.749   5.226   9.067   1.00 113.43 ? 15  DA  A C5     1 
ATOM   459  C  C6     . DA  A 1 15 ? 2.462   5.527   8.581   1.00 110.26 ? 15  DA  A C6     1 
ATOM   460  N  N6     . DA  A 1 15 ? 1.336   5.099   9.162   1.00 105.51 ? 15  DA  A N6     1 
ATOM   461  N  N1     . DA  A 1 15 ? 2.378   6.286   7.469   1.00 111.22 ? 15  DA  A N1     1 
ATOM   462  C  C2     . DA  A 1 15 ? 3.506   6.711   6.889   1.00 103.14 ? 15  DA  A C2     1 
ATOM   463  N  N3     . DA  A 1 15 ? 4.767   6.493   7.252   1.00 105.83 ? 15  DA  A N3     1 
ATOM   464  C  C4     . DA  A 1 15 ? 4.819   5.737   8.359   1.00 115.67 ? 15  DA  A C4     1 
ATOM   465  H  "H5'"  . DA  A 1 15 ? 8.959   2.359   9.211   1.00 144.86 ? 15  DA  A "H5'"  1 
ATOM   466  H  "H5''" . DA  A 1 15 ? 10.428  2.821   9.568   1.00 144.86 ? 15  DA  A "H5''" 1 
ATOM   467  H  "H4'"  . DA  A 1 15 ? 9.906   4.258   7.952   1.00 151.49 ? 15  DA  A "H4'"  1 
ATOM   468  H  "H3'"  . DA  A 1 15 ? 10.099  5.474   10.242  1.00 146.81 ? 15  DA  A "H3'"  1 
ATOM   469  H  "H2'"  . DA  A 1 15 ? 7.896   5.708   10.660  1.00 146.68 ? 15  DA  A "H2'"  1 
ATOM   470  H  "H2''" . DA  A 1 15 ? 8.142   7.074   9.864   1.00 146.68 ? 15  DA  A "H2''" 1 
ATOM   471  H  "H1'"  . DA  A 1 15 ? 7.354   6.228   7.941   1.00 145.33 ? 15  DA  A "H1'"  1 
ATOM   472  H  H8     . DA  A 1 15 ? 6.063   4.166   10.698  1.00 140.16 ? 15  DA  A H8     1 
ATOM   473  H  H61    . DA  A 1 15 ? 0.573   5.309   8.826   1.00 126.62 ? 15  DA  A H61    1 
ATOM   474  H  H62    . DA  A 1 15 ? 1.375   4.615   9.872   1.00 126.62 ? 15  DA  A H62    1 
ATOM   475  H  H2     . DA  A 1 15 ? 3.393   7.231   6.126   1.00 123.76 ? 15  DA  A H2     1 
ATOM   476  P  P      . DG  A 1 16 ? 10.958  7.846   9.218   1.00 138.24 ? 16  DG  A P      1 
ATOM   477  O  OP1    . DG  A 1 16 ? 12.414  7.707   8.990   1.00 146.25 ? 16  DG  A OP1    1 
ATOM   478  O  OP2    . DG  A 1 16 ? 10.438  8.015   10.594  1.00 115.03 ? 16  DG  A OP2    1 
ATOM   479  O  "O5'"  . DG  A 1 16 ? 10.405  9.055   8.330   1.00 122.06 ? 16  DG  A "O5'"  1 
ATOM   480  C  "C5'"  . DG  A 1 16 ? 10.561  9.027   6.916   1.00 117.95 ? 16  DG  A "C5'"  1 
ATOM   481  C  "C4'"  . DG  A 1 16 ? 9.660   10.050  6.253   1.00 113.51 ? 16  DG  A "C4'"  1 
ATOM   482  O  "O4'"  . DG  A 1 16 ? 8.269   9.635   6.397   1.00 108.29 ? 16  DG  A "O4'"  1 
ATOM   483  C  "C3'"  . DG  A 1 16 ? 9.742   11.453  6.852   1.00 118.89 ? 16  DG  A "C3'"  1 
ATOM   484  O  "O3'"  . DG  A 1 16 ? 9.686   12.446  5.834   1.00 125.13 ? 16  DG  A "O3'"  1 
ATOM   485  C  "C2'"  . DG  A 1 16 ? 8.538   11.506  7.776   1.00 117.91 ? 16  DG  A "C2'"  1 
ATOM   486  C  "C1'"  . DG  A 1 16 ? 7.525   10.658  7.030   1.00 112.44 ? 16  DG  A "C1'"  1 
ATOM   487  N  N9     . DG  A 1 16 ? 6.516   10.048  7.891   1.00 97.48  ? 16  DG  A N9     1 
ATOM   488  C  C8     . DG  A 1 16 ? 6.736   9.282   9.009   1.00 103.21 ? 16  DG  A C8     1 
ATOM   489  N  N7     . DG  A 1 16 ? 5.639   8.875   9.584   1.00 117.44 ? 16  DG  A N7     1 
ATOM   490  C  C5     . DG  A 1 16 ? 4.625   9.405   8.799   1.00 113.15 ? 16  DG  A C5     1 
ATOM   491  C  C6     . DG  A 1 16 ? 3.220   9.300   8.931   1.00 108.89 ? 16  DG  A C6     1 
ATOM   492  O  O6     . DG  A 1 16 ? 2.575   8.694   9.797   1.00 105.57 ? 16  DG  A O6     1 
ATOM   493  N  N1     . DG  A 1 16 ? 2.554   9.988   7.920   1.00 102.97 ? 16  DG  A N1     1 
ATOM   494  C  C2     . DG  A 1 16 ? 3.168   10.691  6.910   1.00 95.45  ? 16  DG  A C2     1 
ATOM   495  N  N2     . DG  A 1 16 ? 2.358   11.292  6.027   1.00 93.66  ? 16  DG  A N2     1 
ATOM   496  N  N3     . DG  A 1 16 ? 4.483   10.799  6.775   1.00 97.32  ? 16  DG  A N3     1 
ATOM   497  C  C4     . DG  A 1 16 ? 5.147   10.134  7.752   1.00 100.97 ? 16  DG  A C4     1 
ATOM   498  H  "H5'"  . DG  A 1 16 ? 10.336  8.142   6.588   1.00 141.54 ? 16  DG  A "H5'"  1 
ATOM   499  H  "H5''" . DG  A 1 16 ? 11.485  9.224   6.694   1.00 141.54 ? 16  DG  A "H5''" 1 
ATOM   500  H  "H4'"  . DG  A 1 16 ? 9.878   10.098  5.309   1.00 136.21 ? 16  DG  A "H4'"  1 
ATOM   501  H  "H3'"  . DG  A 1 16 ? 10.560  11.548  7.365   1.00 142.66 ? 16  DG  A "H3'"  1 
ATOM   502  H  "H2'"  . DG  A 1 16 ? 8.748   11.114  8.638   1.00 141.49 ? 16  DG  A "H2'"  1 
ATOM   503  H  "H2''" . DG  A 1 16 ? 8.219   12.416  7.876   1.00 141.49 ? 16  DG  A "H2''" 1 
ATOM   504  H  "H1'"  . DG  A 1 16 ? 7.087   11.199  6.355   1.00 134.92 ? 16  DG  A "H1'"  1 
ATOM   505  H  H8     . DG  A 1 16 ? 7.586   9.073   9.326   1.00 123.85 ? 16  DG  A H8     1 
ATOM   506  H  H1     . DG  A 1 16 ? 1.693   9.974   7.928   1.00 123.56 ? 16  DG  A H1     1 
ATOM   507  H  H21    . DG  A 1 16 ? 2.691   11.745  5.376   1.00 112.39 ? 16  DG  A H21    1 
ATOM   508  H  H22    . DG  A 1 16 ? 1.504   11.224  6.111   1.00 112.39 ? 16  DG  A H22    1 
ATOM   509  P  P      . DA  A 1 17 ? 9.870   13.997  6.213   1.00 143.98 ? 17  DA  A P      1 
ATOM   510  O  OP1    . DA  A 1 17 ? 10.948  14.537  5.353   1.00 132.78 ? 17  DA  A OP1    1 
ATOM   511  O  OP2    . DA  A 1 17 ? 9.980   14.090  7.687   1.00 119.32 ? 17  DA  A OP2    1 
ATOM   512  O  "O5'"  . DA  A 1 17 ? 8.484   14.668  5.783   1.00 134.00 ? 17  DA  A "O5'"  1 
ATOM   513  C  "C5'"  . DA  A 1 17 ? 8.181   14.848  4.404   1.00 124.21 ? 17  DA  A "C5'"  1 
ATOM   514  C  "C4'"  . DA  A 1 17 ? 6.772   15.385  4.222   1.00 119.74 ? 17  DA  A "C4'"  1 
ATOM   515  O  "O4'"  . DA  A 1 17 ? 5.837   14.518  4.917   1.00 114.96 ? 17  DA  A "O4'"  1 
ATOM   516  C  "C3'"  . DA  A 1 17 ? 6.551   16.796  4.764   1.00 116.38 ? 17  DA  A "C3'"  1 
ATOM   517  O  "O3'"  . DA  A 1 17 ? 5.842   17.593  3.815   1.00 120.51 ? 17  DA  A "O3'"  1 
ATOM   518  C  "C2'"  . DA  A 1 17 ? 5.770   16.586  6.063   1.00 98.66  ? 17  DA  A "C2'"  1 
ATOM   519  C  "C1'"  . DA  A 1 17 ? 5.082   15.241  5.869   1.00 94.81  ? 17  DA  A "C1'"  1 
ATOM   520  N  N9     . DA  A 1 17 ? 5.008   14.445  7.092   1.00 110.27 ? 17  DA  A N9     1 
ATOM   521  C  C8     . DA  A 1 17 ? 6.058   13.962  7.819   1.00 110.97 ? 17  DA  A C8     1 
ATOM   522  N  N7     . DA  A 1 17 ? 5.699   13.274  8.877   1.00 114.69 ? 17  DA  A N7     1 
ATOM   523  C  C5     . DA  A 1 17 ? 4.315   13.303  8.841   1.00 112.33 ? 17  DA  A C5     1 
ATOM   524  C  C6     . DA  A 1 17 ? 3.331   12.756  9.689   1.00 111.57 ? 17  DA  A C6     1 
ATOM   525  N  N6     . DA  A 1 17 ? 3.617   12.041  10.784  1.00 106.84 ? 17  DA  A N6     1 
ATOM   526  N  N1     . DA  A 1 17 ? 2.038   12.973  9.369   1.00 96.50  ? 17  DA  A N1     1 
ATOM   527  C  C2     . DA  A 1 17 ? 1.757   13.690  8.275   1.00 101.31 ? 17  DA  A C2     1 
ATOM   528  N  N3     . DA  A 1 17 ? 2.594   14.255  7.402   1.00 98.48  ? 17  DA  A N3     1 
ATOM   529  C  C4     . DA  A 1 17 ? 3.870   14.021  7.746   1.00 107.61 ? 17  DA  A C4     1 
ATOM   530  H  "H5'"  . DA  A 1 17 ? 8.257   13.996  3.947   1.00 149.05 ? 17  DA  A "H5'"  1 
ATOM   531  H  "H5''" . DA  A 1 17 ? 8.813   15.474  4.018   1.00 149.05 ? 17  DA  A "H5''" 1 
ATOM   532  H  "H4'"  . DA  A 1 17 ? 6.558   15.380  3.275   1.00 143.69 ? 17  DA  A "H4'"  1 
ATOM   533  H  "H3'"  . DA  A 1 17 ? 7.407   17.206  4.961   1.00 139.65 ? 17  DA  A "H3'"  1 
ATOM   534  H  "H2'"  . DA  A 1 17 ? 6.375   16.551  6.821   1.00 118.39 ? 17  DA  A "H2'"  1 
ATOM   535  H  "H2''" . DA  A 1 17 ? 5.113   17.289  6.182   1.00 118.39 ? 17  DA  A "H2''" 1 
ATOM   536  H  "H1'"  . DA  A 1 17 ? 4.187   15.386  5.525   1.00 113.77 ? 17  DA  A "H1'"  1 
ATOM   537  H  H8     . DA  A 1 17 ? 6.946   14.107  7.586   1.00 133.17 ? 17  DA  A H8     1 
ATOM   538  H  H61    . DA  A 1 17 ? 2.982   11.728  11.272  1.00 128.21 ? 17  DA  A H61    1 
ATOM   539  H  H62    . DA  A 1 17 ? 4.436   11.895  11.000  1.00 128.21 ? 17  DA  A H62    1 
ATOM   540  H  H2     . DA  A 1 17 ? 0.852   13.812  8.097   1.00 121.57 ? 17  DA  A H2     1 
ATOM   541  P  P      . DC  A 1 18 ? 5.391   19.091  4.187   1.00 136.71 ? 18  DC  A P      1 
ATOM   542  O  OP1    . DC  A 1 18 ? 5.391   19.888  2.940   1.00 111.28 ? 18  DC  A OP1    1 
ATOM   543  O  OP2    . DC  A 1 18 ? 6.203   19.534  5.342   1.00 111.46 ? 18  DC  A OP2    1 
ATOM   544  O  "O5'"  . DC  A 1 18 ? 3.884   18.904  4.681   1.00 116.59 ? 18  DC  A "O5'"  1 
ATOM   545  C  "C5'"  . DC  A 1 18 ? 3.363   19.715  5.718   1.00 89.24  ? 18  DC  A "C5'"  1 
ATOM   546  C  "C4'"  . DC  A 1 18 ? 2.183   19.034  6.379   1.00 99.23  ? 18  DC  A "C4'"  1 
ATOM   547  O  "O4'"  . DC  A 1 18 ? 2.648   17.912  7.152   1.00 100.77 ? 18  DC  A "O4'"  1 
ATOM   548  C  "C3'"  . DC  A 1 18 ? 1.402   19.905  7.356   1.00 96.66  ? 18  DC  A "C3'"  1 
ATOM   549  O  "O3'"  . DC  A 1 18 ? 0.230   20.417  6.737   1.00 100.60 ? 18  DC  A "O3'"  1 
ATOM   550  C  "C2'"  . DC  A 1 18 ? 1.076   18.973  8.535   1.00 86.78  ? 18  DC  A "C2'"  1 
ATOM   551  C  "C1'"  . DC  A 1 18 ? 1.698   17.634  8.146   1.00 100.69 ? 18  DC  A "C1'"  1 
ATOM   552  N  N1     . DC  A 1 18 ? 2.374   16.928  9.277   1.00 98.79  ? 18  DC  A N1     1 
ATOM   553  C  C2     . DC  A 1 18 ? 1.602   16.361  10.297  1.00 97.28  ? 18  DC  A C2     1 
ATOM   554  O  O2     . DC  A 1 18 ? 0.369   16.464  10.250  1.00 88.40  ? 18  DC  A O2     1 
ATOM   555  N  N3     . DC  A 1 18 ? 2.225   15.717  11.314  1.00 89.66  ? 18  DC  A N3     1 
ATOM   556  C  C4     . DC  A 1 18 ? 3.556   15.628  11.333  1.00 105.10 ? 18  DC  A C4     1 
ATOM   557  N  N4     . DC  A 1 18 ? 4.126   14.982  12.355  1.00 99.87  ? 18  DC  A N4     1 
ATOM   558  C  C5     . DC  A 1 18 ? 4.361   16.196  10.300  1.00 99.55  ? 18  DC  A C5     1 
ATOM   559  C  C6     . DC  A 1 18 ? 3.735   16.829  9.302   1.00 95.95  ? 18  DC  A C6     1 
ATOM   560  H  "H5'"  . DC  A 1 18 ? 3.077   20.565  5.348   1.00 107.09 ? 18  DC  A "H5'"  1 
ATOM   561  H  "H5''" . DC  A 1 18 ? 4.054   19.871  6.381   1.00 107.09 ? 18  DC  A "H5''" 1 
ATOM   562  H  "H4'"  . DC  A 1 18 ? 1.578   18.713  5.690   1.00 119.07 ? 18  DC  A "H4'"  1 
ATOM   563  H  "H3'"  . DC  A 1 18 ? 1.961   20.638  7.661   1.00 116.00 ? 18  DC  A "H3'"  1 
ATOM   564  H  "H2'"  . DC  A 1 18 ? 1.477   19.309  9.352   1.00 104.14 ? 18  DC  A "H2'"  1 
ATOM   565  H  "H2''" . DC  A 1 18 ? 0.116   18.883  8.640   1.00 104.14 ? 18  DC  A "H2''" 1 
ATOM   566  H  "H1'"  . DC  A 1 18 ? 1.009   17.059  7.778   1.00 120.82 ? 18  DC  A "H1'"  1 
ATOM   567  H  H41    . DC  A 1 18 ? 4.981   14.908  12.395  1.00 119.84 ? 18  DC  A H41    1 
ATOM   568  H  H42    . DC  A 1 18 ? 3.635   14.641  12.974  1.00 119.84 ? 18  DC  A H42    1 
ATOM   569  H  H5     . DC  A 1 18 ? 5.289   16.128  10.321  1.00 119.46 ? 18  DC  A H5     1 
ATOM   570  H  H6     . DC  A 1 18 ? 4.234   17.208  8.614   1.00 115.14 ? 18  DC  A H6     1 
ATOM   571  P  P      . DT  A 1 19 ? -0.360  21.845  7.176   1.00 119.33 ? 19  DT  A P      1 
ATOM   572  O  OP1    . DT  A 1 19 ? -1.264  22.294  6.094   1.00 116.97 ? 19  DT  A OP1    1 
ATOM   573  O  OP2    . DT  A 1 19 ? 0.772   22.705  7.585   1.00 128.02 ? 19  DT  A OP2    1 
ATOM   574  O  "O5'"  . DT  A 1 19 ? -1.236  21.513  8.474   1.00 121.26 ? 19  DT  A "O5'"  1 
ATOM   575  C  "C5'"  . DT  A 1 19 ? -2.488  20.869  8.320   1.00 101.50 ? 19  DT  A "C5'"  1 
ATOM   576  C  "C4'"  . DT  A 1 19 ? -2.961  20.244  9.620   1.00 95.15  ? 19  DT  A "C4'"  1 
ATOM   577  O  "O4'"  . DT  A 1 19 ? -1.890  19.479  10.229  1.00 104.88 ? 19  DT  A "O4'"  1 
ATOM   578  C  "C3'"  . DT  A 1 19 ? -3.420  21.235  10.697  1.00 95.37  ? 19  DT  A "C3'"  1 
ATOM   579  O  "O3'"  . DT  A 1 19 ? -4.759  20.938  11.077  1.00 104.40 ? 19  DT  A "O3'"  1 
ATOM   580  C  "C2'"  . DT  A 1 19 ? -2.425  21.017  11.850  1.00 113.77 ? 19  DT  A "C2'"  1 
ATOM   581  C  "C1'"  . DT  A 1 19 ? -2.033  19.577  11.625  1.00 107.40 ? 19  DT  A "C1'"  1 
ATOM   582  N  N1     . DT  A 1 19 ? -0.763  19.113  12.278  1.00 103.56 ? 19  DT  A N1     1 
ATOM   583  C  C2     . DT  A 1 19 ? -0.844  18.201  13.308  1.00 108.39 ? 19  DT  A C2     1 
ATOM   584  O  O2     . DT  A 1 19 ? -1.900  17.787  13.752  1.00 115.91 ? 19  DT  A O2     1 
ATOM   585  N  N3     . DT  A 1 19 ? 0.359   17.794  13.813  1.00 103.70 ? 19  DT  A N3     1 
ATOM   586  C  C4     . DT  A 1 19 ? 1.615   18.187  13.396  1.00 100.57 ? 19  DT  A C4     1 
ATOM   587  O  O4     . DT  A 1 19 ? 2.641   17.763  13.918  1.00 96.04  ? 19  DT  A O4     1 
ATOM   588  C  C5     . DT  A 1 19 ? 1.636   19.131  12.302  1.00 97.16  ? 19  DT  A C5     1 
ATOM   589  C  C7     . DT  A 1 19 ? 2.948   19.629  11.768  1.00 96.01  ? 19  DT  A C7     1 
ATOM   590  C  C6     . DT  A 1 19 ? 0.458   19.540  11.794  1.00 99.55  ? 19  DT  A C6     1 
ATOM   591  H  "H5'"  . DT  A 1 19 ? -2.406  20.175  7.646   1.00 121.80 ? 19  DT  A "H5'"  1 
ATOM   592  H  "H5''" . DT  A 1 19 ? -3.143  21.520  8.024   1.00 121.80 ? 19  DT  A "H5''" 1 
ATOM   593  H  "H4'"  . DT  A 1 19 ? -3.695  19.643  9.422   1.00 114.18 ? 19  DT  A "H4'"  1 
ATOM   594  H  "H3'"  . DT  A 1 19 ? -3.357  22.144  10.366  1.00 114.45 ? 19  DT  A "H3'"  1 
ATOM   595  H  "H2'"  . DT  A 1 19 ? -1.658  21.603  11.764  1.00 136.52 ? 19  DT  A "H2'"  1 
ATOM   596  H  "H2''" . DT  A 1 19 ? -2.859  21.128  12.711  1.00 136.52 ? 19  DT  A "H2''" 1 
ATOM   597  H  "H1'"  . DT  A 1 19 ? -2.762  19.004  11.908  1.00 128.88 ? 19  DT  A "H1'"  1 
ATOM   598  H  H3     . DT  A 1 19 ? 0.331   17.230  14.462  1.00 124.44 ? 19  DT  A H3     1 
ATOM   599  H  H71    . DT  A 1 19 ? 3.675   19.218  12.261  1.00 115.21 ? 19  DT  A H71    1 
ATOM   600  H  H72    . DT  A 1 19 ? 3.023   19.398  10.829  1.00 115.21 ? 19  DT  A H72    1 
ATOM   601  H  H73    . DT  A 1 19 ? 2.993   20.592  11.869  1.00 115.21 ? 19  DT  A H73    1 
ATOM   602  H  H6     . DT  A 1 19 ? 0.467   20.147  11.090  1.00 119.46 ? 19  DT  A H6     1 
ATOM   603  P  P      . DC  A 1 20 ? -5.918  22.044  10.974  1.00 133.79 ? 20  DC  A P      1 
ATOM   604  O  OP1    . DC  A 1 20 ? -7.111  21.378  10.404  1.00 112.38 ? 20  DC  A OP1    1 
ATOM   605  O  OP2    . DC  A 1 20 ? -5.377  23.254  10.314  1.00 131.79 ? 20  DC  A OP2    1 
ATOM   606  O  "O5'"  . DC  A 1 20 ? -6.225  22.395  12.502  1.00 118.17 ? 20  DC  A "O5'"  1 
ATOM   607  C  "C5'"  . DC  A 1 20 ? -6.590  21.356  13.399  1.00 115.20 ? 20  DC  A "C5'"  1 
ATOM   608  C  "C4'"  . DC  A 1 20 ? -6.038  21.615  14.788  1.00 121.83 ? 20  DC  A "C4'"  1 
ATOM   609  O  "O4'"  . DC  A 1 20 ? -4.617  21.278  14.828  1.00 122.16 ? 20  DC  A "O4'"  1 
ATOM   610  C  "C3'"  . DC  A 1 20 ? -6.130  23.075  15.256  1.00 111.11 ? 20  DC  A "C3'"  1 
ATOM   611  O  "O3'"  . DC  A 1 20 ? -6.596  23.144  16.596  1.00 105.10 ? 20  DC  A "O3'"  1 
ATOM   612  C  "C2'"  . DC  A 1 20 ? -4.694  23.559  15.127  1.00 115.54 ? 20  DC  A "C2'"  1 
ATOM   613  C  "C1'"  . DC  A 1 20 ? -3.947  22.304  15.519  1.00 113.61 ? 20  DC  A "C1'"  1 
ATOM   614  N  N1     . DC  A 1 20 ? -2.481  22.286  15.182  1.00 112.61 ? 20  DC  A N1     1 
ATOM   615  C  C2     . DC  A 1 20 ? -1.656  21.352  15.813  1.00 111.67 ? 20  DC  A C2     1 
ATOM   616  O  O2     . DC  A 1 20 ? -2.158  20.549  16.611  1.00 113.31 ? 20  DC  A O2     1 
ATOM   617  N  N3     . DC  A 1 20 ? -0.332  21.342  15.529  1.00 109.20 ? 20  DC  A N3     1 
ATOM   618  C  C4     . DC  A 1 20 ? 0.172   22.222  14.666  1.00 106.91 ? 20  DC  A C4     1 
ATOM   619  N  N4     . DC  A 1 20 ? 1.485   22.171  14.418  1.00 104.47 ? 20  DC  A N4     1 
ATOM   620  C  C5     . DC  A 1 20 ? -0.647  23.191  14.017  1.00 112.87 ? 20  DC  A C5     1 
ATOM   621  C  C6     . DC  A 1 20 ? -1.955  23.194  14.306  1.00 116.79 ? 20  DC  A C6     1 
ATOM   622  H  "H5'"  . DC  A 1 20 ? -6.241  20.513  13.070  1.00 138.24 ? 20  DC  A "H5'"  1 
ATOM   623  H  "H5''" . DC  A 1 20 ? -7.558  21.303  13.447  1.00 138.24 ? 20  DC  A "H5''" 1 
ATOM   624  H  "H4'"  . DC  A 1 20 ? -6.510  21.054  15.423  1.00 146.20 ? 20  DC  A "H4'"  1 
ATOM   625  H  "H3'"  . DC  A 1 20 ? -6.713  23.581  14.667  1.00 133.33 ? 20  DC  A "H3'"  1 
ATOM   626  H  "H2'"  . DC  A 1 20 ? -4.493  23.817  14.214  1.00 138.64 ? 20  DC  A "H2'"  1 
ATOM   627  H  "H2''" . DC  A 1 20 ? -4.513  24.283  15.747  1.00 138.64 ? 20  DC  A "H2''" 1 
ATOM   628  H  "H1'"  . DC  A 1 20 ? -4.052  22.161  16.472  1.00 136.34 ? 20  DC  A "H1'"  1 
ATOM   629  H  H41    . DC  A 1 20 ? 1.841   22.724  13.866  1.00 125.36 ? 20  DC  A H41    1 
ATOM   630  H  H42    . DC  A 1 20 ? 1.974   21.583  14.813  1.00 125.36 ? 20  DC  A H42    1 
ATOM   631  H  H5     . DC  A 1 20 ? -0.286  23.803  13.415  1.00 135.45 ? 20  DC  A H5     1 
ATOM   632  H  H6     . DC  A 1 20 ? -2.514  23.815  13.898  1.00 140.14 ? 20  DC  A H6     1 
ATOM   633  P  P      . DA  A 1 21 ? -8.169  23.106  16.917  1.00 133.11 ? 21  DA  A P      1 
ATOM   634  O  OP1    . DA  A 1 21 ? -8.749  21.966  16.176  1.00 128.48 ? 21  DA  A OP1    1 
ATOM   635  O  OP2    . DA  A 1 21 ? -8.701  24.469  16.695  1.00 132.03 ? 21  DA  A OP2    1 
ATOM   636  O  "O5'"  . DA  A 1 21 ? -8.230  22.797  18.488  1.00 121.85 ? 21  DA  A "O5'"  1 
ATOM   637  C  "C5'"  . DA  A 1 21 ? -8.330  21.451  18.951  1.00 119.93 ? 21  DA  A "C5'"  1 
ATOM   638  C  "C4'"  . DA  A 1 21 ? -7.259  21.139  19.986  1.00 111.79 ? 21  DA  A "C4'"  1 
ATOM   639  O  "O4'"  . DA  A 1 21 ? -5.947  21.369  19.405  1.00 114.69 ? 21  DA  A "O4'"  1 
ATOM   640  C  "C3'"  . DA  A 1 21 ? -7.323  21.987  21.259  1.00 127.48 ? 21  DA  A "C3'"  1 
ATOM   641  O  "O3'"  . DA  A 1 21 ? -7.230  21.163  22.417  1.00 130.88 ? 21  DA  A "O3'"  1 
ATOM   642  C  "C2'"  . DA  A 1 21 ? -6.137  22.940  21.131  1.00 123.69 ? 21  DA  A "C2'"  1 
ATOM   643  C  "C1'"  . DA  A 1 21 ? -5.160  22.153  20.274  1.00 111.45 ? 21  DA  A "C1'"  1 
ATOM   644  N  N9     . DA  A 1 21 ? -4.272  22.986  19.468  1.00 109.77 ? 21  DA  A N9     1 
ATOM   645  C  C8     . DA  A 1 21 ? -4.629  24.031  18.662  1.00 121.90 ? 21  DA  A C8     1 
ATOM   646  N  N7     . DA  A 1 21 ? -3.616  24.598  18.049  1.00 114.20 ? 21  DA  A N7     1 
ATOM   647  C  C5     . DA  A 1 21 ? -2.520  23.869  18.475  1.00 114.67 ? 21  DA  A C5     1 
ATOM   648  C  C6     . DA  A 1 21 ? -1.146  23.966  18.184  1.00 121.78 ? 21  DA  A C6     1 
ATOM   649  N  N6     . DA  A 1 21 ? -0.632  24.884  17.358  1.00 128.47 ? 21  DA  A N6     1 
ATOM   650  N  N1     . DA  A 1 21 ? -0.316  23.085  18.780  1.00 118.10 ? 21  DA  A N1     1 
ATOM   651  C  C2     . DA  A 1 21 ? -0.835  22.169  19.607  1.00 116.70 ? 21  DA  A C2     1 
ATOM   652  N  N3     . DA  A 1 21 ? -2.107  21.979  19.956  1.00 113.03 ? 21  DA  A N3     1 
ATOM   653  C  C4     . DA  A 1 21 ? -2.906  22.870  19.349  1.00 113.55 ? 21  DA  A C4     1 
ATOM   654  H  "H5'"  . DA  A 1 21 ? -8.229  20.848  18.198  1.00 143.92 ? 21  DA  A "H5'"  1 
ATOM   655  H  "H5''" . DA  A 1 21 ? -9.205  21.317  19.349  1.00 143.92 ? 21  DA  A "H5''" 1 
ATOM   656  H  "H4'"  . DA  A 1 21 ? -7.331  20.204  20.233  1.00 134.15 ? 21  DA  A "H4'"  1 
ATOM   657  H  "H3'"  . DA  A 1 21 ? -8.151  22.492  21.278  1.00 152.97 ? 21  DA  A "H3'"  1 
ATOM   658  H  "HO3'" . DA  A 1 21 ? -6.600  21.272  22.961  1.00 157.05 ? 21  DA  A "HO3'" 1 
ATOM   659  H  "H2'"  . DA  A 1 21 ? -6.402  23.759  20.685  1.00 148.43 ? 21  DA  A "H2'"  1 
ATOM   660  H  "H2''" . DA  A 1 21 ? -5.754  23.129  22.002  1.00 148.43 ? 21  DA  A "H2''" 1 
ATOM   661  H  "H1'"  . DA  A 1 21 ? -4.631  21.571  20.841  1.00 133.74 ? 21  DA  A "H1'"  1 
ATOM   662  H  H8     . DA  A 1 21 ? -5.508  24.319  18.562  1.00 146.28 ? 21  DA  A H8     1 
ATOM   663  H  H61    . DA  A 1 21 ? 0.216   24.906  17.214  1.00 154.16 ? 21  DA  A H61    1 
ATOM   664  H  H62    . DA  A 1 21 ? -1.148  25.452  16.971  1.00 154.16 ? 21  DA  A H62    1 
ATOM   665  H  H2     . DA  A 1 21 ? -0.223  21.584  19.991  1.00 140.04 ? 21  DA  A H2     1 
ATOM   666  P  P      . DT  B 2 1  ? -5.463  7.074   1.761   1.00 156.46 ? 0   DT  B P      1 
ATOM   667  O  OP1    . DT  B 2 1  ? -5.980  7.278   0.390   1.00 173.20 ? 0   DT  B OP1    1 
ATOM   668  O  OP2    . DT  B 2 1  ? -5.057  5.713   2.191   1.00 163.48 ? 0   DT  B OP2    1 
ATOM   669  O  "O5'"  . DT  B 2 1  ? -4.250  8.088   1.996   1.00 123.04 ? 0   DT  B "O5'"  1 
ATOM   670  C  "C5'"  . DT  B 2 1  ? -4.194  9.328   1.294   1.00 134.22 ? 0   DT  B "C5'"  1 
ATOM   671  C  "C4'"  . DT  B 2 1  ? -2.902  10.042  1.621   1.00 107.32 ? 0   DT  B "C4'"  1 
ATOM   672  O  "O4'"  . DT  B 2 1  ? -2.655  9.922   3.035   1.00 88.94  ? 0   DT  B "O4'"  1 
ATOM   673  C  "C3'"  . DT  B 2 1  ? -1.679  9.458   0.942   1.00 115.87 ? 0   DT  B "C3'"  1 
ATOM   674  O  "O3'"  . DT  B 2 1  ? -1.417  10.149  -0.259  1.00 121.76 ? 0   DT  B "O3'"  1 
ATOM   675  C  "C2'"  . DT  B 2 1  ? -0.551  9.608   1.971   1.00 102.02 ? 0   DT  B "C2'"  1 
ATOM   676  C  "C1'"  . DT  B 2 1  ? -1.267  9.904   3.291   1.00 87.83  ? 0   DT  B "C1'"  1 
ATOM   677  N  N1     . DT  B 2 1  ? -0.990  8.904   4.394   1.00 102.26 ? 0   DT  B N1     1 
ATOM   678  C  C2     . DT  B 2 1  ? 0.315   8.615   4.724   1.00 102.02 ? 0   DT  B C2     1 
ATOM   679  O  O2     . DT  B 2 1  ? 1.272   9.104   4.151   1.00 105.59 ? 0   DT  B O2     1 
ATOM   680  N  N3     . DT  B 2 1  ? 0.465   7.717   5.745   1.00 103.06 ? 0   DT  B N3     1 
ATOM   681  C  C4     . DT  B 2 1  ? -0.536  7.091   6.464   1.00 105.73 ? 0   DT  B C4     1 
ATOM   682  O  O4     . DT  B 2 1  ? -0.299  6.301   7.372   1.00 99.39  ? 0   DT  B O4     1 
ATOM   683  C  C5     . DT  B 2 1  ? -1.883  7.445   6.084   1.00 101.23 ? 0   DT  B C5     1 
ATOM   684  C  C7     . DT  B 2 1  ? -3.045  6.828   6.807   1.00 84.90  ? 0   DT  B C7     1 
ATOM   685  C  C6     . DT  B 2 1  ? -2.045  8.327   5.083   1.00 100.41 ? 0   DT  B C6     1 
ATOM   686  H  "H5'"  . DT  B 2 1  ? -4.944  9.882   1.558   1.00 161.06 ? 0   DT  B "H5'"  1 
ATOM   687  H  "H5''" . DT  B 2 1  ? -4.238  9.161   0.340   1.00 161.06 ? 0   DT  B "H5''" 1 
ATOM   688  H  "H4'"  . DT  B 2 1  ? -2.983  10.981  1.387   1.00 128.79 ? 0   DT  B "H4'"  1 
ATOM   689  H  "H3'"  . DT  B 2 1  ? -1.828  8.518   0.754   1.00 139.04 ? 0   DT  B "H3'"  1 
ATOM   690  H  "H2'"  . DT  B 2 1  ? -0.044  8.784   2.039   1.00 122.42 ? 0   DT  B "H2'"  1 
ATOM   691  H  "H2''" . DT  B 2 1  ? 0.030   10.346  1.729   1.00 122.42 ? 0   DT  B "H2''" 1 
ATOM   692  H  "H1'"  . DT  B 2 1  ? -0.999  10.784  3.598   1.00 105.40 ? 0   DT  B "H1'"  1 
ATOM   693  H  H3     . DT  B 2 1  ? 1.272   7.517   5.962   1.00 123.67 ? 0   DT  B H3     1 
ATOM   694  H  H71    . DT  B 2 1  ? -3.571  7.525   7.228   1.00 101.88 ? 0   DT  B H71    1 
ATOM   695  H  H72    . DT  B 2 1  ? -3.597  6.342   6.175   1.00 101.88 ? 0   DT  B H72    1 
ATOM   696  H  H73    . DT  B 2 1  ? -2.716  6.218   7.485   1.00 101.88 ? 0   DT  B H73    1 
ATOM   697  H  H6     . DT  B 2 1  ? -2.912  8.555   4.832   1.00 120.49 ? 0   DT  B H6     1 
ATOM   698  P  P      . DC  B 2 2  ? -1.394  9.338   -1.641  1.00 109.96 ? 1   DC  B P      1 
ATOM   699  O  OP1    . DC  B 2 2  ? -1.333  10.325  -2.743  1.00 127.98 ? 1   DC  B OP1    1 
ATOM   700  O  OP2    . DC  B 2 2  ? -2.489  8.342   -1.586  1.00 110.39 ? 1   DC  B OP2    1 
ATOM   701  O  "O5'"  . DC  B 2 2  ? -0.004  8.564   -1.574  1.00 99.77  ? 1   DC  B "O5'"  1 
ATOM   702  C  "C5'"  . DC  B 2 2  ? 1.165   9.290   -1.239  1.00 111.78 ? 1   DC  B "C5'"  1 
ATOM   703  C  "C4'"  . DC  B 2 2  ? 2.248   8.373   -0.714  1.00 108.18 ? 1   DC  B "C4'"  1 
ATOM   704  O  "O4'"  . DC  B 2 2  ? 1.906   7.929   0.615   1.00 105.20 ? 1   DC  B "O4'"  1 
ATOM   705  C  "C3'"  . DC  B 2 2  ? 2.460   7.107   -1.538  1.00 109.54 ? 1   DC  B "C3'"  1 
ATOM   706  O  "O3'"  . DC  B 2 2  ? 3.662   7.204   -2.291  1.00 105.22 ? 1   DC  B "O3'"  1 
ATOM   707  C  "C2'"  . DC  B 2 2  ? 2.505   5.969   -0.507  1.00 112.00 ? 1   DC  B "C2'"  1 
ATOM   708  C  "C1'"  . DC  B 2 2  ? 2.513   6.685   0.838   1.00 112.61 ? 1   DC  B "C1'"  1 
ATOM   709  N  N1     . DC  B 2 2  ? 1.758   5.972   1.913   1.00 115.31 ? 1   DC  B N1     1 
ATOM   710  C  C2     . DC  B 2 2  ? 2.455   5.320   2.939   1.00 115.71 ? 1   DC  B C2     1 
ATOM   711  O  O2     . DC  B 2 2  ? 3.693   5.339   2.937   1.00 106.65 ? 1   DC  B O2     1 
ATOM   712  N  N3     . DC  B 2 2  ? 1.751   4.686   3.909   1.00 120.79 ? 1   DC  B N3     1 
ATOM   713  C  C4     . DC  B 2 2  ? 0.417   4.688   3.878   1.00 119.90 ? 1   DC  B C4     1 
ATOM   714  N  N4     . DC  B 2 2  ? -0.231  4.049   4.857   1.00 110.24 ? 1   DC  B N4     1 
ATOM   715  C  C5     . DC  B 2 2  ? -0.310  5.348   2.843   1.00 118.19 ? 1   DC  B C5     1 
ATOM   716  C  C6     . DC  B 2 2  ? 0.394   5.971   1.891   1.00 113.93 ? 1   DC  B C6     1 
ATOM   717  H  "H5'"  . DC  B 2 2  ? 0.948   9.946   -0.559  1.00 134.13 ? 1   DC  B "H5'"  1 
ATOM   718  H  "H5''" . DC  B 2 2  ? 1.492   9.748   -2.029  1.00 134.13 ? 1   DC  B "H5''" 1 
ATOM   719  H  "H4'"  . DC  B 2 2  ? 3.084   8.865   -0.675  1.00 129.82 ? 1   DC  B "H4'"  1 
ATOM   720  H  "H3'"  . DC  B 2 2  ? 1.708   6.976   -2.136  1.00 131.44 ? 1   DC  B "H3'"  1 
ATOM   721  H  "H2'"  . DC  B 2 2  ? 1.720   5.407   -0.589  1.00 134.40 ? 1   DC  B "H2'"  1 
ATOM   722  H  "H2''" . DC  B 2 2  ? 3.313   5.445   -0.617  1.00 134.40 ? 1   DC  B "H2''" 1 
ATOM   723  H  "H1'"  . DC  B 2 2  ? 3.429   6.821   1.124   1.00 135.13 ? 1   DC  B "H1'"  1 
ATOM   724  H  H41    . DC  B 2 2  ? -1.092  4.033   4.863   1.00 132.29 ? 1   DC  B H41    1 
ATOM   725  H  H42    . DC  B 2 2  ? 0.211   3.652   5.479   1.00 132.29 ? 1   DC  B H42    1 
ATOM   726  H  H5     . DC  B 2 2  ? -1.240  5.345   2.831   1.00 141.83 ? 1   DC  B H5     1 
ATOM   727  H  H6     . DC  B 2 2  ? -0.054  6.410   1.205   1.00 136.72 ? 1   DC  B H6     1 
ATOM   728  P  P      . DG  B 2 3  ? 3.920   6.218   -3.532  1.00 121.36 ? 2   DG  B P      1 
ATOM   729  O  OP1    . DG  B 2 3  ? 4.684   6.978   -4.547  1.00 112.03 ? 2   DG  B OP1    1 
ATOM   730  O  OP2    . DG  B 2 3  ? 2.631   5.590   -3.900  1.00 125.10 ? 2   DG  B OP2    1 
ATOM   731  O  "O5'"  . DG  B 2 3  ? 4.855   5.079   -2.918  1.00 110.32 ? 2   DG  B "O5'"  1 
ATOM   732  C  "C5'"  . DG  B 2 3  ? 6.044   5.441   -2.236  1.00 106.07 ? 2   DG  B "C5'"  1 
ATOM   733  C  "C4'"  . DG  B 2 3  ? 6.477   4.353   -1.273  1.00 109.05 ? 2   DG  B "C4'"  1 
ATOM   734  O  "O4'"  . DG  B 2 3  ? 5.421   4.113   -0.306  1.00 101.89 ? 2   DG  B "O4'"  1 
ATOM   735  C  "C3'"  . DG  B 2 3  ? 6.779   2.997   -1.922  1.00 115.69 ? 2   DG  B "C3'"  1 
ATOM   736  O  "O3'"  . DG  B 2 3  ? 8.081   2.559   -1.553  1.00 120.55 ? 2   DG  B "O3'"  1 
ATOM   737  C  "C2'"  . DG  B 2 3  ? 5.679   2.075   -1.394  1.00 107.99 ? 2   DG  B "C2'"  1 
ATOM   738  C  "C1'"  . DG  B 2 3  ? 5.305   2.729   -0.077  1.00 102.78 ? 2   DG  B "C1'"  1 
ATOM   739  N  N9     . DG  B 2 3  ? 3.948   2.450   0.392   1.00 106.94 ? 2   DG  B N9     1 
ATOM   740  C  C8     . DG  B 2 3  ? 2.771   2.848   -0.194  1.00 109.26 ? 2   DG  B C8     1 
ATOM   741  N  N7     . DG  B 2 3  ? 1.708   2.471   0.465   1.00 106.08 ? 2   DG  B N7     1 
ATOM   742  C  C5     . DG  B 2 3  ? 2.214   1.786   1.562   1.00 110.23 ? 2   DG  B C5     1 
ATOM   743  C  C6     . DG  B 2 3  ? 1.537   1.149   2.630   1.00 116.75 ? 2   DG  B C6     1 
ATOM   744  O  O6     . DG  B 2 3  ? 0.315   1.060   2.822   1.00 102.68 ? 2   DG  B O6     1 
ATOM   745  N  N1     . DG  B 2 3  ? 2.427   0.573   3.533   1.00 121.25 ? 2   DG  B N1     1 
ATOM   746  C  C2     . DG  B 2 3  ? 3.798   0.611   3.418   1.00 123.37 ? 2   DG  B C2     1 
ATOM   747  N  N2     . DG  B 2 3  ? 4.492   -0.002  4.390   1.00 129.81 ? 2   DG  B N2     1 
ATOM   748  N  N3     . DG  B 2 3  ? 4.444   1.205   2.423   1.00 110.83 ? 2   DG  B N3     1 
ATOM   749  C  C4     . DG  B 2 3  ? 3.591   1.771   1.535   1.00 107.85 ? 2   DG  B C4     1 
ATOM   750  H  "H5'"  . DG  B 2 3  ? 5.889   6.261   -1.741  1.00 127.28 ? 2   DG  B "H5'"  1 
ATOM   751  H  "H5''" . DG  B 2 3  ? 6.750   5.591   -2.885  1.00 127.28 ? 2   DG  B "H5''" 1 
ATOM   752  H  "H4'"  . DG  B 2 3  ? 7.268   4.653   -0.801  1.00 130.87 ? 2   DG  B "H4'"  1 
ATOM   753  H  "H3'"  . DG  B 2 3  ? 6.714   3.071   -2.887  1.00 138.82 ? 2   DG  B "H3'"  1 
ATOM   754  H  "H2'"  . DG  B 2 3  ? 4.921   2.061   -1.999  1.00 129.59 ? 2   DG  B "H2'"  1 
ATOM   755  H  "H2''" . DG  B 2 3  ? 6.022   1.179   -1.247  1.00 129.59 ? 2   DG  B "H2''" 1 
ATOM   756  H  "H1'"  . DG  B 2 3  ? 5.941   2.464   0.605   1.00 123.33 ? 2   DG  B "H1'"  1 
ATOM   757  H  H8     . DG  B 2 3  ? 2.733   3.334   -0.984  1.00 131.11 ? 2   DG  B H8     1 
ATOM   758  H  H1     . DG  B 2 3  ? 2.096   0.165   4.213   1.00 145.50 ? 2   DG  B H1     1 
ATOM   759  H  H21    . DG  B 2 3  ? 5.351   -0.007  4.366   1.00 155.78 ? 2   DG  B H21    1 
ATOM   760  H  H22    . DG  B 2 3  ? 4.077   -0.388  5.036   1.00 155.78 ? 2   DG  B H22    1 
ATOM   761  P  P      . DT  B 2 4  ? 8.768   1.316   -2.302  1.00 145.52 ? 3   DT  B P      1 
ATOM   762  O  OP1    . DT  B 2 4  ? 9.918   1.837   -3.076  1.00 117.83 ? 3   DT  B OP1    1 
ATOM   763  O  OP2    . DT  B 2 4  ? 7.699   0.564   -2.995  1.00 134.79 ? 3   DT  B OP2    1 
ATOM   764  O  "O5'"  . DT  B 2 4  ? 9.329   0.425   -1.098  1.00 129.35 ? 3   DT  B "O5'"  1 
ATOM   765  C  "C5'"  . DT  B 2 4  ? 9.183   -0.987  -1.115  1.00 116.43 ? 3   DT  B "C5'"  1 
ATOM   766  C  "C4'"  . DT  B 2 4  ? 8.903   -1.511  0.277   1.00 106.40 ? 3   DT  B "C4'"  1 
ATOM   767  O  "O4'"  . DT  B 2 4  ? 7.580   -1.073  0.697   1.00 114.27 ? 3   DT  B "O4'"  1 
ATOM   768  C  "C3'"  . DT  B 2 4  ? 8.909   -3.036  0.401   1.00 113.65 ? 3   DT  B "C3'"  1 
ATOM   769  O  "O3'"  . DT  B 2 4  ? 9.724   -3.447  1.496   1.00 123.14 ? 3   DT  B "O3'"  1 
ATOM   770  C  "C2'"  . DT  B 2 4  ? 7.442   -3.394  0.608   1.00 122.97 ? 3   DT  B "C2'"  1 
ATOM   771  C  "C1'"  . DT  B 2 4  ? 6.893   -2.155  1.282   1.00 117.93 ? 3   DT  B "C1'"  1 
ATOM   772  N  N1     . DT  B 2 4  ? 5.420   -1.946  1.106   1.00 118.20 ? 3   DT  B N1     1 
ATOM   773  C  C2     . DT  B 2 4  ? 4.560   -2.398  2.079   1.00 121.25 ? 3   DT  B C2     1 
ATOM   774  O  O2     . DT  B 2 4  ? 4.932   -2.984  3.079   1.00 140.10 ? 3   DT  B O2     1 
ATOM   775  N  N3     . DT  B 2 4  ? 3.236   -2.142  1.839   1.00 122.47 ? 3   DT  B N3     1 
ATOM   776  C  C4     . DT  B 2 4  ? 2.698   -1.487  0.748   1.00 118.33 ? 3   DT  B C4     1 
ATOM   777  O  O4     . DT  B 2 4  ? 1.491   -1.308  0.622   1.00 124.67 ? 3   DT  B O4     1 
ATOM   778  C  C5     . DT  B 2 4  ? 3.652   -1.034  -0.234  1.00 116.71 ? 3   DT  B C5     1 
ATOM   779  C  C7     . DT  B 2 4  ? 3.179   -0.319  -1.465  1.00 123.80 ? 3   DT  B C7     1 
ATOM   780  C  C6     . DT  B 2 4  ? 4.955   -1.277  -0.010  1.00 116.83 ? 3   DT  B C6     1 
ATOM   781  H  "H5'"  . DT  B 2 4  ? 9.999   -1.389  -1.449  1.00 139.71 ? 3   DT  B "H5'"  1 
ATOM   782  H  "H5''" . DT  B 2 4  ? 8.447   -1.225  -1.701  1.00 139.71 ? 3   DT  B "H5''" 1 
ATOM   783  H  "H4'"  . DT  B 2 4  ? 9.561   -1.145  0.888   1.00 127.68 ? 3   DT  B "H4'"  1 
ATOM   784  H  "H3'"  . DT  B 2 4  ? 9.234   -3.432  -0.423  1.00 136.38 ? 3   DT  B "H3'"  1 
ATOM   785  H  "H2'"  . DT  B 2 4  ? 7.001   -3.547  -0.242  1.00 147.56 ? 3   DT  B "H2'"  1 
ATOM   786  H  "H2''" . DT  B 2 4  ? 7.355   -4.167  1.187   1.00 147.56 ? 3   DT  B "H2''" 1 
ATOM   787  H  "H1'"  . DT  B 2 4  ? 7.100   -2.189  2.229   1.00 141.52 ? 3   DT  B "H1'"  1 
ATOM   788  H  H3     . DT  B 2 4  ? 2.679   -2.418  2.433   1.00 146.96 ? 3   DT  B H3     1 
ATOM   789  H  H71    . DT  B 2 4  ? 3.577   0.566   -1.498  1.00 148.56 ? 3   DT  B H71    1 
ATOM   790  H  H72    . DT  B 2 4  ? 3.441   -0.820  -2.252  1.00 148.56 ? 3   DT  B H72    1 
ATOM   791  H  H73    . DT  B 2 4  ? 2.213   -0.237  -1.440  1.00 148.56 ? 3   DT  B H73    1 
ATOM   792  H  H6     . DT  B 2 4  ? 5.573   -0.987  -0.641  1.00 140.20 ? 3   DT  B H6     1 
ATOM   793  P  P      . DC  B 2 5  ? 10.930  -4.486  1.276   1.00 146.43 ? 4   DC  B P      1 
ATOM   794  O  OP1    . DC  B 2 5  ? 12.070  -4.002  2.085   1.00 143.19 ? 4   DC  B OP1    1 
ATOM   795  O  OP2    . DC  B 2 5  ? 11.110  -4.703  -0.177  1.00 125.63 ? 4   DC  B OP2    1 
ATOM   796  O  "O5'"  . DC  B 2 5  ? 10.391  -5.848  1.921   1.00 117.06 ? 4   DC  B "O5'"  1 
ATOM   797  C  "C5'"  . DC  B 2 5  ? 9.236   -6.489  1.388   1.00 111.99 ? 4   DC  B "C5'"  1 
ATOM   798  C  "C4'"  . DC  B 2 5  ? 8.348   -7.017  2.502   1.00 102.64 ? 4   DC  B "C4'"  1 
ATOM   799  O  "O4'"  . DC  B 2 5  ? 7.117   -6.238  2.554   1.00 97.51  ? 4   DC  B "O4'"  1 
ATOM   800  C  "C3'"  . DC  B 2 5  ? 7.902   -8.464  2.336   1.00 94.96  ? 4   DC  B "C3'"  1 
ATOM   801  O  "O3'"  . DC  B 2 5  ? 7.782   -9.100  3.609   1.00 78.28  ? 4   DC  B "O3'"  1 
ATOM   802  C  "C2'"  . DC  B 2 5  ? 6.561   -8.314  1.637   1.00 98.17  ? 4   DC  B "C2'"  1 
ATOM   803  C  "C1'"  . DC  B 2 5  ? 6.002   -7.085  2.322   1.00 98.80  ? 4   DC  B "C1'"  1 
ATOM   804  N  N1     . DC  B 2 5  ? 4.985   -6.324  1.530   1.00 106.25 ? 4   DC  B N1     1 
ATOM   805  C  C2     . DC  B 2 5  ? 3.659   -6.262  1.979   1.00 112.75 ? 4   DC  B C2     1 
ATOM   806  O  O2     . DC  B 2 5  ? 3.339   -6.869  3.007   1.00 118.23 ? 4   DC  B O2     1 
ATOM   807  N  N3     . DC  B 2 5  ? 2.757   -5.544  1.264   1.00 113.74 ? 4   DC  B N3     1 
ATOM   808  C  C4     . DC  B 2 5  ? 3.139   -4.903  0.159   1.00 112.81 ? 4   DC  B C4     1 
ATOM   809  N  N4     . DC  B 2 5  ? 2.213   -4.210  -0.513  1.00 113.90 ? 4   DC  B N4     1 
ATOM   810  C  C5     . DC  B 2 5  ? 4.485   -4.945  -0.305  1.00 113.38 ? 4   DC  B C5     1 
ATOM   811  C  C6     . DC  B 2 5  ? 5.364   -5.661  0.404   1.00 104.90 ? 4   DC  B C6     1 
ATOM   812  H  "H5'"  . DC  B 2 5  ? 9.513   -7.228  0.824   1.00 134.39 ? 4   DC  B "H5'"  1 
ATOM   813  H  "H5''" . DC  B 2 5  ? 8.735   -5.852  0.856   1.00 134.39 ? 4   DC  B "H5''" 1 
ATOM   814  H  "H4'"  . DC  B 2 5  ? 8.815   -6.925  3.347   1.00 123.17 ? 4   DC  B "H4'"  1 
ATOM   815  H  "H3'"  . DC  B 2 5  ? 8.526   -8.947  1.772   1.00 113.95 ? 4   DC  B "H3'"  1 
ATOM   816  H  "H2'"  . DC  B 2 5  ? 6.681   -8.158  0.687   1.00 117.80 ? 4   DC  B "H2'"  1 
ATOM   817  H  "H2''" . DC  B 2 5  ? 5.998   -9.087  1.796   1.00 117.80 ? 4   DC  B "H2''" 1 
ATOM   818  H  "H1'"  . DC  B 2 5  ? 5.615   -7.344  3.173   1.00 118.56 ? 4   DC  B "H1'"  1 
ATOM   819  H  H41    . DC  B 2 5  ? 2.429   -3.786  -1.229  1.00 136.69 ? 4   DC  B H41    1 
ATOM   820  H  H42    . DC  B 2 5  ? 1.402   -4.187  -0.228  1.00 136.69 ? 4   DC  B H42    1 
ATOM   821  H  H5     . DC  B 2 5  ? 4.743   -4.497  -1.078  1.00 136.06 ? 4   DC  B H5     1 
ATOM   822  H  H6     . DC  B 2 5  ? 6.251   -5.703  0.125   1.00 125.87 ? 4   DC  B H6     1 
ATOM   823  P  P      . DA  B 2 6  ? 8.284   -10.612 3.822   1.00 95.79  ? 5   DA  B P      1 
ATOM   824  O  OP1    . DA  B 2 6  ? 7.869   -11.019 5.184   1.00 109.49 ? 5   DA  B OP1    1 
ATOM   825  O  OP2    . DA  B 2 6  ? 9.712   -10.639 3.430   1.00 101.64 ? 5   DA  B OP2    1 
ATOM   826  O  "O5'"  . DA  B 2 6  ? 7.466   -11.455 2.730   1.00 117.39 ? 5   DA  B "O5'"  1 
ATOM   827  C  "C5'"  . DA  B 2 6  ? 6.680   -12.592 3.112   1.00 105.57 ? 5   DA  B "C5'"  1 
ATOM   828  C  "C4'"  . DA  B 2 6  ? 5.212   -12.337 2.858   1.00 98.18  ? 5   DA  B "C4'"  1 
ATOM   829  O  "O4'"  . DA  B 2 6  ? 5.063   -11.082 2.148   1.00 102.71 ? 5   DA  B "O4'"  1 
ATOM   830  C  "C3'"  . DA  B 2 6  ? 4.522   -13.393 1.997   1.00 88.11  ? 5   DA  B "C3'"  1 
ATOM   831  O  "O3'"  . DA  B 2 6  ? 3.632   -14.182 2.771   1.00 82.16  ? 5   DA  B "O3'"  1 
ATOM   832  C  "C2'"  . DA  B 2 6  ? 3.779   -12.595 0.929   1.00 93.43  ? 5   DA  B "C2'"  1 
ATOM   833  C  "C1'"  . DA  B 2 6  ? 3.892   -11.150 1.386   1.00 74.70  ? 5   DA  B "C1'"  1 
ATOM   834  N  N9     . DA  B 2 6  ? 3.952   -10.206 0.269   1.00 83.36  ? 5   DA  B N9     1 
ATOM   835  C  C8     . DA  B 2 6  ? 4.996   -9.983  -0.584  1.00 87.97  ? 5   DA  B C8     1 
ATOM   836  N  N7     . DA  B 2 6  ? 4.736   -9.085  -1.510  1.00 100.59 ? 5   DA  B N7     1 
ATOM   837  C  C5     . DA  B 2 6  ? 3.424   -8.711  -1.248  1.00 98.88  ? 5   DA  B C5     1 
ATOM   838  C  C6     . DA  B 2 6  ? 2.557   -7.796  -1.871  1.00 100.10 ? 5   DA  B C6     1 
ATOM   839  N  N6     . DA  B 2 6  ? 2.886   -7.057  -2.932  1.00 103.73 ? 5   DA  B N6     1 
ATOM   840  N  N1     . DA  B 2 6  ? 1.311   -7.666  -1.355  1.00 100.26 ? 5   DA  B N1     1 
ATOM   841  C  C2     . DA  B 2 6  ? 0.979   -8.408  -0.290  1.00 101.20 ? 5   DA  B C2     1 
ATOM   842  N  N3     . DA  B 2 6  ? 1.709   -9.295  0.372   1.00 96.79  ? 5   DA  B N3     1 
ATOM   843  C  C4     . DA  B 2 6  ? 2.934   -9.403  -0.161  1.00 93.53  ? 5   DA  B C4     1 
ATOM   844  H  "H5'"  . DA  B 2 6  ? 6.814   -12.771 4.056   1.00 126.68 ? 5   DA  B "H5'"  1 
ATOM   845  H  "H5''" . DA  B 2 6  ? 6.963   -13.364 2.597   1.00 126.68 ? 5   DA  B "H5''" 1 
ATOM   846  H  "H4'"  . DA  B 2 6  ? 4.751   -12.272 3.709   1.00 117.82 ? 5   DA  B "H4'"  1 
ATOM   847  H  "H3'"  . DA  B 2 6  ? 5.186   -13.962 1.579   1.00 105.73 ? 5   DA  B "H3'"  1 
ATOM   848  H  "HO3'" . DA  B 2 6  ? 2.815   -14.203 2.579   1.00 98.59  ? 5   DA  B "HO3'" 1 
ATOM   849  H  "H2'"  . DA  B 2 6  ? 4.204   -12.710 0.065   1.00 112.12 ? 5   DA  B "H2'"  1 
ATOM   850  H  "H2''" . DA  B 2 6  ? 2.849   -12.866 0.890   1.00 112.12 ? 5   DA  B "H2''" 1 
ATOM   851  H  "H1'"  . DA  B 2 6  ? 3.132   -10.932 1.949   1.00 89.64  ? 5   DA  B "H1'"  1 
ATOM   852  H  H8     . DA  B 2 6  ? 5.817   -10.415 -0.510  1.00 105.56 ? 5   DA  B H8     1 
ATOM   853  H  H61    . DA  B 2 6  ? 2.312   -6.515  -3.272  1.00 124.48 ? 5   DA  B H61    1 
ATOM   854  H  H62    . DA  B 2 6  ? 3.672   -7.124  -3.274  1.00 124.48 ? 5   DA  B H62    1 
ATOM   855  H  H2     . DA  B 2 6  ? 0.113   -8.284  0.028   1.00 121.44 ? 5   DA  B H2     1 
ATOM   856  O  "O5'"  . DT  C 3 1  ? 5.777   34.781  16.092  1.00 149.33 ? 1   DT  C "O5'"  1 
ATOM   857  C  "C5'"  . DT  C 3 1  ? 6.006   33.396  15.865  1.00 148.15 ? 1   DT  C "C5'"  1 
ATOM   858  C  "C4'"  . DT  C 3 1  ? 6.487   32.712  17.130  1.00 132.06 ? 1   DT  C "C4'"  1 
ATOM   859  O  "O4'"  . DT  C 3 1  ? 5.466   32.799  18.140  1.00 123.67 ? 1   DT  C "O4'"  1 
ATOM   860  C  "C3'"  . DT  C 3 1  ? 6.758   31.225  17.000  1.00 136.56 ? 1   DT  C "C3'"  1 
ATOM   861  O  "O3'"  . DT  C 3 1  ? 8.086   30.993  16.447  1.00 148.03 ? 1   DT  C "O3'"  1 
ATOM   862  C  "C2'"  . DT  C 3 1  ? 6.560   30.713  18.437  1.00 121.10 ? 1   DT  C "C2'"  1 
ATOM   863  C  "C1'"  . DT  C 3 1  ? 5.666   31.770  19.089  1.00 122.90 ? 1   DT  C "C1'"  1 
ATOM   864  N  N1     . DT  C 3 1  ? 4.333   31.267  19.537  1.00 126.48 ? 1   DT  C N1     1 
ATOM   865  C  C2     . DT  C 3 1  ? 4.268   30.423  20.619  1.00 130.53 ? 1   DT  C C2     1 
ATOM   866  O  O2     . DT  C 3 1  ? 5.252   30.047  21.231  1.00 133.72 ? 1   DT  C O2     1 
ATOM   867  N  N3     . DT  C 3 1  ? 3.003   30.038  20.972  1.00 126.16 ? 1   DT  C N3     1 
ATOM   868  C  C4     . DT  C 3 1  ? 1.818   30.403  20.361  1.00 124.83 ? 1   DT  C C4     1 
ATOM   869  O  O4     . DT  C 3 1  ? 0.728   30.000  20.752  1.00 123.66 ? 1   DT  C O4     1 
ATOM   870  C  C5     . DT  C 3 1  ? 1.956   31.291  19.230  1.00 126.05 ? 1   DT  C C5     1 
ATOM   871  C  C7     . DT  C 3 1  ? 0.737   31.753  18.484  1.00 121.66 ? 1   DT  C C7     1 
ATOM   872  C  C6     . DT  C 3 1  ? 3.192   31.679  18.877  1.00 126.03 ? 1   DT  C C6     1 
ATOM   873  H  "H5'"  . DT  C 3 1  ? 6.677   33.294  15.172  1.00 177.78 ? 1   DT  C "H5'"  1 
ATOM   874  H  "H5''" . DT  C 3 1  ? 5.180   32.980  15.572  1.00 177.78 ? 1   DT  C "H5''" 1 
ATOM   875  H  "H4'"  . DT  C 3 1  ? 7.289   33.156  17.448  1.00 158.47 ? 1   DT  C "H4'"  1 
ATOM   876  H  "H3'"  . DT  C 3 1  ? 6.091   30.825  16.420  1.00 163.87 ? 1   DT  C "H3'"  1 
ATOM   877  H  "H2'"  . DT  C 3 1  ? 6.117   29.850  18.433  1.00 145.33 ? 1   DT  C "H2'"  1 
ATOM   878  H  "H2''" . DT  C 3 1  ? 7.412   30.657  18.898  1.00 145.33 ? 1   DT  C "H2''" 1 
ATOM   879  H  "H1'"  . DT  C 3 1  ? 6.131   32.141  19.856  1.00 147.48 ? 1   DT  C "H1'"  1 
ATOM   880  H  H3     . DT  C 3 1  ? 2.938   29.511  21.648  1.00 151.40 ? 1   DT  C H3     1 
ATOM   881  H  H71    . DT  C 3 1  ? -0.055  31.367  18.889  1.00 145.99 ? 1   DT  C H71    1 
ATOM   882  H  H72    . DT  C 3 1  ? 0.682   32.720  18.524  1.00 145.99 ? 1   DT  C H72    1 
ATOM   883  H  H73    . DT  C 3 1  ? 0.799   31.471  17.558  1.00 145.99 ? 1   DT  C H73    1 
ATOM   884  H  H6     . DT  C 3 1  ? 3.285   32.252  18.150  1.00 151.24 ? 1   DT  C H6     1 
ATOM   885  H  "HO5'" . DT  C 3 1  ? 5.734   35.312  15.441  1.00 179.19 ? 1   DT  C "HO5'" 1 
ATOM   886  P  P      . DC  C 3 2  ? 9.288   30.344  17.298  1.00 159.05 ? 2   DC  C P      1 
ATOM   887  O  OP1    . DC  C 3 2  ? 9.586   31.252  18.427  1.00 160.62 ? 2   DC  C OP1    1 
ATOM   888  O  OP2    . DC  C 3 2  ? 10.364  29.997  16.342  1.00 126.72 ? 2   DC  C OP2    1 
ATOM   889  O  "O5'"  . DC  C 3 2  ? 8.675   28.992  17.892  1.00 130.91 ? 2   DC  C "O5'"  1 
ATOM   890  C  "C5'"  . DC  C 3 2  ? 9.524   27.877  18.136  1.00 128.41 ? 2   DC  C "C5'"  1 
ATOM   891  C  "C4'"  . DC  C 3 2  ? 9.172   27.191  19.445  1.00 127.41 ? 2   DC  C "C4'"  1 
ATOM   892  O  "O4'"  . DC  C 3 2  ? 7.819   27.554  19.837  1.00 129.68 ? 2   DC  C "O4'"  1 
ATOM   893  C  "C3'"  . DC  C 3 2  ? 9.207   25.663  19.395  1.00 128.35 ? 2   DC  C "C3'"  1 
ATOM   894  O  "O3'"  . DC  C 3 2  ? 9.875   25.136  20.531  1.00 136.68 ? 2   DC  C "O3'"  1 
ATOM   895  C  "C2'"  . DC  C 3 2  ? 7.735   25.272  19.353  1.00 128.28 ? 2   DC  C "C2'"  1 
ATOM   896  C  "C1'"  . DC  C 3 2  ? 7.077   26.390  20.136  1.00 129.40 ? 2   DC  C "C1'"  1 
ATOM   897  N  N1     . DC  C 3 2  ? 5.646   26.637  19.782  1.00 129.15 ? 2   DC  C N1     1 
ATOM   898  C  C2     . DC  C 3 2  ? 4.626   26.135  20.603  1.00 124.89 ? 2   DC  C C2     1 
ATOM   899  O  O2     . DC  C 3 2  ? 4.926   25.478  21.608  1.00 126.29 ? 2   DC  C O2     1 
ATOM   900  N  N3     . DC  C 3 2  ? 3.334   26.381  20.267  1.00 120.51 ? 2   DC  C N3     1 
ATOM   901  C  C4     . DC  C 3 2  ? 3.053   27.095  19.174  1.00 124.27 ? 2   DC  C C4     1 
ATOM   902  N  N4     . DC  C 3 2  ? 1.767   27.314  18.883  1.00 115.14 ? 2   DC  C N4     1 
ATOM   903  C  C5     . DC  C 3 2  ? 4.077   27.617  18.332  1.00 116.09 ? 2   DC  C C5     1 
ATOM   904  C  C6     . DC  C 3 2  ? 5.345   27.365  18.670  1.00 124.05 ? 2   DC  C C6     1 
ATOM   905  H  "H5'"  . DC  C 3 2  ? 10.444  28.181  18.174  1.00 154.10 ? 2   DC  C "H5'"  1 
ATOM   906  H  "H5''" . DC  C 3 2  ? 9.431   27.242  17.409  1.00 154.10 ? 2   DC  C "H5''" 1 
ATOM   907  H  "H4'"  . DC  C 3 2  ? 9.787   27.495  20.131  1.00 152.89 ? 2   DC  C "H4'"  1 
ATOM   908  H  "H3'"  . DC  C 3 2  ? 9.650   25.369  18.584  1.00 154.02 ? 2   DC  C "H3'"  1 
ATOM   909  H  "H2'"  . DC  C 3 2  ? 7.409   25.253  18.440  1.00 153.93 ? 2   DC  C "H2'"  1 
ATOM   910  H  "H2''" . DC  C 3 2  ? 7.593   24.417  19.789  1.00 153.93 ? 2   DC  C "H2''" 1 
ATOM   911  H  "H1'"  . DC  C 3 2  ? 7.146   26.201  21.085  1.00 155.29 ? 2   DC  C "H1'"  1 
ATOM   912  H  H41    . DC  C 3 2  ? 1.556   27.770  18.185  1.00 138.17 ? 2   DC  C H41    1 
ATOM   913  H  H42    . DC  C 3 2  ? 1.151   27.000  19.395  1.00 138.17 ? 2   DC  C H42    1 
ATOM   914  H  H5     . DC  C 3 2  ? 3.871   28.113  17.572  1.00 139.31 ? 2   DC  C H5     1 
ATOM   915  H  H6     . DC  C 3 2  ? 6.034   27.695  18.141  1.00 148.86 ? 2   DC  C H6     1 
ATOM   916  P  P      . DT  C 3 3  ? 10.399  23.618  20.525  1.00 151.08 ? 3   DT  C P      1 
ATOM   917  O  OP1    . DT  C 3 3  ? 11.335  23.460  21.661  1.00 144.59 ? 3   DT  C OP1    1 
ATOM   918  O  OP2    . DT  C 3 3  ? 10.848  23.303  19.150  1.00 130.20 ? 3   DT  C OP2    1 
ATOM   919  O  "O5'"  . DT  C 3 3  ? 9.088   22.764  20.856  1.00 139.71 ? 3   DT  C "O5'"  1 
ATOM   920  C  "C5'"  . DT  C 3 3  ? 8.380   23.002  22.066  1.00 125.06 ? 3   DT  C "C5'"  1 
ATOM   921  C  "C4'"  . DT  C 3 3  ? 7.515   21.810  22.439  1.00 137.81 ? 3   DT  C "C4'"  1 
ATOM   922  O  "O4'"  . DT  C 3 3  ? 6.133   22.072  22.066  1.00 140.10 ? 3   DT  C "O4'"  1 
ATOM   923  C  "C3'"  . DT  C 3 3  ? 7.887   20.496  21.759  1.00 134.06 ? 3   DT  C "C3'"  1 
ATOM   924  O  "O3'"  . DT  C 3 3  ? 7.714   19.413  22.671  1.00 139.32 ? 3   DT  C "O3'"  1 
ATOM   925  C  "C2'"  . DT  C 3 3  ? 6.926   20.440  20.570  1.00 127.50 ? 3   DT  C "C2'"  1 
ATOM   926  C  "C1'"  . DT  C 3 3  ? 5.675   21.101  21.139  1.00 135.35 ? 3   DT  C "C1'"  1 
ATOM   927  N  N1     . DT  C 3 3  ? 4.788   21.804  20.141  1.00 125.99 ? 3   DT  C N1     1 
ATOM   928  C  C2     . DT  C 3 3  ? 3.427   21.797  20.351  1.00 122.82 ? 3   DT  C C2     1 
ATOM   929  O  O2     . DT  C 3 3  ? 2.900   21.218  21.284  1.00 125.45 ? 3   DT  C O2     1 
ATOM   930  N  N3     . DT  C 3 3  ? 2.698   22.487  19.421  1.00 118.02 ? 3   DT  C N3     1 
ATOM   931  C  C4     . DT  C 3 3  ? 3.180   23.180  18.329  1.00 118.96 ? 3   DT  C C4     1 
ATOM   932  O  O4     . DT  C 3 3  ? 2.439   23.770  17.548  1.00 111.36 ? 3   DT  C O4     1 
ATOM   933  C  C5     . DT  C 3 3  ? 4.614   23.164  18.169  1.00 116.18 ? 3   DT  C C5     1 
ATOM   934  C  C7     . DT  C 3 3  ? 5.247   23.882  17.014  1.00 135.03 ? 3   DT  C C7     1 
ATOM   935  C  C6     . DT  C 3 3  ? 5.346   22.492  19.077  1.00 110.40 ? 3   DT  C C6     1 
ATOM   936  H  "H5'"  . DT  C 3 3  ? 7.815   23.782  21.955  1.00 150.08 ? 3   DT  C "H5'"  1 
ATOM   937  H  "H5''" . DT  C 3 3  ? 9.016   23.169  22.778  1.00 150.08 ? 3   DT  C "H5''" 1 
ATOM   938  H  "H4'"  . DT  C 3 3  ? 7.559   21.684  23.400  1.00 165.37 ? 3   DT  C "H4'"  1 
ATOM   939  H  "H3'"  . DT  C 3 3  ? 8.804   20.530  21.446  1.00 160.87 ? 3   DT  C "H3'"  1 
ATOM   940  H  "H2'"  . DT  C 3 3  ? 7.274   20.948  19.821  1.00 153.00 ? 3   DT  C "H2'"  1 
ATOM   941  H  "H2''" . DT  C 3 3  ? 6.745   19.522  20.315  1.00 153.00 ? 3   DT  C "H2''" 1 
ATOM   942  H  "H1'"  . DT  C 3 3  ? 5.153   20.434  21.612  1.00 162.42 ? 3   DT  C "H1'"  1 
ATOM   943  H  H3     . DT  C 3 3  ? 1.844   22.489  19.530  1.00 141.62 ? 3   DT  C H3     1 
ATOM   944  H  H71    . DT  C 3 3  ? 4.557   24.311  16.483  1.00 162.04 ? 3   DT  C H71    1 
ATOM   945  H  H72    . DT  C 3 3  ? 5.862   24.553  17.349  1.00 162.04 ? 3   DT  C H72    1 
ATOM   946  H  H73    . DT  C 3 3  ? 5.730   23.246  16.464  1.00 162.04 ? 3   DT  C H73    1 
ATOM   947  H  H6     . DT  C 3 3  ? 6.271   22.477  18.976  1.00 132.48 ? 3   DT  C H6     1 
ATOM   948  P  P      . DG  C 3 4  ? 7.910   17.894  22.193  1.00 157.82 ? 4   DG  C P      1 
ATOM   949  O  OP1    . DG  C 3 4  ? 8.465   17.130  23.333  1.00 145.88 ? 4   DG  C OP1    1 
ATOM   950  O  OP2    . DG  C 3 4  ? 8.624   17.915  20.897  1.00 144.07 ? 4   DG  C OP2    1 
ATOM   951  O  "O5'"  . DG  C 3 4  ? 6.418   17.392  21.932  1.00 134.64 ? 4   DG  C "O5'"  1 
ATOM   952  C  "C5'"  . DG  C 3 4  ? 5.441   17.503  22.960  1.00 132.34 ? 4   DG  C "C5'"  1 
ATOM   953  C  "C4'"  . DG  C 3 4  ? 4.234   16.644  22.646  1.00 138.68 ? 4   DG  C "C4'"  1 
ATOM   954  O  "O4'"  . DG  C 3 4  ? 3.500   17.237  21.542  1.00 130.45 ? 4   DG  C "O4'"  1 
ATOM   955  C  "C3'"  . DG  C 3 4  ? 4.565   15.230  22.196  1.00 125.40 ? 4   DG  C "C3'"  1 
ATOM   956  O  "O3'"  . DG  C 3 4  ? 3.525   14.326  22.544  1.00 120.86 ? 4   DG  C "O3'"  1 
ATOM   957  C  "C2'"  . DG  C 3 4  ? 4.716   15.389  20.691  1.00 112.99 ? 4   DG  C "C2'"  1 
ATOM   958  C  "C1'"  . DG  C 3 4  ? 3.685   16.471  20.363  1.00 112.46 ? 4   DG  C "C1'"  1 
ATOM   959  N  N9     . DG  C 3 4  ? 4.077   17.375  19.278  1.00 104.02 ? 4   DG  C N9     1 
ATOM   960  C  C8     . DG  C 3 4  ? 5.337   17.568  18.756  1.00 113.20 ? 4   DG  C C8     1 
ATOM   961  N  N7     . DG  C 3 4  ? 5.371   18.443  17.788  1.00 103.87 ? 4   DG  C N7     1 
ATOM   962  C  C5     . DG  C 3 4  ? 4.051   18.857  17.658  1.00 107.47 ? 4   DG  C C5     1 
ATOM   963  C  C6     . DG  C 3 4  ? 3.473   19.796  16.772  1.00 92.97  ? 4   DG  C C6     1 
ATOM   964  O  O6     . DG  C 3 4  ? 4.031   20.470  15.896  1.00 91.57  ? 4   DG  C O6     1 
ATOM   965  N  N1     . DG  C 3 4  ? 2.100   19.918  16.975  1.00 95.12  ? 4   DG  C N1     1 
ATOM   966  C  C2     . DG  C 3 4  ? 1.380   19.220  17.918  1.00 103.26 ? 4   DG  C C2     1 
ATOM   967  N  N2     . DG  C 3 4  ? 0.065   19.471  17.967  1.00 115.34 ? 4   DG  C N2     1 
ATOM   968  N  N3     . DG  C 3 4  ? 1.909   18.339  18.753  1.00 96.75  ? 4   DG  C N3     1 
ATOM   969  C  C4     . DG  C 3 4  ? 3.244   18.208  18.568  1.00 111.44 ? 4   DG  C C4     1 
ATOM   970  H  "H5'"  . DG  C 3 4  ? 5.162   18.430  23.038  1.00 158.81 ? 4   DG  C "H5'"  1 
ATOM   971  H  "H5''" . DG  C 3 4  ? 5.828   17.215  23.802  1.00 158.81 ? 4   DG  C "H5''" 1 
ATOM   972  H  "H4'"  . DG  C 3 4  ? 3.659   16.604  23.426  1.00 166.42 ? 4   DG  C "H4'"  1 
ATOM   973  H  "H3'"  . DG  C 3 4  ? 5.405   14.943  22.587  1.00 150.48 ? 4   DG  C "H3'"  1 
ATOM   974  H  "H2'"  . DG  C 3 4  ? 5.611   15.687  20.466  1.00 135.59 ? 4   DG  C "H2'"  1 
ATOM   975  H  "H2''" . DG  C 3 4  ? 4.502   14.560  20.235  1.00 135.59 ? 4   DG  C "H2''" 1 
ATOM   976  H  "H1'"  . DG  C 3 4  ? 2.845   16.045  20.129  1.00 134.96 ? 4   DG  C "H1'"  1 
ATOM   977  H  H8     . DG  C 3 4  ? 6.089   17.118  19.065  1.00 135.84 ? 4   DG  C H8     1 
ATOM   978  H  H1     . DG  C 3 4  ? 1.671   20.470  16.474  1.00 114.15 ? 4   DG  C H1     1 
ATOM   979  H  H21    . DG  C 3 4  ? -0.431  19.061  18.537  1.00 138.40 ? 4   DG  C H21    1 
ATOM   980  H  H22    . DG  C 3 4  ? -0.285  20.043  17.428  1.00 138.40 ? 4   DG  C H22    1 
ATOM   981  P  P      . DA  C 3 5  ? 3.807   12.745  22.580  1.00 150.95 ? 5   DA  C P      1 
ATOM   982  O  OP1    . DA  C 3 5  ? 4.161   12.379  23.970  1.00 146.04 ? 5   DA  C OP1    1 
ATOM   983  O  OP2    . DA  C 3 5  ? 4.742   12.436  21.477  1.00 129.52 ? 5   DA  C OP2    1 
ATOM   984  O  "O5'"  . DA  C 3 5  ? 2.388   12.093  22.226  1.00 137.19 ? 5   DA  C "O5'"  1 
ATOM   985  C  "C5'"  . DA  C 3 5  ? 1.279   12.300  23.091  1.00 131.30 ? 5   DA  C "C5'"  1 
ATOM   986  C  "C4'"  . DA  C 3 5  ? -0.009  12.463  22.303  1.00 123.56 ? 5   DA  C "C4'"  1 
ATOM   987  O  "O4'"  . DA  C 3 5  ? 0.187   13.456  21.253  1.00 123.22 ? 5   DA  C "O4'"  1 
ATOM   988  C  "C3'"  . DA  C 3 5  ? -0.493  11.209  21.587  1.00 110.57 ? 5   DA  C "C3'"  1 
ATOM   989  O  "O3'"  . DA  C 3 5  ? -1.921  11.193  21.527  1.00 111.69 ? 5   DA  C "O3'"  1 
ATOM   990  C  "C2'"  . DA  C 3 5  ? 0.153   11.347  20.216  1.00 107.41 ? 5   DA  C "C2'"  1 
ATOM   991  C  "C1'"  . DA  C 3 5  ? 0.058   12.849  19.977  1.00 109.21 ? 5   DA  C "C1'"  1 
ATOM   992  N  N9     . DA  C 3 5  ? 1.091   13.397  19.096  1.00 110.84 ? 5   DA  C N9     1 
ATOM   993  C  C8     . DA  C 3 5  ? 2.429   13.115  19.110  1.00 113.93 ? 5   DA  C C8     1 
ATOM   994  N  N7     . DA  C 3 5  ? 3.118   13.771  18.204  1.00 112.15 ? 5   DA  C N7     1 
ATOM   995  C  C5     . DA  C 3 5  ? 2.167   14.541  17.554  1.00 105.56 ? 5   DA  C C5     1 
ATOM   996  C  C6     . DA  C 3 5  ? 2.254   15.464  16.491  1.00 99.56  ? 5   DA  C C6     1 
ATOM   997  N  N6     . DA  C 3 5  ? 3.400   15.773  15.872  1.00 86.75  ? 5   DA  C N6     1 
ATOM   998  N  N1     . DA  C 3 5  ? 1.113   16.059  16.083  1.00 88.97  ? 5   DA  C N1     1 
ATOM   999  C  C2     . DA  C 3 5  ? -0.032  15.748  16.704  1.00 101.22 ? 5   DA  C C2     1 
ATOM   1000 N  N3     . DA  C 3 5  ? -0.238  14.901  17.711  1.00 103.85 ? 5   DA  C N3     1 
ATOM   1001 C  C4     . DA  C 3 5  ? 0.912   14.325  18.094  1.00 106.26 ? 5   DA  C C4     1 
ATOM   1002 H  "H5'"  . DA  C 3 5  ? 1.432   13.099  23.620  1.00 157.56 ? 5   DA  C "H5'"  1 
ATOM   1003 H  "H5''" . DA  C 3 5  ? 1.193   11.538  23.686  1.00 157.56 ? 5   DA  C "H5''" 1 
ATOM   1004 H  "H4'"  . DA  C 3 5  ? -0.707  12.773  22.902  1.00 148.27 ? 5   DA  C "H4'"  1 
ATOM   1005 H  "H3'"  . DA  C 3 5  ? -0.163  10.416  22.038  1.00 132.68 ? 5   DA  C "H3'"  1 
ATOM   1006 H  "H2'"  . DA  C 3 5  ? 1.079   11.058  20.240  1.00 128.89 ? 5   DA  C "H2'"  1 
ATOM   1007 H  "H2''" . DA  C 3 5  ? -0.347  10.857  19.546  1.00 128.89 ? 5   DA  C "H2''" 1 
ATOM   1008 H  "H1'"  . DA  C 3 5  ? -0.816  13.058  19.612  1.00 131.05 ? 5   DA  C "H1'"  1 
ATOM   1009 H  H8     . DA  C 3 5  ? 2.814   12.510  19.702  1.00 136.71 ? 5   DA  C H8     1 
ATOM   1010 H  H61    . DA  C 3 5  ? 3.401   16.342  15.229  1.00 104.10 ? 5   DA  C H61    1 
ATOM   1011 H  H62    . DA  C 3 5  ? 4.135   15.402  16.120  1.00 104.10 ? 5   DA  C H62    1 
ATOM   1012 H  H2     . DA  C 3 5  ? -0.789  16.186  16.387  1.00 121.47 ? 5   DA  C H2     1 
ATOM   1013 P  P      . DG  C 3 6  ? -2.716  9.844   21.163  1.00 129.13 ? 6   DG  C P      1 
ATOM   1014 O  OP1    . DG  C 3 6  ? -3.644  9.549   22.278  1.00 137.73 ? 6   DG  C OP1    1 
ATOM   1015 O  OP2    . DG  C 3 6  ? -1.717  8.836   20.746  1.00 118.26 ? 6   DG  C OP2    1 
ATOM   1016 O  "O5'"  . DG  C 3 6  ? -3.573  10.253  19.877  1.00 112.96 ? 6   DG  C "O5'"  1 
ATOM   1017 C  "C5'"  . DG  C 3 6  ? -2.923  10.874  18.784  1.00 105.63 ? 6   DG  C "C5'"  1 
ATOM   1018 C  "C4'"  . DG  C 3 6  ? -3.910  11.564  17.869  1.00 109.77 ? 6   DG  C "C4'"  1 
ATOM   1019 O  "O4'"  . DG  C 3 6  ? -3.211  12.596  17.133  1.00 99.13  ? 6   DG  C "O4'"  1 
ATOM   1020 C  "C3'"  . DG  C 3 6  ? -4.540  10.668  16.813  1.00 106.68 ? 6   DG  C "C3'"  1 
ATOM   1021 O  "O3'"  . DG  C 3 6  ? -5.840  11.117  16.451  1.00 116.06 ? 6   DG  C "O3'"  1 
ATOM   1022 C  "C2'"  . DG  C 3 6  ? -3.559  10.765  15.656  1.00 95.47  ? 6   DG  C "C2'"  1 
ATOM   1023 C  "C1'"  . DG  C 3 6  ? -2.947  12.158  15.814  1.00 98.92  ? 6   DG  C "C1'"  1 
ATOM   1024 N  N9     . DG  C 3 6  ? -1.508  12.164  15.577  1.00 91.76  ? 6   DG  C N9     1 
ATOM   1025 C  C8     . DG  C 3 6  ? -0.562  11.364  16.177  1.00 92.14  ? 6   DG  C C8     1 
ATOM   1026 N  N7     . DG  C 3 6  ? 0.647   11.570  15.735  1.00 87.25  ? 6   DG  C N7     1 
ATOM   1027 C  C5     . DG  C 3 6  ? 0.493   12.562  14.773  1.00 88.50  ? 6   DG  C C5     1 
ATOM   1028 C  C6     . DG  C 3 6  ? 1.455   13.198  13.951  1.00 100.21 ? 6   DG  C C6     1 
ATOM   1029 O  O6     . DG  C 3 6  ? 2.678   13.005  13.909  1.00 98.07  ? 6   DG  C O6     1 
ATOM   1030 N  N1     . DG  C 3 6  ? 0.870   14.147  13.114  1.00 83.67  ? 6   DG  C N1     1 
ATOM   1031 C  C2     . DG  C 3 6  ? -0.474  14.442  13.078  1.00 88.13  ? 6   DG  C C2     1 
ATOM   1032 N  N2     . DG  C 3 6  ? -0.855  15.384  12.207  1.00 90.32  ? 6   DG  C N2     1 
ATOM   1033 N  N3     . DG  C 3 6  ? -1.382  13.852  13.841  1.00 79.62  ? 6   DG  C N3     1 
ATOM   1034 C  C4     . DG  C 3 6  ? -0.831  12.929  14.660  1.00 85.29  ? 6   DG  C C4     1 
ATOM   1035 H  "H5'"  . DG  C 3 6  ? -2.440  10.201  18.279  1.00 126.75 ? 6   DG  C "H5'"  1 
ATOM   1036 H  "H5''" . DG  C 3 6  ? -2.293  11.530  19.121  1.00 126.75 ? 6   DG  C "H5''" 1 
ATOM   1037 H  "H4'"  . DG  C 3 6  ? -4.610  11.971  18.402  1.00 131.73 ? 6   DG  C "H4'"  1 
ATOM   1038 H  "H3'"  . DG  C 3 6  ? -4.581  9.754   17.136  1.00 128.02 ? 6   DG  C "H3'"  1 
ATOM   1039 H  "H2'"  . DG  C 3 6  ? -2.874  10.081  15.733  1.00 114.57 ? 6   DG  C "H2'"  1 
ATOM   1040 H  "H2''" . DG  C 3 6  ? -4.024  10.690  14.808  1.00 114.57 ? 6   DG  C "H2''" 1 
ATOM   1041 H  "H1'"  . DG  C 3 6  ? -3.374  12.763  15.188  1.00 118.70 ? 6   DG  C "H1'"  1 
ATOM   1042 H  H8     . DG  C 3 6  ? -0.766  10.741  16.837  1.00 110.56 ? 6   DG  C H8     1 
ATOM   1043 H  H1     . DG  C 3 6  ? 1.388   14.580  12.581  1.00 100.40 ? 6   DG  C H1     1 
ATOM   1044 H  H21    . DG  C 3 6  ? -1.684  15.603  12.145  1.00 108.38 ? 6   DG  C H21    1 
ATOM   1045 H  H22    . DG  C 3 6  ? -0.269  15.770  11.709  1.00 108.38 ? 6   DG  C H22    1 
ATOM   1046 P  P      . DT  C 3 7  ? -6.699  10.295  15.369  1.00 111.24 ? 7   DT  C P      1 
ATOM   1047 O  OP1    . DT  C 3 7  ? -8.123  10.653  15.560  1.00 103.85 ? 7   DT  C OP1    1 
ATOM   1048 O  OP2    . DT  C 3 7  ? -6.278  8.878   15.443  1.00 125.04 ? 7   DT  C OP2    1 
ATOM   1049 O  "O5'"  . DT  C 3 7  ? -6.202  10.875  13.962  1.00 87.89  ? 7   DT  C "O5'"  1 
ATOM   1050 C  "C5'"  . DT  C 3 7  ? -6.951  11.897  13.319  1.00 102.23 ? 7   DT  C "C5'"  1 
ATOM   1051 C  "C4'"  . DT  C 3 7  ? -6.112  12.653  12.299  1.00 95.03  ? 7   DT  C "C4'"  1 
ATOM   1052 O  "O4'"  . DT  C 3 7  ? -4.704  12.404  12.518  1.00 103.96 ? 7   DT  C "O4'"  1 
ATOM   1053 C  "C3'"  . DT  C 3 7  ? -6.364  12.264  10.837  1.00 95.26  ? 7   DT  C "C3'"  1 
ATOM   1054 O  "O3'"  . DT  C 3 7  ? -7.138  13.263  10.181  1.00 94.69  ? 7   DT  C "O3'"  1 
ATOM   1055 C  "C2'"  . DT  C 3 7  ? -4.959  12.121  10.227  1.00 77.45  ? 7   DT  C "C2'"  1 
ATOM   1056 C  "C1'"  . DT  C 3 7  ? -4.043  12.671  11.308  1.00 90.16  ? 7   DT  C "C1'"  1 
ATOM   1057 N  N1     . DT  C 3 7  ? -2.668  12.062  11.333  1.00 81.79  ? 7   DT  C N1     1 
ATOM   1058 C  C2     . DT  C 3 7  ? -1.699  12.565  10.493  1.00 92.51  ? 7   DT  C C2     1 
ATOM   1059 O  O2     . DT  C 3 7  ? -1.901  13.477  9.710   1.00 89.73  ? 7   DT  C O2     1 
ATOM   1060 N  N3     . DT  C 3 7  ? -0.477  11.958  10.595  1.00 84.68  ? 7   DT  C N3     1 
ATOM   1061 C  C4     . DT  C 3 7  ? -0.130  10.922  11.441  1.00 90.50  ? 7   DT  C C4     1 
ATOM   1062 O  O4     . DT  C 3 7  ? 1.000   10.442  11.459  1.00 93.38  ? 7   DT  C O4     1 
ATOM   1063 C  C5     . DT  C 3 7  ? -1.188  10.443  12.298  1.00 79.13  ? 7   DT  C C5     1 
ATOM   1064 C  C7     . DT  C 3 7  ? -0.926  9.320   13.255  1.00 93.68  ? 7   DT  C C7     1 
ATOM   1065 C  C6     . DT  C 3 7  ? -2.393  11.030  12.207  1.00 78.23  ? 7   DT  C C6     1 
ATOM   1066 H  "H5'"  . DT  C 3 7  ? -7.273  12.522  13.989  1.00 122.68 ? 7   DT  C "H5'"  1 
ATOM   1067 H  "H5''" . DT  C 3 7  ? -7.712  11.497  12.869  1.00 122.68 ? 7   DT  C "H5''" 1 
ATOM   1068 H  "H4'"  . DT  C 3 7  ? -6.280  13.603  12.402  1.00 114.04 ? 7   DT  C "H4'"  1 
ATOM   1069 H  "H3'"  . DT  C 3 7  ? -6.827  11.412  10.800  1.00 114.31 ? 7   DT  C "H3'"  1 
ATOM   1070 H  "H2'"  . DT  C 3 7  ? -4.758  11.190  10.050  1.00 92.93  ? 7   DT  C "H2'"  1 
ATOM   1071 H  "H2''" . DT  C 3 7  ? -4.884  12.649  9.416   1.00 92.93  ? 7   DT  C "H2''" 1 
ATOM   1072 H  "H1'"  . DT  C 3 7  ? -3.962  13.631  11.196  1.00 108.19 ? 7   DT  C "H1'"  1 
ATOM   1073 H  H3     . DT  C 3 7  ? 0.144   12.255  10.079  1.00 101.62 ? 7   DT  C H3     1 
ATOM   1074 H  H71    . DT  C 3 7  ? -1.085  9.625   14.163  1.00 112.41 ? 7   DT  C H71    1 
ATOM   1075 H  H72    . DT  C 3 7  ? -1.519  8.579   13.055  1.00 112.41 ? 7   DT  C H72    1 
ATOM   1076 H  H73    . DT  C 3 7  ? -0.004  9.029   13.169  1.00 112.41 ? 7   DT  C H73    1 
ATOM   1077 H  H6     . DT  C 3 7  ? -3.077  10.723  12.758  1.00 93.88  ? 7   DT  C H6     1 
ATOM   1078 P  P      . DC  C 3 8  ? -7.863  12.938  8.784   1.00 102.47 ? 8   DC  C P      1 
ATOM   1079 O  OP1    . DC  C 3 8  ? -8.265  14.231  8.184   1.00 77.49  ? 8   DC  C OP1    1 
ATOM   1080 O  OP2    . DC  C 3 8  ? -8.883  11.899  9.046   1.00 94.14  ? 8   DC  C OP2    1 
ATOM   1081 O  "O5'"  . DC  C 3 8  ? -6.699  12.285  7.898   1.00 105.78 ? 8   DC  C "O5'"  1 
ATOM   1082 C  "C5'"  . DC  C 3 8  ? -6.510  12.690  6.548   1.00 114.04 ? 8   DC  C "C5'"  1 
ATOM   1083 C  "C4'"  . DC  C 3 8  ? -5.045  12.977  6.260   1.00 82.23  ? 8   DC  C "C4'"  1 
ATOM   1084 O  "O4'"  . DC  C 3 8  ? -4.216  12.319  7.236   1.00 95.27  ? 8   DC  C "O4'"  1 
ATOM   1085 C  "C3'"  . DC  C 3 8  ? -4.545  12.483  4.899   1.00 94.32  ? 8   DC  C "C3'"  1 
ATOM   1086 O  "O3'"  . DC  C 3 8  ? -4.349  13.566  4.016   1.00 84.38  ? 8   DC  C "O3'"  1 
ATOM   1087 C  "C2'"  . DC  C 3 8  ? -3.231  11.756  5.210   1.00 85.70  ? 8   DC  C "C2'"  1 
ATOM   1088 C  "C1'"  . DC  C 3 8  ? -2.959  12.115  6.657   1.00 80.11  ? 8   DC  C "C1'"  1 
ATOM   1089 N  N1     . DC  C 3 8  ? -2.262  11.063  7.398   1.00 102.48 ? 8   DC  C N1     1 
ATOM   1090 C  C2     . DC  C 3 8  ? -0.901  10.858  7.183   1.00 91.56  ? 8   DC  C C2     1 
ATOM   1091 O  O2     . DC  C 3 8  ? -0.303  11.573  6.369   1.00 94.04  ? 8   DC  C O2     1 
ATOM   1092 N  N3     . DC  C 3 8  ? -0.272  9.879   7.874   1.00 98.24  ? 8   DC  C N3     1 
ATOM   1093 C  C4     . DC  C 3 8  ? -0.957  9.139   8.744   1.00 109.61 ? 8   DC  C C4     1 
ATOM   1094 N  N4     . DC  C 3 8  ? -0.295  8.179   9.402   1.00 115.69 ? 8   DC  C N4     1 
ATOM   1095 C  C5     . DC  C 3 8  ? -2.349  9.331   8.970   1.00 105.60 ? 8   DC  C C5     1 
ATOM   1096 C  C6     . DC  C 3 8  ? -2.954  10.299  8.282   1.00 94.78  ? 8   DC  C C6     1 
ATOM   1097 H  "H5'"  . DC  C 3 8  ? -7.029  13.492  6.381   1.00 136.85 ? 8   DC  C "H5'"  1 
ATOM   1098 H  "H5''" . DC  C 3 8  ? -6.818  11.984  5.958   1.00 136.85 ? 8   DC  C "H5''" 1 
ATOM   1099 H  "H4'"  . DC  C 3 8  ? -4.898  13.934  6.318   1.00 98.68  ? 8   DC  C "H4'"  1 
ATOM   1100 H  "H3'"  . DC  C 3 8  ? -5.185  11.859  4.521   1.00 113.19 ? 8   DC  C "H3'"  1 
ATOM   1101 H  "HO3'" . DC  C 3 8  ? -3.588  13.711  3.691   1.00 101.26 ? 8   DC  C "HO3'" 1 
ATOM   1102 H  "H2'"  . DC  C 3 8  ? -3.340  10.798  5.111   1.00 102.84 ? 8   DC  C "H2'"  1 
ATOM   1103 H  "H2''" . DC  C 3 8  ? -2.519  12.082  4.639   1.00 102.84 ? 8   DC  C "H2''" 1 
ATOM   1104 H  "H1'"  . DC  C 3 8  ? -2.445  12.937  6.698   1.00 96.13  ? 8   DC  C "H1'"  1 
ATOM   1105 H  H41    . DC  C 3 8  ? -0.709  7.684   9.970   1.00 138.83 ? 8   DC  C H41    1 
ATOM   1106 H  H42    . DC  C 3 8  ? 0.544   8.058   9.256   1.00 138.83 ? 8   DC  C H42    1 
ATOM   1107 H  H5     . DC  C 3 8  ? -2.816  8.805   9.579   1.00 126.72 ? 8   DC  C H5     1 
ATOM   1108 H  H6     . DC  C 3 8  ? -3.862  10.453  8.409   1.00 113.74 ? 8   DC  C H6     1 
ATOM   1109 P  P      . DG  D 4 1  ? 4.669   -15.120 -4.143  1.00 154.52 ? 10  DG  D P      1 
ATOM   1110 O  OP1    . DG  D 4 1  ? 3.906   -15.780 -5.223  1.00 152.26 ? 10  DG  D OP1    1 
ATOM   1111 O  OP2    . DG  D 4 1  ? 5.790   -15.835 -3.496  1.00 119.38 ? 10  DG  D OP2    1 
ATOM   1112 O  "O5'"  . DG  D 4 1  ? 3.620   -14.729 -3.009  1.00 110.07 ? 10  DG  D "O5'"  1 
ATOM   1113 C  "C5'"  . DG  D 4 1  ? 3.010   -15.743 -2.227  1.00 121.28 ? 10  DG  D "C5'"  1 
ATOM   1114 C  "C4'"  . DG  D 4 1  ? 1.970   -15.145 -1.303  1.00 108.97 ? 10  DG  D "C4'"  1 
ATOM   1115 O  "O4'"  . DG  D 4 1  ? 2.297   -13.757 -1.058  1.00 105.06 ? 10  DG  D "O4'"  1 
ATOM   1116 C  "C3'"  . DG  D 4 1  ? 0.561   -15.151 -1.863  1.00 118.95 ? 10  DG  D "C3'"  1 
ATOM   1117 O  "O3'"  . DG  D 4 1  ? -0.119  -16.320 -1.449  1.00 102.62 ? 10  DG  D "O3'"  1 
ATOM   1118 C  "C2'"  . DG  D 4 1  ? -0.058  -13.870 -1.311  1.00 95.84  ? 10  DG  D "C2'"  1 
ATOM   1119 C  "C1'"  . DG  D 4 1  ? 1.145   -12.939 -1.142  1.00 91.36  ? 10  DG  D "C1'"  1 
ATOM   1120 N  N9     . DG  D 4 1  ? 1.352   -11.988 -2.237  1.00 96.95  ? 10  DG  D N9     1 
ATOM   1121 C  C8     . DG  D 4 1  ? 2.545   -11.707 -2.860  1.00 101.34 ? 10  DG  D C8     1 
ATOM   1122 N  N7     . DG  D 4 1  ? 2.445   -10.810 -3.799  1.00 97.10  ? 10  DG  D N7     1 
ATOM   1123 C  C5     . DG  D 4 1  ? 1.101   -10.464 -3.797  1.00 94.45  ? 10  DG  D C5     1 
ATOM   1124 C  C6     . DG  D 4 1  ? 0.400   -9.537  -4.603  1.00 100.83 ? 10  DG  D C6     1 
ATOM   1125 O  O6     . DG  D 4 1  ? 0.845   -8.814  -5.505  1.00 104.24 ? 10  DG  D O6     1 
ATOM   1126 N  N1     . DG  D 4 1  ? -0.952  -9.491  -4.274  1.00 98.18  ? 10  DG  D N1     1 
ATOM   1127 C  C2     . DG  D 4 1  ? -1.550  -10.246 -3.293  1.00 106.53 ? 10  DG  D C2     1 
ATOM   1128 N  N2     . DG  D 4 1  ? -2.868  -10.070 -3.118  1.00 106.13 ? 10  DG  D N2     1 
ATOM   1129 N  N3     . DG  D 4 1  ? -0.903  -11.120 -2.531  1.00 99.90  ? 10  DG  D N3     1 
ATOM   1130 C  C4     . DG  D 4 1  ? 0.415   -11.176 -2.838  1.00 96.08  ? 10  DG  D C4     1 
ATOM   1131 H  "H5'"  . DG  D 4 1  ? 3.689   -16.190 -1.697  1.00 145.54 ? 10  DG  D "H5'"  1 
ATOM   1132 H  "H5''" . DG  D 4 1  ? 2.586   -16.388 -2.813  1.00 145.54 ? 10  DG  D "H5''" 1 
ATOM   1133 H  "H4'"  . DG  D 4 1  ? 1.978   -15.627 -0.461  1.00 130.76 ? 10  DG  D "H4'"  1 
ATOM   1134 H  "H3'"  . DG  D 4 1  ? 0.593   -15.112 -2.831  1.00 142.73 ? 10  DG  D "H3'"  1 
ATOM   1135 H  "H2'"  . DG  D 4 1  ? -0.692  -13.498 -1.942  1.00 115.01 ? 10  DG  D "H2'"  1 
ATOM   1136 H  "H2''" . DG  D 4 1  ? -0.481  -14.038 -0.455  1.00 115.01 ? 10  DG  D "H2''" 1 
ATOM   1137 H  "H1'"  . DG  D 4 1  ? 1.047   -12.446 -0.312  1.00 109.64 ? 10  DG  D "H1'"  1 
ATOM   1138 H  H8     . DG  D 4 1  ? 3.346   -12.124 -2.637  1.00 121.61 ? 10  DG  D H8     1 
ATOM   1139 H  H1     . DG  D 4 1  ? -1.451  -8.949  -4.718  1.00 117.82 ? 10  DG  D H1     1 
ATOM   1140 H  H21    . DG  D 4 1  ? -3.286  -10.520 -2.517  1.00 127.35 ? 10  DG  D H21    1 
ATOM   1141 H  H22    . DG  D 4 1  ? -3.295  -9.506  -3.608  1.00 127.35 ? 10  DG  D H22    1 
ATOM   1142 P  P      . DG  D 4 2  ? -0.440  -17.465 -2.526  1.00 120.85 ? 11  DG  D P      1 
ATOM   1143 O  OP1    . DG  D 4 2  ? -0.982  -18.634 -1.799  1.00 102.68 ? 11  DG  D OP1    1 
ATOM   1144 O  OP2    . DG  D 4 2  ? 0.743   -17.637 -3.396  1.00 116.66 ? 11  DG  D OP2    1 
ATOM   1145 O  "O5'"  . DG  D 4 2  ? -1.600  -16.810 -3.402  1.00 112.65 ? 11  DG  D "O5'"  1 
ATOM   1146 C  "C5'"  . DG  D 4 2  ? -2.843  -16.532 -2.793  1.00 108.50 ? 11  DG  D "C5'"  1 
ATOM   1147 C  "C4'"  . DG  D 4 2  ? -3.469  -15.268 -3.352  1.00 101.25 ? 11  DG  D "C4'"  1 
ATOM   1148 O  "O4'"  . DG  D 4 2  ? -2.450  -14.294 -3.648  1.00 95.70  ? 11  DG  D "O4'"  1 
ATOM   1149 C  "C3'"  . DG  D 4 2  ? -4.193  -15.429 -4.672  1.00 122.90 ? 11  DG  D "C3'"  1 
ATOM   1150 O  "O3'"  . DG  D 4 2  ? -5.498  -15.956 -4.490  1.00 134.25 ? 11  DG  D "O3'"  1 
ATOM   1151 C  "C2'"  . DG  D 4 2  ? -4.213  -14.000 -5.210  1.00 114.31 ? 11  DG  D "C2'"  1 
ATOM   1152 C  "C1'"  . DG  D 4 2  ? -3.003  -13.341 -4.538  1.00 93.99  ? 11  DG  D "C1'"  1 
ATOM   1153 N  N9     . DG  D 4 2  ? -1.979  -12.909 -5.483  1.00 103.01 ? 11  DG  D N9     1 
ATOM   1154 C  C8     . DG  D 4 2  ? -0.725  -13.441 -5.659  1.00 107.74 ? 11  DG  D C8     1 
ATOM   1155 N  N7     . DG  D 4 2  ? -0.032  -12.836 -6.586  1.00 115.90 ? 11  DG  D N7     1 
ATOM   1156 C  C5     . DG  D 4 2  ? -0.884  -11.842 -7.054  1.00 115.26 ? 11  DG  D C5     1 
ATOM   1157 C  C6     . DG  D 4 2  ? -0.686  -10.866 -8.062  1.00 116.25 ? 11  DG  D C6     1 
ATOM   1158 O  O6     . DG  D 4 2  ? 0.318   -10.680 -8.766  1.00 107.06 ? 11  DG  D O6     1 
ATOM   1159 N  N1     . DG  D 4 2  ? -1.807  -10.053 -8.219  1.00 115.67 ? 11  DG  D N1     1 
ATOM   1160 C  C2     . DG  D 4 2  ? -2.970  -10.169 -7.495  1.00 116.75 ? 11  DG  D C2     1 
ATOM   1161 N  N2     . DG  D 4 2  ? -3.943  -9.294  -7.789  1.00 123.42 ? 11  DG  D N2     1 
ATOM   1162 N  N3     . DG  D 4 2  ? -3.167  -11.077 -6.550  1.00 106.68 ? 11  DG  D N3     1 
ATOM   1163 C  C4     . DG  D 4 2  ? -2.086  -11.877 -6.384  1.00 106.68 ? 11  DG  D C4     1 
ATOM   1164 H  "H5'"  . DG  D 4 2  ? -2.710  -16.423 -1.838  1.00 130.20 ? 11  DG  D "H5'"  1 
ATOM   1165 H  "H5''" . DG  D 4 2  ? -3.444  -17.278 -2.945  1.00 130.20 ? 11  DG  D "H5''" 1 
ATOM   1166 H  "H4'"  . DG  D 4 2  ? -4.080  -14.900 -2.696  1.00 121.50 ? 11  DG  D "H4'"  1 
ATOM   1167 H  "H3'"  . DG  D 4 2  ? -3.680  -16.000 -5.265  1.00 147.48 ? 11  DG  D "H3'"  1 
ATOM   1168 H  "H2'"  . DG  D 4 2  ? -4.110  -13.998 -6.174  1.00 137.18 ? 11  DG  D "H2'"  1 
ATOM   1169 H  "H2''" . DG  D 4 2  ? -5.032  -13.550 -4.952  1.00 137.18 ? 11  DG  D "H2''" 1 
ATOM   1170 H  "H1'"  . DG  D 4 2  ? -3.305  -12.573 -4.028  1.00 112.79 ? 11  DG  D "H1'"  1 
ATOM   1171 H  H8     . DG  D 4 2  ? -0.401  -14.159 -5.166  1.00 129.29 ? 11  DG  D H8     1 
ATOM   1172 H  H1     . DG  D 4 2  ? -1.768  -9.433  -8.812  1.00 138.81 ? 11  DG  D H1     1 
ATOM   1173 H  H21    . DG  D 4 2  ? -4.691  -9.324  -7.364  1.00 148.11 ? 11  DG  D H21    1 
ATOM   1174 H  H22    . DG  D 4 2  ? -3.820  -8.703  -8.401  1.00 148.11 ? 11  DG  D H22    1 
ATOM   1175 P  P      . DT  D 4 3  ? -6.221  -16.715 -5.707  1.00 132.40 ? 12  DT  D P      1 
ATOM   1176 O  OP1    . DT  D 4 3  ? -6.522  -18.091 -5.251  1.00 132.22 ? 12  DT  D OP1    1 
ATOM   1177 O  OP2    . DT  D 4 3  ? -5.393  -16.501 -6.916  1.00 108.02 ? 12  DT  D OP2    1 
ATOM   1178 O  "O5'"  . DT  D 4 3  ? -7.592  -15.914 -5.908  1.00 131.90 ? 12  DT  D "O5'"  1 
ATOM   1179 C  "C5'"  . DT  D 4 3  ? -8.136  -15.745 -7.215  1.00 140.50 ? 12  DT  D "C5'"  1 
ATOM   1180 C  "C4'"  . DT  D 4 3  ? -7.927  -14.323 -7.707  1.00 124.81 ? 12  DT  D "C4'"  1 
ATOM   1181 O  "O4'"  . DT  D 4 3  ? -6.522  -14.027 -7.755  1.00 100.41 ? 12  DT  D "O4'"  1 
ATOM   1182 C  "C3'"  . DT  D 4 3  ? -8.418  -14.042 -9.120  1.00 135.13 ? 12  DT  D "C3'"  1 
ATOM   1183 O  "O3'"  . DT  D 4 3  ? -9.787  -13.639 -9.114  1.00 152.24 ? 12  DT  D "O3'"  1 
ATOM   1184 C  "C2'"  . DT  D 4 3  ? -7.486  -12.922 -9.607  1.00 122.76 ? 12  DT  D "C2'"  1 
ATOM   1185 C  "C1'"  . DT  D 4 3  ? -6.338  -12.911 -8.593  1.00 110.80 ? 12  DT  D "C1'"  1 
ATOM   1186 N  N1     . DT  D 4 3  ? -4.970  -12.981 -9.203  1.00 107.46 ? 12  DT  D N1     1 
ATOM   1187 C  C2     . DT  D 4 3  ? -4.593  -12.023 -10.115 1.00 114.33 ? 12  DT  D C2     1 
ATOM   1188 O  O2     . DT  D 4 3  ? -5.327  -11.122 -10.480 1.00 113.79 ? 12  DT  D O2     1 
ATOM   1189 N  N3     . DT  D 4 3  ? -3.319  -12.161 -10.598 1.00 116.05 ? 12  DT  D N3     1 
ATOM   1190 C  C4     . DT  D 4 3  ? -2.399  -13.137 -10.261 1.00 120.92 ? 12  DT  D C4     1 
ATOM   1191 O  O4     . DT  D 4 3  ? -1.274  -13.177 -10.752 1.00 122.66 ? 12  DT  D O4     1 
ATOM   1192 C  C5     . DT  D 4 3  ? -2.855  -14.107 -9.292  1.00 116.72 ? 12  DT  D C5     1 
ATOM   1193 C  C7     . DT  D 4 3  ? -1.945  -15.215 -8.847  1.00 123.10 ? 12  DT  D C7     1 
ATOM   1194 C  C6     . DT  D 4 3  ? -4.103  -13.982 -8.813  1.00 106.42 ? 12  DT  D C6     1 
ATOM   1195 H  "H5'"  . DT  D 4 3  ? -9.086  -15.939 -7.193  1.00 168.60 ? 12  DT  D "H5'"  1 
ATOM   1196 H  "H5''" . DT  D 4 3  ? -7.698  -16.360 -7.824  1.00 168.60 ? 12  DT  D "H5''" 1 
ATOM   1197 H  "H4'"  . DT  D 4 3  ? -8.360  -13.710 -7.094  1.00 149.77 ? 12  DT  D "H4'"  1 
ATOM   1198 H  "H3'"  . DT  D 4 3  ? -8.305  -14.831 -9.673  1.00 162.16 ? 12  DT  D "H3'"  1 
ATOM   1199 H  "H2'"  . DT  D 4 3  ? -7.152  -13.122 -10.495 1.00 147.31 ? 12  DT  D "H2'"  1 
ATOM   1200 H  "H2''" . DT  D 4 3  ? -7.950  -12.070 -9.601  1.00 147.31 ? 12  DT  D "H2''" 1 
ATOM   1201 H  "H1'"  . DT  D 4 3  ? -6.401  -12.105 -8.057  1.00 132.96 ? 12  DT  D "H1'"  1 
ATOM   1202 H  H3     . DT  D 4 3  ? -3.062  -11.576 -11.174 1.00 139.26 ? 12  DT  D H3     1 
ATOM   1203 H  H71    . DT  D 4 3  ? -1.789  -15.142 -7.893  1.00 147.72 ? 12  DT  D H71    1 
ATOM   1204 H  H72    . DT  D 4 3  ? -2.358  -16.070 -9.043  1.00 147.72 ? 12  DT  D H72    1 
ATOM   1205 H  H73    . DT  D 4 3  ? -1.100  -15.148 -9.319  1.00 147.72 ? 12  DT  D H73    1 
ATOM   1206 H  H6     . DT  D 4 3  ? -4.400  -14.603 -8.187  1.00 127.71 ? 12  DT  D H6     1 
ATOM   1207 P  P      . DC  D 4 4  ? -10.932 -14.611 -9.691  1.00 162.85 ? 13  DC  D P      1 
ATOM   1208 O  OP1    . DC  D 4 4  ? -12.111 -14.471 -8.807  1.00 163.85 ? 13  DC  D OP1    1 
ATOM   1209 O  OP2    . DC  D 4 4  ? -10.343 -15.949 -9.912  1.00 146.46 ? 13  DC  D OP2    1 
ATOM   1210 O  "O5'"  . DC  D 4 4  ? -11.292 -13.984 -11.118 1.00 138.37 ? 13  DC  D "O5'"  1 
ATOM   1211 C  "C5'"  . DC  D 4 4  ? -10.502 -14.299 -12.260 1.00 140.57 ? 13  DC  D "C5'"  1 
ATOM   1212 C  "C4'"  . DC  D 4 4  ? -9.852  -13.054 -12.833 1.00 139.97 ? 13  DC  D "C4'"  1 
ATOM   1213 O  "O4'"  . DC  D 4 4  ? -8.473  -13.012 -12.436 1.00 125.67 ? 13  DC  D "O4'"  1 
ATOM   1214 C  "C3'"  . DC  D 4 4  ? -9.828  -12.990 -14.353 1.00 153.25 ? 13  DC  D "C3'"  1 
ATOM   1215 O  "O3'"  . DC  D 4 4  ? -10.954 -12.265 -14.835 1.00 166.69 ? 13  DC  D "O3'"  1 
ATOM   1216 C  "C2'"  . DC  D 4 4  ? -8.498  -12.293 -14.689 1.00 137.65 ? 13  DC  D "C2'"  1 
ATOM   1217 C  "C1'"  . DC  D 4 4  ? -7.744  -12.243 -13.363 1.00 121.95 ? 13  DC  D "C1'"  1 
ATOM   1218 N  N1     . DC  D 4 4  ? -6.345  -12.780 -13.416 1.00 120.63 ? 13  DC  D N1     1 
ATOM   1219 C  C2     . DC  D 4 4  ? -5.376  -12.141 -14.201 1.00 123.82 ? 13  DC  D C2     1 
ATOM   1220 O  O2     . DC  D 4 4  ? -5.698  -11.152 -14.873 1.00 118.59 ? 13  DC  D O2     1 
ATOM   1221 N  N3     . DC  D 4 4  ? -4.109  -12.635 -14.208 1.00 122.27 ? 13  DC  D N3     1 
ATOM   1222 C  C4     . DC  D 4 4  ? -3.805  -13.704 -13.465 1.00 124.42 ? 13  DC  D C4     1 
ATOM   1223 N  N4     . DC  D 4 4  ? -2.549  -14.160 -13.508 1.00 129.05 ? 13  DC  D N4     1 
ATOM   1224 C  C5     . DC  D 4 4  ? -4.775  -14.358 -12.658 1.00 112.84 ? 13  DC  D C5     1 
ATOM   1225 C  C6     . DC  D 4 4  ? -6.017  -13.868 -12.661 1.00 112.86 ? 13  DC  D C6     1 
ATOM   1226 H  "H5'"  . DC  D 4 4  ? -11.069 -14.704 -12.936 1.00 168.68 ? 13  DC  D "H5'"  1 
ATOM   1227 H  "H5''" . DC  D 4 4  ? -9.812  -14.930 -12.005 1.00 168.68 ? 13  DC  D "H5''" 1 
ATOM   1228 H  "H4'"  . DC  D 4 4  ? -10.307 -12.270 -12.489 1.00 167.96 ? 13  DC  D "H4'"  1 
ATOM   1229 H  "H3'"  . DC  D 4 4  ? -9.831  -13.886 -14.720 1.00 183.90 ? 13  DC  D "H3'"  1 
ATOM   1230 H  "H2'"  . DC  D 4 4  ? -8.001  -12.811 -15.340 1.00 165.18 ? 13  DC  D "H2'"  1 
ATOM   1231 H  "H2''" . DC  D 4 4  ? -8.661  -11.396 -15.019 1.00 165.18 ? 13  DC  D "H2''" 1 
ATOM   1232 H  "H1'"  . DC  D 4 4  ? -7.715  -11.324 -13.054 1.00 146.34 ? 13  DC  D "H1'"  1 
ATOM   1233 H  H41    . DC  D 4 4  ? -2.325  -14.846 -13.039 1.00 154.86 ? 13  DC  D H41    1 
ATOM   1234 H  H42    . DC  D 4 4  ? -1.965  -13.769 -14.004 1.00 154.86 ? 13  DC  D H42    1 
ATOM   1235 H  H5     . DC  D 4 4  ? -4.553  -15.101 -12.145 1.00 135.41 ? 13  DC  D H5     1 
ATOM   1236 H  H6     . DC  D 4 4  ? -6.670  -14.272 -12.136 1.00 135.43 ? 13  DC  D H6     1 
ATOM   1237 P  P      . DT  D 4 5  ? -11.842 -12.853 -16.037 1.00 178.24 ? 14  DT  D P      1 
ATOM   1238 O  OP1    . DT  D 4 5  ? -13.112 -12.093 -16.069 1.00 177.75 ? 14  DT  D OP1    1 
ATOM   1239 O  OP2    . DT  D 4 5  ? -11.875 -14.327 -15.902 1.00 161.43 ? 14  DT  D OP2    1 
ATOM   1240 O  "O5'"  . DT  D 4 5  ? -10.990 -12.493 -17.341 1.00 155.96 ? 14  DT  D "O5'"  1 
ATOM   1241 C  "C5'"  . DT  D 4 5  ? -10.606 -11.146 -17.580 1.00 155.70 ? 14  DT  D "C5'"  1 
ATOM   1242 C  "C4'"  . DT  D 4 5  ? -9.507  -11.069 -18.621 1.00 152.71 ? 14  DT  D "C4'"  1 
ATOM   1243 O  "O4'"  . DT  D 4 5  ? -8.260  -11.542 -18.046 1.00 152.78 ? 14  DT  D "O4'"  1 
ATOM   1244 C  "C3'"  . DT  D 4 5  ? -9.752  -11.914 -19.876 1.00 159.29 ? 14  DT  D "C3'"  1 
ATOM   1245 O  "O3'"  . DT  D 4 5  ? -9.640  -11.105 -21.044 1.00 166.46 ? 14  DT  D "O3'"  1 
ATOM   1246 C  "C2'"  . DT  D 4 5  ? -8.682  -13.010 -19.806 1.00 155.59 ? 14  DT  D "C2'"  1 
ATOM   1247 C  "C1'"  . DT  D 4 5  ? -7.590  -12.358 -18.980 1.00 144.76 ? 14  DT  D "C1'"  1 
ATOM   1248 N  N1     . DT  D 4 5  ? -6.714  -13.318 -18.231 1.00 141.03 ? 14  DT  D N1     1 
ATOM   1249 C  C2     . DT  D 4 5  ? -5.349  -13.265 -18.408 1.00 137.81 ? 14  DT  D C2     1 
ATOM   1250 O  O2     . DT  D 4 5  ? -4.802  -12.479 -19.164 1.00 125.84 ? 14  DT  D O2     1 
ATOM   1251 N  N3     . DT  D 4 5  ? -4.640  -14.171 -17.667 1.00 136.19 ? 14  DT  D N3     1 
ATOM   1252 C  C4     . DT  D 4 5  ? -5.146  -15.105 -16.781 1.00 130.28 ? 14  DT  D C4     1 
ATOM   1253 O  O4     . DT  D 4 5  ? -4.424  -15.879 -16.159 1.00 121.65 ? 14  DT  D O4     1 
ATOM   1254 C  C5     . DT  D 4 5  ? -6.584  -15.106 -16.639 1.00 127.38 ? 14  DT  D C5     1 
ATOM   1255 C  C7     . DT  D 4 5  ? -7.250  -16.072 -15.706 1.00 124.20 ? 14  DT  D C7     1 
ATOM   1256 C  C6     . DT  D 4 5  ? -7.290  -14.223 -17.363 1.00 130.65 ? 14  DT  D C6     1 
ATOM   1257 H  "H5'"  . DT  D 4 5  ? -10.287 -10.754 -16.751 1.00 186.84 ? 14  DT  D "H5'"  1 
ATOM   1258 H  "H5''" . DT  D 4 5  ? -11.376 -10.646 -17.893 1.00 186.84 ? 14  DT  D "H5''" 1 
ATOM   1259 H  "H4'"  . DT  D 4 5  ? -9.396  -10.143 -18.888 1.00 183.26 ? 14  DT  D "H4'"  1 
ATOM   1260 H  "H3'"  . DT  D 4 5  ? -10.635 -12.313 -19.835 1.00 191.15 ? 14  DT  D "H3'"  1 
ATOM   1261 H  "H2'"  . DT  D 4 5  ? -9.027  -13.798 -19.359 1.00 186.71 ? 14  DT  D "H2'"  1 
ATOM   1262 H  "H2''" . DT  D 4 5  ? -8.357  -13.229 -20.693 1.00 186.71 ? 14  DT  D "H2''" 1 
ATOM   1263 H  "H1'"  . DT  D 4 5  ? -7.039  -11.802 -19.554 1.00 173.72 ? 14  DT  D "H1'"  1 
ATOM   1264 H  H3     . DT  D 4 5  ? -3.785  -14.158 -17.761 1.00 163.43 ? 14  DT  D H3     1 
ATOM   1265 H  H71    . DT  D 4 5  ? -7.744  -15.582 -15.031 1.00 149.04 ? 14  DT  D H71    1 
ATOM   1266 H  H72    . DT  D 4 5  ? -7.858  -16.638 -16.206 1.00 149.04 ? 14  DT  D H72    1 
ATOM   1267 H  H73    . DT  D 4 5  ? -6.576  -16.623 -15.276 1.00 149.04 ? 14  DT  D H73    1 
ATOM   1268 H  H6     . DT  D 4 5  ? -8.215  -14.218 -17.270 1.00 156.78 ? 14  DT  D H6     1 
ATOM   1269 P  P      . DG  D 4 6  ? -9.715  -11.765 -22.504 1.00 171.02 ? 15  DG  D P      1 
ATOM   1270 O  OP1    . DG  D 4 6  ? -10.152 -10.716 -23.454 1.00 156.28 ? 15  DG  D OP1    1 
ATOM   1271 O  OP2    . DG  D 4 6  ? -10.478 -13.027 -22.390 1.00 160.24 ? 15  DG  D OP2    1 
ATOM   1272 O  "O5'"  . DG  D 4 6  ? -8.191  -12.109 -22.833 1.00 144.23 ? 15  DG  D "O5'"  1 
ATOM   1273 C  "C5'"  . DG  D 4 6  ? -7.204  -11.087 -22.768 1.00 145.80 ? 15  DG  D "C5'"  1 
ATOM   1274 C  "C4'"  . DG  D 4 6  ? -6.066  -11.388 -23.720 1.00 139.77 ? 15  DG  D "C4'"  1 
ATOM   1275 O  "O4'"  . DG  D 4 6  ? -5.117  -12.264 -23.060 1.00 139.22 ? 15  DG  D "O4'"  1 
ATOM   1276 C  "C3'"  . DG  D 4 6  ? -6.497  -12.093 -25.001 1.00 143.31 ? 15  DG  D "C3'"  1 
ATOM   1277 O  "O3'"  . DG  D 4 6  ? -5.808  -11.546 -26.160 1.00 164.66 ? 15  DG  D "O3'"  1 
ATOM   1278 C  "C2'"  . DG  D 4 6  ? -6.199  -13.569 -24.733 1.00 139.21 ? 15  DG  D "C2'"  1 
ATOM   1279 C  "C1'"  . DG  D 4 6  ? -5.125  -13.553 -23.639 1.00 140.64 ? 15  DG  D "C1'"  1 
ATOM   1280 N  N9     . DG  D 4 6  ? -5.342  -14.545 -22.581 1.00 142.16 ? 15  DG  D N9     1 
ATOM   1281 C  C8     . DG  D 4 6  ? -6.548  -14.988 -22.087 1.00 142.24 ? 15  DG  D C8     1 
ATOM   1282 N  N7     . DG  D 4 6  ? -6.428  -15.891 -21.153 1.00 140.70 ? 15  DG  D N7     1 
ATOM   1283 C  C5     . DG  D 4 6  ? -5.055  -16.059 -21.017 1.00 139.10 ? 15  DG  D C5     1 
ATOM   1284 C  C6     . DG  D 4 6  ? -4.323  -16.907 -20.151 1.00 134.88 ? 15  DG  D C6     1 
ATOM   1285 O  O6     . DG  D 4 6  ? -4.758  -17.704 -19.308 1.00 132.06 ? 15  DG  D O6     1 
ATOM   1286 N  N1     . DG  D 4 6  ? -2.949  -16.768 -20.335 1.00 133.90 ? 15  DG  D N1     1 
ATOM   1287 C  C2     . DG  D 4 6  ? -2.359  -15.917 -21.239 1.00 132.32 ? 15  DG  D C2     1 
ATOM   1288 N  N2     . DG  D 4 6  ? -1.018  -15.922 -21.272 1.00 116.94 ? 15  DG  D N2     1 
ATOM   1289 N  N3     . DG  D 4 6  ? -3.033  -15.116 -22.055 1.00 136.42 ? 15  DG  D N3     1 
ATOM   1290 C  C4     . DG  D 4 6  ? -4.374  -15.239 -21.888 1.00 139.02 ? 15  DG  D C4     1 
ATOM   1291 H  "H5'"  . DG  D 4 6  ? -6.859  -11.033 -21.863 1.00 174.96 ? 15  DG  D "H5'"  1 
ATOM   1292 H  "H5''" . DG  D 4 6  ? -7.606  -10.238 -23.009 1.00 174.96 ? 15  DG  D "H5''" 1 
ATOM   1293 H  "H4'"  . DG  D 4 6  ? -5.621  -10.559 -23.951 1.00 167.73 ? 15  DG  D "H4'"  1 
ATOM   1294 H  "H3'"  . DG  D 4 6  ? -7.453  -11.979 -25.118 1.00 171.98 ? 15  DG  D "H3'"  1 
ATOM   1295 H  "H2'"  . DG  D 4 6  ? -6.996  -14.023 -24.417 1.00 167.05 ? 15  DG  D "H2'"  1 
ATOM   1296 H  "H2''" . DG  D 4 6  ? -5.858  -13.997 -25.534 1.00 167.05 ? 15  DG  D "H2''" 1 
ATOM   1297 H  "H1'"  . DG  D 4 6  ? -4.261  -13.718 -24.048 1.00 168.76 ? 15  DG  D "H1'"  1 
ATOM   1298 H  H8     . DG  D 4 6  ? -7.369  -14.677 -22.392 1.00 170.68 ? 15  DG  D H8     1 
ATOM   1299 H  H1     . DG  D 4 6  ? -2.431  -17.251 -19.847 1.00 160.68 ? 15  DG  D H1     1 
ATOM   1300 H  H21    . DG  D 4 6  ? -0.599  -15.409 -21.820 1.00 140.33 ? 15  DG  D H21    1 
ATOM   1301 H  H22    . DG  D 4 6  ? -0.577  -16.439 -20.745 1.00 140.33 ? 15  DG  D H22    1 
ATOM   1302 P  P      . DC  D 4 7  ? -4.348  -12.042 -26.620 1.00 180.65 ? 16  DC  D P      1 
ATOM   1303 O  OP1    . DC  D 4 7  ? -3.473  -12.125 -25.431 1.00 161.87 ? 16  DC  D OP1    1 
ATOM   1304 O  OP2    . DC  D 4 7  ? -3.942  -11.166 -27.743 1.00 165.65 ? 16  DC  D OP2    1 
ATOM   1305 O  "O5'"  . DC  D 4 7  ? -4.600  -13.497 -27.240 1.00 151.05 ? 16  DC  D "O5'"  1 
ATOM   1306 C  "C5'"  . DC  D 4 7  ? -3.621  -14.098 -28.082 1.00 157.95 ? 16  DC  D "C5'"  1 
ATOM   1307 C  "C4'"  . DC  D 4 7  ? -2.244  -14.052 -27.443 1.00 154.81 ? 16  DC  D "C4'"  1 
ATOM   1308 O  "O4'"  . DC  D 4 7  ? -2.337  -14.520 -26.069 1.00 150.08 ? 16  DC  D "O4'"  1 
ATOM   1309 C  "C3'"  . DC  D 4 7  ? -1.196  -14.932 -28.122 1.00 148.88 ? 16  DC  D "C3'"  1 
ATOM   1310 O  "O3'"  . DC  D 4 7  ? 0.064   -14.267 -28.179 1.00 136.15 ? 16  DC  D "O3'"  1 
ATOM   1311 C  "C2'"  . DC  D 4 7  ? -1.157  -16.180 -27.247 1.00 139.16 ? 16  DC  D "C2'"  1 
ATOM   1312 C  "C1'"  . DC  D 4 7  ? -1.491  -15.636 -25.868 1.00 136.75 ? 16  DC  D "C1'"  1 
ATOM   1313 N  N1     . DC  D 4 7  ? -2.196  -16.614 -24.988 1.00 134.22 ? 16  DC  D N1     1 
ATOM   1314 C  C2     . DC  D 4 7  ? -1.452  -17.493 -24.192 1.00 133.05 ? 16  DC  D C2     1 
ATOM   1315 O  O2     . DC  D 4 7  ? -0.217  -17.446 -24.234 1.00 130.97 ? 16  DC  D O2     1 
ATOM   1316 N  N3     . DC  D 4 7  ? -2.110  -18.373 -23.396 1.00 126.36 ? 16  DC  D N3     1 
ATOM   1317 C  C4     . DC  D 4 7  ? -3.445  -18.390 -23.381 1.00 127.21 ? 16  DC  D C4     1 
ATOM   1318 N  N4     . DC  D 4 7  ? -4.049  -19.276 -22.581 1.00 126.75 ? 16  DC  D N4     1 
ATOM   1319 C  C5     . DC  D 4 7  ? -4.218  -17.504 -24.185 1.00 129.12 ? 16  DC  D C5     1 
ATOM   1320 C  C6     . DC  D 4 7  ? -3.560  -16.639 -24.964 1.00 135.52 ? 16  DC  D C6     1 
ATOM   1321 H  "H5'"  . DC  D 4 7  ? -3.594  -13.623 -28.928 1.00 189.54 ? 16  DC  D "H5'"  1 
ATOM   1322 H  "H5''" . DC  D 4 7  ? -3.866  -15.022 -28.244 1.00 189.54 ? 16  DC  D "H5''" 1 
ATOM   1323 H  "H4'"  . DC  D 4 7  ? -1.930  -13.135 -27.442 1.00 185.78 ? 16  DC  D "H4'"  1 
ATOM   1324 H  "H3'"  . DC  D 4 7  ? -1.489  -15.165 -29.017 1.00 178.65 ? 16  DC  D "H3'"  1 
ATOM   1325 H  "HO3'" . DC  D 4 7  ? 0.425   -14.112 -28.922 1.00 163.37 ? 16  DC  D "HO3'" 1 
ATOM   1326 H  "H2'"  . DC  D 4 7  ? -1.826  -16.821 -27.534 1.00 166.99 ? 16  DC  D "H2'"  1 
ATOM   1327 H  "H2''" . DC  D 4 7  ? -0.273  -16.577 -27.255 1.00 166.99 ? 16  DC  D "H2''" 1 
ATOM   1328 H  "H1'"  . DC  D 4 7  ? -0.675  -15.344 -25.433 1.00 164.10 ? 16  DC  D "H1'"  1 
ATOM   1329 H  H41    . DC  D 4 7  ? -4.907  -19.311 -22.550 1.00 152.10 ? 16  DC  D H41    1 
ATOM   1330 H  H42    . DC  D 4 7  ? -3.579  -19.810 -22.099 1.00 152.10 ? 16  DC  D H42    1 
ATOM   1331 H  H5     . DC  D 4 7  ? -5.148  -17.523 -24.167 1.00 154.94 ? 16  DC  D H5     1 
ATOM   1332 H  H6     . DC  D 4 7  ? -4.039  -16.048 -25.499 1.00 162.63 ? 16  DC  D H6     1 
HETATM 1333 AS AS     . CAC E 5 .  ? 9.161   1.577   5.184   1.00 177.31 ? 101 CAC A AS     1 
HETATM 1334 AS AS     . CAC F 5 .  ? -9.701  18.483  5.543   1.00 202.26 ? 101 CAC C AS     1 
# 
loop_
_pdbx_poly_seq_scheme.asym_id 
_pdbx_poly_seq_scheme.entity_id 
_pdbx_poly_seq_scheme.seq_id 
_pdbx_poly_seq_scheme.mon_id 
_pdbx_poly_seq_scheme.ndb_seq_num 
_pdbx_poly_seq_scheme.pdb_seq_num 
_pdbx_poly_seq_scheme.auth_seq_num 
_pdbx_poly_seq_scheme.pdb_mon_id 
_pdbx_poly_seq_scheme.auth_mon_id 
_pdbx_poly_seq_scheme.pdb_strand_id 
_pdbx_poly_seq_scheme.pdb_ins_code 
_pdbx_poly_seq_scheme.hetero 
A 1 1  DG 1  1  1  DG DG A . n 
A 1 2  DA 2  2  2  DA DA A . n 
A 1 3  DG 3  3  3  DG DG A . n 
A 1 4  DC 4  4  4  DC DC A . n 
A 1 5  DA 5  5  5  DA DA A . n 
A 1 6  DG 6  6  6  DG DG A . n 
A 1 7  DA 7  7  7  DA DA A . n 
A 1 8  DC 8  8  8  DC DC A . n 
A 1 9  DC 9  9  9  DC DC A . n 
A 1 10 DT 10 10 10 DT DT A . n 
A 1 11 DG 11 11 11 DG DG A . n 
A 1 12 DA 12 12 12 DA DA A . n 
A 1 13 DC 13 13 13 DC DC A . n 
A 1 14 DG 14 14 14 DG DG A . n 
A 1 15 DA 15 15 15 DA DA A . n 
A 1 16 DG 16 16 16 DG DG A . n 
A 1 17 DA 17 17 17 DA DA A . n 
A 1 18 DC 18 18 18 DC DC A . n 
A 1 19 DT 19 19 19 DT DT A . n 
A 1 20 DC 20 20 20 DC DC A . n 
A 1 21 DA 21 21 21 DA DA A . n 
B 2 1  DT 1  0  0  DT DT B . n 
B 2 2  DC 2  1  1  DC DC B . n 
B 2 3  DG 3  2  2  DG DG B . n 
B 2 4  DT 4  3  3  DT DT B . n 
B 2 5  DC 5  4  4  DC DC B . n 
B 2 6  DA 6  5  5  DA DA B . n 
C 3 1  DT 1  1  1  DT DT C . n 
C 3 2  DC 2  2  2  DC DC C . n 
C 3 3  DT 3  3  3  DT DT C . n 
C 3 4  DG 4  4  4  DG DG C . n 
C 3 5  DA 5  5  5  DA DA C . n 
C 3 6  DG 6  6  6  DG DG C . n 
C 3 7  DT 7  7  7  DT DT C . n 
C 3 8  DC 8  8  8  DC DC C . n 
D 4 1  DG 1  10 10 DG DG D . n 
D 4 2  DG 2  11 11 DG DG D . n 
D 4 3  DT 3  12 12 DT DT D . n 
D 4 4  DC 4  13 13 DC DC D . n 
D 4 5  DT 5  14 14 DT DT D . n 
D 4 6  DG 6  15 15 DG DG D . n 
D 4 7  DC 7  16 16 DC DC D . n 
# 
loop_
_pdbx_nonpoly_scheme.asym_id 
_pdbx_nonpoly_scheme.entity_id 
_pdbx_nonpoly_scheme.mon_id 
_pdbx_nonpoly_scheme.ndb_seq_num 
_pdbx_nonpoly_scheme.pdb_seq_num 
_pdbx_nonpoly_scheme.auth_seq_num 
_pdbx_nonpoly_scheme.pdb_mon_id 
_pdbx_nonpoly_scheme.auth_mon_id 
_pdbx_nonpoly_scheme.pdb_strand_id 
_pdbx_nonpoly_scheme.pdb_ins_code 
E 5 CAC 1 101 3 CAC AS A . 
F 5 CAC 1 101 2 CAC AS C . 
# 
_pdbx_struct_assembly.id                   1 
_pdbx_struct_assembly.details              author_defined_assembly 
_pdbx_struct_assembly.method_details       ? 
_pdbx_struct_assembly.oligomeric_details   tetrameric 
_pdbx_struct_assembly.oligomeric_count     4 
# 
_pdbx_struct_assembly_gen.assembly_id       1 
_pdbx_struct_assembly_gen.oper_expression   1 
_pdbx_struct_assembly_gen.asym_id_list      A,B,C,D,E,F 
# 
_pdbx_struct_oper_list.id                   1 
_pdbx_struct_oper_list.type                 'identity operation' 
_pdbx_struct_oper_list.name                 1_555 
_pdbx_struct_oper_list.symmetry_operation   x,y,z 
_pdbx_struct_oper_list.matrix[1][1]         1.0000000000 
_pdbx_struct_oper_list.matrix[1][2]         0.0000000000 
_pdbx_struct_oper_list.matrix[1][3]         0.0000000000 
_pdbx_struct_oper_list.vector[1]            0.0000000000 
_pdbx_struct_oper_list.matrix[2][1]         0.0000000000 
_pdbx_struct_oper_list.matrix[2][2]         1.0000000000 
_pdbx_struct_oper_list.matrix[2][3]         0.0000000000 
_pdbx_struct_oper_list.vector[2]            0.0000000000 
_pdbx_struct_oper_list.matrix[3][1]         0.0000000000 
_pdbx_struct_oper_list.matrix[3][2]         0.0000000000 
_pdbx_struct_oper_list.matrix[3][3]         1.0000000000 
_pdbx_struct_oper_list.vector[3]            0.0000000000 
# 
loop_
_pdbx_audit_revision_history.ordinal 
_pdbx_audit_revision_history.data_content_type 
_pdbx_audit_revision_history.major_revision 
_pdbx_audit_revision_history.minor_revision 
_pdbx_audit_revision_history.revision_date 
1 'Structure model' 1 0 2021-07-14 
2 'Structure model' 1 1 2022-07-06 
3 'Structure model' 1 2 2023-10-18 
# 
_pdbx_audit_revision_details.ordinal             1 
_pdbx_audit_revision_details.revision_ordinal    1 
_pdbx_audit_revision_details.data_content_type   'Structure model' 
_pdbx_audit_revision_details.provider            repository 
_pdbx_audit_revision_details.type                'Initial release' 
_pdbx_audit_revision_details.description         ? 
_pdbx_audit_revision_details.details             ? 
# 
loop_
_pdbx_audit_revision_group.ordinal 
_pdbx_audit_revision_group.revision_ordinal 
_pdbx_audit_revision_group.data_content_type 
_pdbx_audit_revision_group.group 
1 2 'Structure model' 'Database references'    
2 3 'Structure model' 'Data collection'        
3 3 'Structure model' 'Refinement description' 
# 
loop_
_pdbx_audit_revision_category.ordinal 
_pdbx_audit_revision_category.revision_ordinal 
_pdbx_audit_revision_category.data_content_type 
_pdbx_audit_revision_category.category 
1 2 'Structure model' citation                      
2 2 'Structure model' citation_author               
3 2 'Structure model' database_2                    
4 3 'Structure model' chem_comp_atom                
5 3 'Structure model' chem_comp_bond                
6 3 'Structure model' pdbx_initial_refinement_model 
# 
loop_
_pdbx_audit_revision_item.ordinal 
_pdbx_audit_revision_item.revision_ordinal 
_pdbx_audit_revision_item.data_content_type 
_pdbx_audit_revision_item.item 
1  2 'Structure model' '_citation.country'                   
2  2 'Structure model' '_citation.journal_abbrev'            
3  2 'Structure model' '_citation.journal_id_CSD'            
4  2 'Structure model' '_citation.journal_id_ISSN'           
5  2 'Structure model' '_citation.journal_volume'            
6  2 'Structure model' '_citation.page_first'                
7  2 'Structure model' '_citation.page_last'                 
8  2 'Structure model' '_citation.pdbx_database_id_DOI'      
9  2 'Structure model' '_citation.pdbx_database_id_PubMed'   
10 2 'Structure model' '_citation.title'                     
11 2 'Structure model' '_citation.year'                      
12 2 'Structure model' '_database_2.pdbx_DOI'                
13 2 'Structure model' '_database_2.pdbx_database_accession' 
# 
loop_
_software.citation_id 
_software.classification 
_software.compiler_name 
_software.compiler_version 
_software.contact_author 
_software.contact_author_email 
_software.date 
_software.description 
_software.dependencies 
_software.hardware 
_software.language 
_software.location 
_software.mods 
_software.name 
_software.os 
_software.os_version 
_software.type 
_software.version 
_software.pdbx_ordinal 
? 'data reduction'  ? ? ? ? ? ? ? ? ? ? ? HKL-2000    ? ? ? .           1 
? 'data scaling'    ? ? ? ? ? ? ? ? ? ? ? HKL-2000    ? ? ? .           2 
? refinement        ? ? ? ? ? ? ? ? ? ? ? PHENIX      ? ? ? 1.11.1_2575 3 
? 'data extraction' ? ? ? ? ? ? ? ? ? ? ? PDB_EXTRACT ? ? ? 3.25        4 
? phasing           ? ? ? ? ? ? ? ? ? ? ? PHASER      ? ? ? .           5 
# 
_pdbx_entry_details.entry_id                 7JPB 
_pdbx_entry_details.has_ligand_of_interest   N 
_pdbx_entry_details.compound_details         ? 
_pdbx_entry_details.source_details           ? 
_pdbx_entry_details.nonpolymer_details       ? 
_pdbx_entry_details.sequence_details         ? 
# 
_pdbx_validate_symm_contact.id                1 
_pdbx_validate_symm_contact.PDB_model_num     1 
_pdbx_validate_symm_contact.auth_atom_id_1    "O3'" 
_pdbx_validate_symm_contact.auth_asym_id_1    C 
_pdbx_validate_symm_contact.auth_comp_id_1    DC 
_pdbx_validate_symm_contact.auth_seq_id_1     8 
_pdbx_validate_symm_contact.PDB_ins_code_1    ? 
_pdbx_validate_symm_contact.label_alt_id_1    ? 
_pdbx_validate_symm_contact.site_symmetry_1   1_555 
_pdbx_validate_symm_contact.auth_atom_id_2    OP2 
_pdbx_validate_symm_contact.auth_asym_id_2    D 
_pdbx_validate_symm_contact.auth_comp_id_2    DG 
_pdbx_validate_symm_contact.auth_seq_id_2     10 
_pdbx_validate_symm_contact.PDB_ins_code_2    ? 
_pdbx_validate_symm_contact.label_alt_id_2    ? 
_pdbx_validate_symm_contact.site_symmetry_2   2_764 
_pdbx_validate_symm_contact.dist              2.06 
# 
loop_
_pdbx_validate_rmsd_angle.id 
_pdbx_validate_rmsd_angle.PDB_model_num 
_pdbx_validate_rmsd_angle.auth_atom_id_1 
_pdbx_validate_rmsd_angle.auth_asym_id_1 
_pdbx_validate_rmsd_angle.auth_comp_id_1 
_pdbx_validate_rmsd_angle.auth_seq_id_1 
_pdbx_validate_rmsd_angle.PDB_ins_code_1 
_pdbx_validate_rmsd_angle.label_alt_id_1 
_pdbx_validate_rmsd_angle.auth_atom_id_2 
_pdbx_validate_rmsd_angle.auth_asym_id_2 
_pdbx_validate_rmsd_angle.auth_comp_id_2 
_pdbx_validate_rmsd_angle.auth_seq_id_2 
_pdbx_validate_rmsd_angle.PDB_ins_code_2 
_pdbx_validate_rmsd_angle.label_alt_id_2 
_pdbx_validate_rmsd_angle.auth_atom_id_3 
_pdbx_validate_rmsd_angle.auth_asym_id_3 
_pdbx_validate_rmsd_angle.auth_comp_id_3 
_pdbx_validate_rmsd_angle.auth_seq_id_3 
_pdbx_validate_rmsd_angle.PDB_ins_code_3 
_pdbx_validate_rmsd_angle.label_alt_id_3 
_pdbx_validate_rmsd_angle.angle_value 
_pdbx_validate_rmsd_angle.angle_target_value 
_pdbx_validate_rmsd_angle.angle_deviation 
_pdbx_validate_rmsd_angle.angle_standard_deviation 
_pdbx_validate_rmsd_angle.linker_flag 
1 1 "O4'" A DA 7  ? ? "C1'" A DA 7  ? ? N9 A DA 7  ? ? 110.45 108.30 2.15 0.30 N 
2 1 "O4'" A DC 20 ? ? "C1'" A DC 20 ? ? N1 A DC 20 ? ? 110.24 108.30 1.94 0.30 N 
3 1 "O4'" B DA 5  ? ? "C1'" B DA 5  ? ? N9 B DA 5  ? ? 110.49 108.30 2.19 0.30 N 
# 
loop_
_pdbx_unobs_or_zero_occ_atoms.id 
_pdbx_unobs_or_zero_occ_atoms.PDB_model_num 
_pdbx_unobs_or_zero_occ_atoms.polymer_flag 
_pdbx_unobs_or_zero_occ_atoms.occupancy_flag 
_pdbx_unobs_or_zero_occ_atoms.auth_asym_id 
_pdbx_unobs_or_zero_occ_atoms.auth_comp_id 
_pdbx_unobs_or_zero_occ_atoms.auth_seq_id 
_pdbx_unobs_or_zero_occ_atoms.PDB_ins_code 
_pdbx_unobs_or_zero_occ_atoms.auth_atom_id 
_pdbx_unobs_or_zero_occ_atoms.label_alt_id 
_pdbx_unobs_or_zero_occ_atoms.label_asym_id 
_pdbx_unobs_or_zero_occ_atoms.label_comp_id 
_pdbx_unobs_or_zero_occ_atoms.label_seq_id 
_pdbx_unobs_or_zero_occ_atoms.label_atom_id 
1 1 N 1 A CAC 101 ? O1 ? E CAC 1 O1 
2 1 N 1 A CAC 101 ? O2 ? E CAC 1 O2 
3 1 N 1 A CAC 101 ? C1 ? E CAC 1 C1 
4 1 N 1 A CAC 101 ? C2 ? E CAC 1 C2 
5 1 N 1 C CAC 101 ? O1 ? F CAC 1 O1 
6 1 N 1 C CAC 101 ? O2 ? F CAC 1 O2 
7 1 N 1 C CAC 101 ? C1 ? F CAC 1 C1 
8 1 N 1 C CAC 101 ? C2 ? F CAC 1 C2 
# 
loop_
_chem_comp_atom.comp_id 
_chem_comp_atom.atom_id 
_chem_comp_atom.type_symbol 
_chem_comp_atom.pdbx_aromatic_flag 
_chem_comp_atom.pdbx_stereo_config 
_chem_comp_atom.pdbx_ordinal 
CAC AS     AS N N 1   
CAC O1     O  N N 2   
CAC O2     O  N N 3   
CAC C1     C  N N 4   
CAC C2     C  N N 5   
CAC H11    H  N N 6   
CAC H12    H  N N 7   
CAC H13    H  N N 8   
CAC H21    H  N N 9   
CAC H22    H  N N 10  
CAC H23    H  N N 11  
DA  OP3    O  N N 12  
DA  P      P  N N 13  
DA  OP1    O  N N 14  
DA  OP2    O  N N 15  
DA  "O5'"  O  N N 16  
DA  "C5'"  C  N N 17  
DA  "C4'"  C  N R 18  
DA  "O4'"  O  N N 19  
DA  "C3'"  C  N S 20  
DA  "O3'"  O  N N 21  
DA  "C2'"  C  N N 22  
DA  "C1'"  C  N R 23  
DA  N9     N  Y N 24  
DA  C8     C  Y N 25  
DA  N7     N  Y N 26  
DA  C5     C  Y N 27  
DA  C6     C  Y N 28  
DA  N6     N  N N 29  
DA  N1     N  Y N 30  
DA  C2     C  Y N 31  
DA  N3     N  Y N 32  
DA  C4     C  Y N 33  
DA  HOP3   H  N N 34  
DA  HOP2   H  N N 35  
DA  "H5'"  H  N N 36  
DA  "H5''" H  N N 37  
DA  "H4'"  H  N N 38  
DA  "H3'"  H  N N 39  
DA  "HO3'" H  N N 40  
DA  "H2'"  H  N N 41  
DA  "H2''" H  N N 42  
DA  "H1'"  H  N N 43  
DA  H8     H  N N 44  
DA  H61    H  N N 45  
DA  H62    H  N N 46  
DA  H2     H  N N 47  
DC  OP3    O  N N 48  
DC  P      P  N N 49  
DC  OP1    O  N N 50  
DC  OP2    O  N N 51  
DC  "O5'"  O  N N 52  
DC  "C5'"  C  N N 53  
DC  "C4'"  C  N R 54  
DC  "O4'"  O  N N 55  
DC  "C3'"  C  N S 56  
DC  "O3'"  O  N N 57  
DC  "C2'"  C  N N 58  
DC  "C1'"  C  N R 59  
DC  N1     N  N N 60  
DC  C2     C  N N 61  
DC  O2     O  N N 62  
DC  N3     N  N N 63  
DC  C4     C  N N 64  
DC  N4     N  N N 65  
DC  C5     C  N N 66  
DC  C6     C  N N 67  
DC  HOP3   H  N N 68  
DC  HOP2   H  N N 69  
DC  "H5'"  H  N N 70  
DC  "H5''" H  N N 71  
DC  "H4'"  H  N N 72  
DC  "H3'"  H  N N 73  
DC  "HO3'" H  N N 74  
DC  "H2'"  H  N N 75  
DC  "H2''" H  N N 76  
DC  "H1'"  H  N N 77  
DC  H41    H  N N 78  
DC  H42    H  N N 79  
DC  H5     H  N N 80  
DC  H6     H  N N 81  
DG  OP3    O  N N 82  
DG  P      P  N N 83  
DG  OP1    O  N N 84  
DG  OP2    O  N N 85  
DG  "O5'"  O  N N 86  
DG  "C5'"  C  N N 87  
DG  "C4'"  C  N R 88  
DG  "O4'"  O  N N 89  
DG  "C3'"  C  N S 90  
DG  "O3'"  O  N N 91  
DG  "C2'"  C  N N 92  
DG  "C1'"  C  N R 93  
DG  N9     N  Y N 94  
DG  C8     C  Y N 95  
DG  N7     N  Y N 96  
DG  C5     C  Y N 97  
DG  C6     C  N N 98  
DG  O6     O  N N 99  
DG  N1     N  N N 100 
DG  C2     C  N N 101 
DG  N2     N  N N 102 
DG  N3     N  N N 103 
DG  C4     C  Y N 104 
DG  HOP3   H  N N 105 
DG  HOP2   H  N N 106 
DG  "H5'"  H  N N 107 
DG  "H5''" H  N N 108 
DG  "H4'"  H  N N 109 
DG  "H3'"  H  N N 110 
DG  "HO3'" H  N N 111 
DG  "H2'"  H  N N 112 
DG  "H2''" H  N N 113 
DG  "H1'"  H  N N 114 
DG  H8     H  N N 115 
DG  H1     H  N N 116 
DG  H21    H  N N 117 
DG  H22    H  N N 118 
DT  OP3    O  N N 119 
DT  P      P  N N 120 
DT  OP1    O  N N 121 
DT  OP2    O  N N 122 
DT  "O5'"  O  N N 123 
DT  "C5'"  C  N N 124 
DT  "C4'"  C  N R 125 
DT  "O4'"  O  N N 126 
DT  "C3'"  C  N S 127 
DT  "O3'"  O  N N 128 
DT  "C2'"  C  N N 129 
DT  "C1'"  C  N R 130 
DT  N1     N  N N 131 
DT  C2     C  N N 132 
DT  O2     O  N N 133 
DT  N3     N  N N 134 
DT  C4     C  N N 135 
DT  O4     O  N N 136 
DT  C5     C  N N 137 
DT  C7     C  N N 138 
DT  C6     C  N N 139 
DT  HOP3   H  N N 140 
DT  HOP2   H  N N 141 
DT  "H5'"  H  N N 142 
DT  "H5''" H  N N 143 
DT  "H4'"  H  N N 144 
DT  "H3'"  H  N N 145 
DT  "HO3'" H  N N 146 
DT  "H2'"  H  N N 147 
DT  "H2''" H  N N 148 
DT  "H1'"  H  N N 149 
DT  H3     H  N N 150 
DT  H71    H  N N 151 
DT  H72    H  N N 152 
DT  H73    H  N N 153 
DT  H6     H  N N 154 
# 
loop_
_chem_comp_bond.comp_id 
_chem_comp_bond.atom_id_1 
_chem_comp_bond.atom_id_2 
_chem_comp_bond.value_order 
_chem_comp_bond.pdbx_aromatic_flag 
_chem_comp_bond.pdbx_stereo_config 
_chem_comp_bond.pdbx_ordinal 
CAC AS    O1     doub N N 1   
CAC AS    O2     sing N N 2   
CAC AS    C1     sing N N 3   
CAC AS    C2     sing N N 4   
CAC C1    H11    sing N N 5   
CAC C1    H12    sing N N 6   
CAC C1    H13    sing N N 7   
CAC C2    H21    sing N N 8   
CAC C2    H22    sing N N 9   
CAC C2    H23    sing N N 10  
DA  OP3   P      sing N N 11  
DA  OP3   HOP3   sing N N 12  
DA  P     OP1    doub N N 13  
DA  P     OP2    sing N N 14  
DA  P     "O5'"  sing N N 15  
DA  OP2   HOP2   sing N N 16  
DA  "O5'" "C5'"  sing N N 17  
DA  "C5'" "C4'"  sing N N 18  
DA  "C5'" "H5'"  sing N N 19  
DA  "C5'" "H5''" sing N N 20  
DA  "C4'" "O4'"  sing N N 21  
DA  "C4'" "C3'"  sing N N 22  
DA  "C4'" "H4'"  sing N N 23  
DA  "O4'" "C1'"  sing N N 24  
DA  "C3'" "O3'"  sing N N 25  
DA  "C3'" "C2'"  sing N N 26  
DA  "C3'" "H3'"  sing N N 27  
DA  "O3'" "HO3'" sing N N 28  
DA  "C2'" "C1'"  sing N N 29  
DA  "C2'" "H2'"  sing N N 30  
DA  "C2'" "H2''" sing N N 31  
DA  "C1'" N9     sing N N 32  
DA  "C1'" "H1'"  sing N N 33  
DA  N9    C8     sing Y N 34  
DA  N9    C4     sing Y N 35  
DA  C8    N7     doub Y N 36  
DA  C8    H8     sing N N 37  
DA  N7    C5     sing Y N 38  
DA  C5    C6     sing Y N 39  
DA  C5    C4     doub Y N 40  
DA  C6    N6     sing N N 41  
DA  C6    N1     doub Y N 42  
DA  N6    H61    sing N N 43  
DA  N6    H62    sing N N 44  
DA  N1    C2     sing Y N 45  
DA  C2    N3     doub Y N 46  
DA  C2    H2     sing N N 47  
DA  N3    C4     sing Y N 48  
DC  OP3   P      sing N N 49  
DC  OP3   HOP3   sing N N 50  
DC  P     OP1    doub N N 51  
DC  P     OP2    sing N N 52  
DC  P     "O5'"  sing N N 53  
DC  OP2   HOP2   sing N N 54  
DC  "O5'" "C5'"  sing N N 55  
DC  "C5'" "C4'"  sing N N 56  
DC  "C5'" "H5'"  sing N N 57  
DC  "C5'" "H5''" sing N N 58  
DC  "C4'" "O4'"  sing N N 59  
DC  "C4'" "C3'"  sing N N 60  
DC  "C4'" "H4'"  sing N N 61  
DC  "O4'" "C1'"  sing N N 62  
DC  "C3'" "O3'"  sing N N 63  
DC  "C3'" "C2'"  sing N N 64  
DC  "C3'" "H3'"  sing N N 65  
DC  "O3'" "HO3'" sing N N 66  
DC  "C2'" "C1'"  sing N N 67  
DC  "C2'" "H2'"  sing N N 68  
DC  "C2'" "H2''" sing N N 69  
DC  "C1'" N1     sing N N 70  
DC  "C1'" "H1'"  sing N N 71  
DC  N1    C2     sing N N 72  
DC  N1    C6     sing N N 73  
DC  C2    O2     doub N N 74  
DC  C2    N3     sing N N 75  
DC  N3    C4     doub N N 76  
DC  C4    N4     sing N N 77  
DC  C4    C5     sing N N 78  
DC  N4    H41    sing N N 79  
DC  N4    H42    sing N N 80  
DC  C5    C6     doub N N 81  
DC  C5    H5     sing N N 82  
DC  C6    H6     sing N N 83  
DG  OP3   P      sing N N 84  
DG  OP3   HOP3   sing N N 85  
DG  P     OP1    doub N N 86  
DG  P     OP2    sing N N 87  
DG  P     "O5'"  sing N N 88  
DG  OP2   HOP2   sing N N 89  
DG  "O5'" "C5'"  sing N N 90  
DG  "C5'" "C4'"  sing N N 91  
DG  "C5'" "H5'"  sing N N 92  
DG  "C5'" "H5''" sing N N 93  
DG  "C4'" "O4'"  sing N N 94  
DG  "C4'" "C3'"  sing N N 95  
DG  "C4'" "H4'"  sing N N 96  
DG  "O4'" "C1'"  sing N N 97  
DG  "C3'" "O3'"  sing N N 98  
DG  "C3'" "C2'"  sing N N 99  
DG  "C3'" "H3'"  sing N N 100 
DG  "O3'" "HO3'" sing N N 101 
DG  "C2'" "C1'"  sing N N 102 
DG  "C2'" "H2'"  sing N N 103 
DG  "C2'" "H2''" sing N N 104 
DG  "C1'" N9     sing N N 105 
DG  "C1'" "H1'"  sing N N 106 
DG  N9    C8     sing Y N 107 
DG  N9    C4     sing Y N 108 
DG  C8    N7     doub Y N 109 
DG  C8    H8     sing N N 110 
DG  N7    C5     sing Y N 111 
DG  C5    C6     sing N N 112 
DG  C5    C4     doub Y N 113 
DG  C6    O6     doub N N 114 
DG  C6    N1     sing N N 115 
DG  N1    C2     sing N N 116 
DG  N1    H1     sing N N 117 
DG  C2    N2     sing N N 118 
DG  C2    N3     doub N N 119 
DG  N2    H21    sing N N 120 
DG  N2    H22    sing N N 121 
DG  N3    C4     sing N N 122 
DT  OP3   P      sing N N 123 
DT  OP3   HOP3   sing N N 124 
DT  P     OP1    doub N N 125 
DT  P     OP2    sing N N 126 
DT  P     "O5'"  sing N N 127 
DT  OP2   HOP2   sing N N 128 
DT  "O5'" "C5'"  sing N N 129 
DT  "C5'" "C4'"  sing N N 130 
DT  "C5'" "H5'"  sing N N 131 
DT  "C5'" "H5''" sing N N 132 
DT  "C4'" "O4'"  sing N N 133 
DT  "C4'" "C3'"  sing N N 134 
DT  "C4'" "H4'"  sing N N 135 
DT  "O4'" "C1'"  sing N N 136 
DT  "C3'" "O3'"  sing N N 137 
DT  "C3'" "C2'"  sing N N 138 
DT  "C3'" "H3'"  sing N N 139 
DT  "O3'" "HO3'" sing N N 140 
DT  "C2'" "C1'"  sing N N 141 
DT  "C2'" "H2'"  sing N N 142 
DT  "C2'" "H2''" sing N N 143 
DT  "C1'" N1     sing N N 144 
DT  "C1'" "H1'"  sing N N 145 
DT  N1    C2     sing N N 146 
DT  N1    C6     sing N N 147 
DT  C2    O2     doub N N 148 
DT  C2    N3     sing N N 149 
DT  N3    C4     sing N N 150 
DT  N3    H3     sing N N 151 
DT  C4    O4     doub N N 152 
DT  C4    C5     sing N N 153 
DT  C5    C7     sing N N 154 
DT  C5    C6     doub N N 155 
DT  C7    H71    sing N N 156 
DT  C7    H72    sing N N 157 
DT  C7    H73    sing N N 158 
DT  C6    H6     sing N N 159 
# 
loop_
_ndb_struct_conf_na.entry_id 
_ndb_struct_conf_na.feature 
7JPB 'double helix'        
7JPB 'a-form double helix' 
7JPB 'b-form double helix' 
# 
loop_
_ndb_struct_na_base_pair.model_number 
_ndb_struct_na_base_pair.i_label_asym_id 
_ndb_struct_na_base_pair.i_label_comp_id 
_ndb_struct_na_base_pair.i_label_seq_id 
_ndb_struct_na_base_pair.i_symmetry 
_ndb_struct_na_base_pair.j_label_asym_id 
_ndb_struct_na_base_pair.j_label_comp_id 
_ndb_struct_na_base_pair.j_label_seq_id 
_ndb_struct_na_base_pair.j_symmetry 
_ndb_struct_na_base_pair.shear 
_ndb_struct_na_base_pair.stretch 
_ndb_struct_na_base_pair.stagger 
_ndb_struct_na_base_pair.buckle 
_ndb_struct_na_base_pair.propeller 
_ndb_struct_na_base_pair.opening 
_ndb_struct_na_base_pair.pair_number 
_ndb_struct_na_base_pair.pair_name 
_ndb_struct_na_base_pair.i_auth_asym_id 
_ndb_struct_na_base_pair.i_auth_seq_id 
_ndb_struct_na_base_pair.i_PDB_ins_code 
_ndb_struct_na_base_pair.j_auth_asym_id 
_ndb_struct_na_base_pair.j_auth_seq_id 
_ndb_struct_na_base_pair.j_PDB_ins_code 
_ndb_struct_na_base_pair.hbond_type_28 
_ndb_struct_na_base_pair.hbond_type_12 
1 A DG 3  1_555 D DC 7 1_555 1.285  0.640  0.137  2.403   -16.902 -12.911 1  A_DG3:DC16_D A 3  ? D 16 ? ?  ? 
1 A DC 4  1_555 D DG 6 1_555 -0.290 0.131  -0.008 -1.750  -17.288 2.075   2  A_DC4:DG15_D A 4  ? D 15 ? 19 1 
1 A DA 5  1_555 D DT 5 1_555 1.453  0.391  0.049  -0.823  -14.767 -1.664  3  A_DA5:DT14_D A 5  ? D 14 ? 20 1 
1 A DG 6  1_555 D DC 4 1_555 0.465  -0.095 0.207  4.142   -16.071 -21.261 4  A_DG6:DC13_D A 6  ? D 13 ? 19 1 
1 A DA 7  1_555 D DT 3 1_555 0.298  0.053  0.411  4.504   -14.617 -9.175  5  A_DA7:DT12_D A 7  ? D 12 ? 20 1 
1 A DC 8  1_555 D DG 2 1_555 0.954  -0.195 0.651  -4.273  -15.343 4.469   6  A_DC8:DG11_D A 8  ? D 11 ? 19 1 
1 A DC 9  1_555 D DG 1 1_555 0.114  0.248  0.397  -2.134  -1.408  -10.476 7  A_DC9:DG10_D A 9  ? D 10 ? 19 1 
1 A DT 10 1_555 B DA 6 1_555 -0.612 0.050  0.335  -11.706 -10.829 9.839   8  A_DT10:DA5_B A 10 ? B 5  ? 20 1 
1 A DG 11 1_555 B DC 5 1_555 0.176  -0.120 0.029  -7.841  -7.773  -4.545  9  A_DG11:DC4_B A 11 ? B 4  ? 19 1 
1 A DA 12 1_555 B DT 4 1_555 -0.189 -0.092 0.292  -7.632  -7.047  -12.554 10 A_DA12:DT3_B A 12 ? B 3  ? 20 1 
1 A DC 13 1_555 B DG 3 1_555 0.077  -0.116 0.620  -5.920  -2.839  -4.449  11 A_DC13:DG2_B A 13 ? B 2  ? 19 1 
1 A DG 14 1_555 B DC 2 1_555 0.357  -0.052 -0.043 2.457   -1.601  -3.120  12 A_DG14:DC1_B A 14 ? B 1  ? 19 1 
1 A DA 15 1_555 B DT 1 1_555 1.479  -0.226 0.024  4.880   -4.989  -10.390 13 A_DA15:DT0_B A 15 ? B 0  ? 20 1 
1 A DG 16 1_555 C DC 8 1_555 -0.082 -0.200 0.725  14.463  -11.614 -0.618  14 A_DG16:DC8_C A 16 ? C 8  ? 19 1 
1 A DA 17 1_555 C DT 7 1_555 0.578  -0.016 0.568  4.850   -19.668 -4.291  15 A_DA17:DT7_C A 17 ? C 7  ? 20 1 
1 A DC 18 1_555 C DG 6 1_555 -0.189 -0.223 0.523  -10.191 -10.779 1.740   16 A_DC18:DG6_C A 18 ? C 6  ? 19 1 
1 A DT 19 1_555 C DA 5 1_555 -0.875 -0.061 -0.145 -1.607  -9.573  -4.818  17 A_DT19:DA5_C A 19 ? C 5  ? 20 1 
1 A DC 20 1_555 C DG 4 1_555 -0.642 0.191  -0.474 5.247   -4.701  6.540   18 A_DC20:DG4_C A 20 ? C 4  ? 19 1 
1 A DA 21 1_555 C DT 3 1_555 1.221  0.068  -0.099 2.741   -16.525 -0.239  19 A_DA21:DT3_C A 21 ? C 3  ? 20 1 
# 
loop_
_ndb_struct_na_base_pair_step.model_number 
_ndb_struct_na_base_pair_step.i_label_asym_id_1 
_ndb_struct_na_base_pair_step.i_label_comp_id_1 
_ndb_struct_na_base_pair_step.i_label_seq_id_1 
_ndb_struct_na_base_pair_step.i_symmetry_1 
_ndb_struct_na_base_pair_step.j_label_asym_id_1 
_ndb_struct_na_base_pair_step.j_label_comp_id_1 
_ndb_struct_na_base_pair_step.j_label_seq_id_1 
_ndb_struct_na_base_pair_step.j_symmetry_1 
_ndb_struct_na_base_pair_step.i_label_asym_id_2 
_ndb_struct_na_base_pair_step.i_label_comp_id_2 
_ndb_struct_na_base_pair_step.i_label_seq_id_2 
_ndb_struct_na_base_pair_step.i_symmetry_2 
_ndb_struct_na_base_pair_step.j_label_asym_id_2 
_ndb_struct_na_base_pair_step.j_label_comp_id_2 
_ndb_struct_na_base_pair_step.j_label_seq_id_2 
_ndb_struct_na_base_pair_step.j_symmetry_2 
_ndb_struct_na_base_pair_step.shift 
_ndb_struct_na_base_pair_step.slide 
_ndb_struct_na_base_pair_step.rise 
_ndb_struct_na_base_pair_step.tilt 
_ndb_struct_na_base_pair_step.roll 
_ndb_struct_na_base_pair_step.twist 
_ndb_struct_na_base_pair_step.x_displacement 
_ndb_struct_na_base_pair_step.y_displacement 
_ndb_struct_na_base_pair_step.helical_rise 
_ndb_struct_na_base_pair_step.inclination 
_ndb_struct_na_base_pair_step.tip 
_ndb_struct_na_base_pair_step.helical_twist 
_ndb_struct_na_base_pair_step.step_number 
_ndb_struct_na_base_pair_step.step_name 
_ndb_struct_na_base_pair_step.i_auth_asym_id_1 
_ndb_struct_na_base_pair_step.i_auth_seq_id_1 
_ndb_struct_na_base_pair_step.i_PDB_ins_code_1 
_ndb_struct_na_base_pair_step.j_auth_asym_id_1 
_ndb_struct_na_base_pair_step.j_auth_seq_id_1 
_ndb_struct_na_base_pair_step.j_PDB_ins_code_1 
_ndb_struct_na_base_pair_step.i_auth_asym_id_2 
_ndb_struct_na_base_pair_step.i_auth_seq_id_2 
_ndb_struct_na_base_pair_step.i_PDB_ins_code_2 
_ndb_struct_na_base_pair_step.j_auth_asym_id_2 
_ndb_struct_na_base_pair_step.j_auth_seq_id_2 
_ndb_struct_na_base_pair_step.j_PDB_ins_code_2 
1 A DG 3  1_555 D DC 7 1_555 A DC 4  1_555 D DG 6 1_555 0.708  -1.232 3.170 5.014  -3.211 28.497 -1.743 -0.302 3.359 -6.434 
-10.047 29.100 1  AA_DG3DC4:DG15DC16_DD A 3  ? D 16 ? A 4  ? D 15 ? 
1 A DC 4  1_555 D DG 6 1_555 A DA 5  1_555 D DT 5 1_555 0.378  0.568  3.633 1.766  3.501  42.037 0.385  -0.322 3.679 4.868  -2.455 
42.211 2  AA_DC4DA5:DT14DG15_DD A 4  ? D 15 ? A 5  ? D 14 ? 
1 A DA 5  1_555 D DT 5 1_555 A DG 6  1_555 D DC 4 1_555 -0.550 -0.179 3.400 -2.128 5.548  28.872 -1.584 0.609  3.339 10.980 4.211 
29.464 3  AA_DA5DG6:DC13DT14_DD A 5  ? D 14 ? A 6  ? D 13 ? 
1 A DG 6  1_555 D DC 4 1_555 A DA 7  1_555 D DT 3 1_555 0.273  -1.027 3.150 0.159  6.427  35.214 -2.538 -0.424 2.925 10.515 -0.260 
35.777 4  AA_DG6DA7:DT12DC13_DD A 6  ? D 13 ? A 7  ? D 12 ? 
1 A DA 7  1_555 D DT 3 1_555 A DC 8  1_555 D DG 2 1_555 0.744  -1.258 3.470 -4.289 0.233  35.809 -2.066 -1.838 3.353 0.377  6.945 
36.057 5  AA_DA7DC8:DG11DT12_DD A 7  ? D 12 ? A 8  ? D 11 ? 
1 A DC 8  1_555 D DG 2 1_555 A DC 9  1_555 D DG 1 1_555 -1.650 -1.486 3.202 -4.827 -2.085 30.612 -2.363 2.125  3.506 -3.912 9.058 
31.049 6  AA_DC8DC9:DG10DG11_DD A 8  ? D 11 ? A 9  ? D 10 ? 
1 A DC 9  1_555 D DG 1 1_555 A DT 10 1_555 B DA 6 1_555 -0.114 -2.008 3.593 0.583  1.984  17.579 -7.785 0.739  3.341 6.464  -1.899 
17.699 7  AA_DC9DT10:DA5DG10_BD A 9  ? D 10 ? A 10 ? B 5  ? 
1 A DT 10 1_555 B DA 6 1_555 A DG 11 1_555 B DC 5 1_555 -1.267 0.975  3.439 -3.164 2.465  34.851 1.219  1.590  3.595 4.099  5.261 
35.074 8  AA_DT10DG11:DC4DA5_BB A 10 ? B 5  ? A 11 ? B 4  ? 
1 A DG 11 1_555 B DC 5 1_555 A DA 12 1_555 B DT 4 1_555 -0.354 -0.468 3.130 -3.323 5.510  33.738 -1.614 0.104  3.038 9.388  5.662 
34.329 9  AA_DG11DA12:DT3DC4_BB A 11 ? B 4  ? A 12 ? B 3  ? 
1 A DA 12 1_555 B DT 4 1_555 A DC 13 1_555 B DG 3 1_555 0.670  -1.028 3.120 -1.635 1.363  36.595 -1.811 -1.277 3.049 2.168  2.602 
36.654 10 AA_DA12DC13:DG2DT3_BB A 12 ? B 3  ? A 13 ? B 2  ? 
1 A DC 13 1_555 B DG 3 1_555 A DG 14 1_555 B DC 2 1_555 -0.456 0.054  3.306 3.356  1.927  36.564 -0.179 1.183  3.252 3.062  -5.330 
36.761 11 AA_DC13DG14:DC1DG2_BB A 13 ? B 2  ? A 14 ? B 1  ? 
1 A DG 14 1_555 B DC 2 1_555 A DA 15 1_555 B DT 1 1_555 -0.408 -0.555 3.290 -4.867 4.152  38.752 -1.323 0.024  3.241 6.206  7.274 
39.257 12 AA_DG14DA15:DT0DC1_BB A 14 ? B 1  ? A 15 ? B 0  ? 
1 A DA 15 1_555 B DT 1 1_555 A DG 16 1_555 C DC 8 1_555 -0.861 -0.602 2.831 -7.070 1.208  23.302 -1.768 0.046  2.926 2.905  16.996 
24.367 13 AA_DA15DG16:DC8DT0_CB A 15 ? B 0  ? A 16 ? C 8  ? 
1 A DG 16 1_555 C DC 8 1_555 A DA 17 1_555 C DT 7 1_555 -0.983 -0.297 3.332 -2.334 -0.956 42.762 -0.309 1.107  3.384 -1.310 3.197 
42.833 14 AA_DG16DA17:DT7DC8_CC A 16 ? C 8  ? A 17 ? C 7  ? 
1 A DA 17 1_555 C DT 7 1_555 A DC 18 1_555 C DG 6 1_555 0.526  -1.393 3.568 0.220  -3.152 27.517 -2.060 -1.039 3.705 -6.599 -0.461 
27.695 15 AA_DA17DC18:DG6DT7_CC A 17 ? C 7  ? A 18 ? C 6  ? 
1 A DC 18 1_555 C DG 6 1_555 A DT 19 1_555 C DA 5 1_555 -0.530 -0.819 3.040 3.532  -0.865 33.525 -1.282 1.445  2.990 -1.495 -6.100 
33.716 16 AA_DC18DT19:DA5DG6_CC A 18 ? C 6  ? A 19 ? C 5  ? 
1 A DT 19 1_555 C DA 5 1_555 A DC 20 1_555 C DG 4 1_555 1.157  1.972  3.382 6.519  3.093  36.090 2.667  -0.866 3.679 4.931  
-10.394 36.781 17 AA_DT19DC20:DG4DA5_CC A 19 ? C 5  ? A 20 ? C 4  ? 
1 A DC 20 1_555 C DG 4 1_555 A DA 21 1_555 C DT 3 1_555 -0.731 1.999  3.599 -4.990 1.574  47.258 2.338  0.457  3.714 1.957  6.202 
47.530 18 AA_DC20DA21:DT3DG4_CC A 20 ? C 4  ? A 21 ? C 3  ? 
# 
loop_
_pdbx_audit_support.funding_organization 
_pdbx_audit_support.country 
_pdbx_audit_support.grant_number 
_pdbx_audit_support.ordinal 
'National Science Foundation (NSF, United States)'                                         'United States' 1360635     1 
'National Institutes of Health/National Institute of General Medical Sciences (NIH/NIGMS)' 'United States' R01GM104960 2 
'National Science Foundation (NSF, United States)'                                         'United States' NSF2004250  3 
# 
_pdbx_entity_nonpoly.entity_id   5 
_pdbx_entity_nonpoly.name        'CACODYLATE ION' 
_pdbx_entity_nonpoly.comp_id     CAC 
# 
_pdbx_initial_refinement_model.id               1 
_pdbx_initial_refinement_model.entity_id_list   ? 
_pdbx_initial_refinement_model.type             'experimental model' 
_pdbx_initial_refinement_model.source_name      PDB 
_pdbx_initial_refinement_model.accession_code   5VY6 
_pdbx_initial_refinement_model.details          ? 
# 
_pdbx_struct_assembly_auth_evidence.id                     1 
_pdbx_struct_assembly_auth_evidence.assembly_id            1 
_pdbx_struct_assembly_auth_evidence.experimental_support   none 
_pdbx_struct_assembly_auth_evidence.details                ? 
# 
